data_6PUG
#
_entry.id   6PUG
#
_cell.length_a   212.620
_cell.length_b   69.266
_cell.length_c   142.055
_cell.angle_alpha   90.000
_cell.angle_beta   103.677
_cell.angle_gamma   90.000
#
_symmetry.space_group_name_H-M   'C 1 2 1'
#
loop_
_entity.id
_entity.type
_entity.pdbx_description
1 polymer 'Major histocompatibility complex class I-related gene protein'
2 polymer Beta-2-microglobulin
3 polymer 'Human TCR alpha chain'
4 polymer 'Human TCR beta chain'
5 non-polymer GLYCEROL
6 non-polymer 6-[(2-hydroxyethyl)amino]-5-[(E)-(2-oxopropylidene)amino]pyrimidine-2,4(1H,3H)-dione
7 non-polymer 'CHLORIDE ION'
8 non-polymer 'SODIUM ION'
9 water water
#
loop_
_entity_poly.entity_id
_entity_poly.type
_entity_poly.pdbx_seq_one_letter_code
_entity_poly.pdbx_strand_id
1 'polypeptide(L)'
;MRTHSLRYFRLGVSDPIHGVPEFISVGYVDSHPITTYDSVTRQKEPRAPWMAENLAPDHWERYTQLLRGWQQMFKVELKR
LQRHYNHSGSHTYQRMIGCELLEDGSTTGFLQYAYDGQDFLIFNKDTLSWLAVDNVAHTIKQAWEANQHELLYQKNWLEE
ECIAWLKRFLEYGKDTLQRTEPPLVRVNRKETFPGVTALFCKAHGFYPPEIYMTWMKNGEEIVQEIDYGDILPSGDGTYQ
AWASIELDPQSSNLYSCHVEHSGVHMVLQVP
;
A,C
2 'polypeptide(L)'
;MIQRTPKIQVYSRHPAENGKSNFLNCYVSGFHPSDIEVDLLKNGERIEKVEHSDLSFSKDWSFYLLYYTEFTPTEKDEYA
CRVNHVTLSQPKIVKWDRDM
;
B,F
3 'polypeptide(L)'
;MGQNIDQPTEMTATEGAIVQINCTYQTSGFNGLFWYQQHAGEAPTFLSYNVLDGLEEKGRFSSFLSRSKGYSYLLLKELQ
MKDSASYLCAVKDSNYQLIWGAGTKLIIKPDIQNPDPAVYQLRDSKSSDKSVCLFTDFDSQTNVSQSKDSDVYITDKCVL
DMRSMDFKSNSAVAWSNKSDFACANAFNNSIIPEDTFFPSPESS
;
D,G
4 'polypeptide(L)'
;MNAGVTQTPKFQVLKTGQSMTLQCAQDMNHNSMYWYRQDPGMGLRLIYYSASEGTTDKGEVPNGYNVSRLNKREFSLRLE
SAAPSQTSVYFCASSVWTGEGSGELFFGEGSRLTVLEDLKNVFPPEVAVFEPSEAEISHTQKATLVCLATGFYPDHVELS
WWVNGKEVHSGVCTDPQPLKEQPALNDSRYALSSRLRVSATFWQNPRNHFRCQVQFYGLSENDEWTQDRAKPVTQIVSAE
AWGRAD
;
E,H
#
# COMPACT_ATOMS: atom_id res chain seq x y z
N MET A 1 33.06 -56.84 -7.83
CA MET A 1 31.76 -57.21 -7.32
C MET A 1 31.01 -58.07 -8.32
N ARG A 2 30.11 -58.92 -7.82
CA ARG A 2 29.11 -59.54 -8.67
CA ARG A 2 29.14 -59.53 -8.71
C ARG A 2 28.23 -58.45 -9.28
N THR A 3 27.30 -58.87 -10.13
CA THR A 3 26.25 -57.97 -10.62
C THR A 3 25.33 -57.55 -9.48
N HIS A 4 24.90 -56.28 -9.51
CA HIS A 4 23.94 -55.77 -8.54
C HIS A 4 22.94 -54.89 -9.27
N SER A 5 21.74 -54.73 -8.69
CA SER A 5 20.77 -53.83 -9.31
C SER A 5 20.05 -53.02 -8.24
N LEU A 6 19.48 -51.88 -8.67
CA LEU A 6 18.60 -51.06 -7.86
C LEU A 6 17.31 -50.90 -8.65
N ARG A 7 16.16 -51.09 -8.00
CA ARG A 7 14.91 -50.84 -8.72
CA ARG A 7 14.88 -50.93 -8.69
C ARG A 7 13.87 -50.27 -7.76
N TYR A 8 12.98 -49.45 -8.33
CA TYR A 8 11.82 -48.92 -7.63
C TYR A 8 10.56 -49.32 -8.37
N PHE A 9 9.59 -49.91 -7.65
CA PHE A 9 8.28 -50.26 -8.19
C PHE A 9 7.21 -49.30 -7.66
N ARG A 10 6.18 -49.07 -8.48
CA ARG A 10 4.96 -48.43 -8.02
C ARG A 10 3.78 -49.30 -8.42
N LEU A 11 2.76 -49.30 -7.57
CA LEU A 11 1.50 -50.02 -7.78
C LEU A 11 0.38 -49.07 -7.47
N GLY A 12 -0.48 -48.83 -8.44
CA GLY A 12 -1.73 -48.09 -8.21
C GLY A 12 -2.93 -49.00 -8.50
N VAL A 13 -3.98 -48.84 -7.70
CA VAL A 13 -5.21 -49.63 -7.83
C VAL A 13 -6.39 -48.67 -7.88
N SER A 14 -7.29 -48.84 -8.88
CA SER A 14 -8.28 -47.80 -9.10
C SER A 14 -9.46 -47.87 -8.14
N ASP A 15 -9.90 -49.04 -7.72
CA ASP A 15 -11.06 -49.13 -6.82
C ASP A 15 -10.78 -50.14 -5.74
N PRO A 16 -9.81 -49.86 -4.86
CA PRO A 16 -9.33 -50.90 -3.96
C PRO A 16 -10.41 -51.28 -2.95
N ILE A 17 -10.40 -52.55 -2.53
CA ILE A 17 -11.25 -52.95 -1.40
C ILE A 17 -10.81 -52.20 -0.13
N HIS A 18 -11.74 -52.13 0.83
CA HIS A 18 -11.52 -51.36 2.05
C HIS A 18 -10.24 -51.79 2.75
N GLY A 19 -9.48 -50.80 3.25
CA GLY A 19 -8.24 -51.04 3.96
C GLY A 19 -7.01 -51.15 3.10
N VAL A 20 -7.15 -51.47 1.81
CA VAL A 20 -6.01 -51.72 0.93
C VAL A 20 -5.54 -50.42 0.30
N PRO A 21 -4.23 -50.15 0.22
CA PRO A 21 -3.78 -48.83 -0.29
C PRO A 21 -4.06 -48.68 -1.76
N GLU A 22 -4.43 -47.46 -2.15
CA GLU A 22 -4.54 -47.23 -3.59
C GLU A 22 -3.17 -47.06 -4.25
N PHE A 23 -2.13 -46.82 -3.46
CA PHE A 23 -0.79 -46.59 -4.02
C PHE A 23 0.25 -47.18 -3.08
N ILE A 24 1.23 -47.87 -3.64
CA ILE A 24 2.37 -48.44 -2.91
C ILE A 24 3.61 -48.23 -3.76
N SER A 25 4.75 -47.91 -3.13
CA SER A 25 6.01 -47.84 -3.85
C SER A 25 7.12 -48.44 -3.00
N VAL A 26 7.88 -49.40 -3.56
CA VAL A 26 8.90 -50.13 -2.83
C VAL A 26 10.17 -50.15 -3.68
N GLY A 27 11.30 -49.89 -3.03
CA GLY A 27 12.61 -49.95 -3.66
C GLY A 27 13.29 -51.23 -3.23
N TYR A 28 14.14 -51.77 -4.13
CA TYR A 28 14.96 -52.96 -3.85
C TYR A 28 16.41 -52.72 -4.27
N VAL A 29 17.37 -53.30 -3.53
CA VAL A 29 18.72 -53.51 -4.07
C VAL A 29 18.88 -55.03 -4.12
N ASP A 30 19.12 -55.55 -5.31
CA ASP A 30 19.13 -57.02 -5.53
C ASP A 30 17.79 -57.54 -5.04
N SER A 31 17.72 -58.58 -4.22
N SER A 31 17.75 -58.57 -4.21
CA SER A 31 16.43 -59.06 -3.75
CA SER A 31 16.50 -59.13 -3.71
C SER A 31 16.06 -58.51 -2.37
C SER A 31 15.98 -58.43 -2.46
N HIS A 32 16.69 -57.41 -1.94
CA HIS A 32 16.41 -56.83 -0.62
C HIS A 32 15.54 -55.59 -0.73
N PRO A 33 14.36 -55.57 -0.09
CA PRO A 33 13.62 -54.30 0.07
C PRO A 33 14.46 -53.30 0.83
N ILE A 34 14.50 -52.05 0.32
CA ILE A 34 15.26 -51.00 1.01
C ILE A 34 14.39 -49.84 1.48
N THR A 35 13.26 -49.57 0.81
CA THR A 35 12.40 -48.43 1.09
C THR A 35 10.94 -48.80 0.83
N THR A 36 10.02 -48.16 1.55
CA THR A 36 8.60 -48.38 1.29
C THR A 36 7.83 -47.08 1.54
N TYR A 37 6.73 -46.94 0.81
CA TYR A 37 5.83 -45.80 0.91
C TYR A 37 4.46 -46.33 0.49
N ASP A 38 3.39 -45.85 1.13
CA ASP A 38 2.07 -46.18 0.59
C ASP A 38 1.09 -45.07 0.96
N SER A 39 -0.09 -45.14 0.35
CA SER A 39 -1.05 -44.05 0.51
C SER A 39 -1.70 -44.06 1.89
N VAL A 40 -1.49 -45.12 2.68
CA VAL A 40 -2.01 -45.15 4.04
C VAL A 40 -1.06 -44.47 5.01
N THR A 41 0.23 -44.85 5.02
CA THR A 41 1.19 -44.22 5.90
C THR A 41 1.53 -42.81 5.43
N ARG A 42 1.59 -42.61 4.11
CA ARG A 42 2.01 -41.36 3.50
C ARG A 42 3.42 -40.94 3.95
N GLN A 43 4.26 -41.92 4.28
CA GLN A 43 5.65 -41.69 4.71
C GLN A 43 6.57 -42.64 3.94
N LYS A 44 7.72 -42.14 3.49
CA LYS A 44 8.75 -43.04 2.98
C LYS A 44 9.59 -43.51 4.14
N GLU A 45 9.77 -44.83 4.27
CA GLU A 45 10.46 -45.41 5.42
C GLU A 45 11.45 -46.46 4.95
N PRO A 46 12.53 -46.66 5.73
CA PRO A 46 13.49 -47.71 5.39
C PRO A 46 12.89 -49.10 5.58
N ARG A 47 13.41 -50.03 4.80
CA ARG A 47 13.08 -51.44 4.93
CA ARG A 47 13.08 -51.44 4.96
C ARG A 47 14.30 -52.30 5.24
N ALA A 48 15.47 -51.69 5.42
CA ALA A 48 16.65 -52.45 5.75
C ALA A 48 17.36 -51.66 6.83
N PRO A 49 17.89 -52.32 7.86
CA PRO A 49 18.56 -51.58 8.93
C PRO A 49 19.70 -50.71 8.43
N TRP A 50 20.46 -51.17 7.43
CA TRP A 50 21.57 -50.40 6.89
C TRP A 50 21.15 -49.21 6.05
N MET A 51 19.88 -49.16 5.61
CA MET A 51 19.33 -47.92 5.07
C MET A 51 18.98 -46.95 6.19
N ALA A 52 18.34 -47.43 7.25
CA ALA A 52 17.98 -46.54 8.35
C ALA A 52 19.23 -45.94 8.99
N GLU A 53 20.28 -46.74 9.08
CA GLU A 53 21.51 -46.32 9.75
C GLU A 53 22.21 -45.20 9.00
N ASN A 54 22.13 -45.19 7.67
CA ASN A 54 23.00 -44.38 6.82
C ASN A 54 22.30 -43.21 6.12
N LEU A 55 20.98 -43.10 6.20
CA LEU A 55 20.27 -41.98 5.57
C LEU A 55 19.63 -41.17 6.68
N ALA A 56 20.00 -39.88 6.73
CA ALA A 56 19.54 -38.98 7.77
C ALA A 56 18.06 -38.65 7.61
N PRO A 57 17.44 -38.08 8.64
CA PRO A 57 16.01 -37.75 8.54
C PRO A 57 15.67 -36.87 7.36
N ASP A 58 16.57 -35.95 6.99
CA ASP A 58 16.22 -35.08 5.88
CA ASP A 58 16.39 -35.07 5.83
C ASP A 58 16.03 -35.85 4.57
N HIS A 59 16.64 -37.03 4.41
CA HIS A 59 16.41 -37.81 3.21
C HIS A 59 14.98 -38.34 3.20
N TRP A 60 14.54 -38.94 4.30
CA TRP A 60 13.20 -39.50 4.34
C TRP A 60 12.14 -38.40 4.25
N GLU A 61 12.40 -37.23 4.82
CA GLU A 61 11.41 -36.15 4.72
C GLU A 61 11.27 -35.66 3.30
N ARG A 62 12.39 -35.51 2.59
CA ARG A 62 12.34 -35.00 1.24
C ARG A 62 11.63 -35.97 0.30
N TYR A 63 11.97 -37.26 0.38
CA TYR A 63 11.37 -38.23 -0.53
C TYR A 63 9.91 -38.52 -0.15
N THR A 64 9.56 -38.38 1.13
CA THR A 64 8.14 -38.43 1.50
C THR A 64 7.34 -37.40 0.71
N GLN A 65 7.86 -36.17 0.60
CA GLN A 65 7.12 -35.16 -0.15
C GLN A 65 7.03 -35.56 -1.61
N LEU A 66 8.15 -36.03 -2.20
CA LEU A 66 8.12 -36.38 -3.62
C LEU A 66 7.15 -37.51 -3.87
N LEU A 67 7.19 -38.53 -3.02
CA LEU A 67 6.30 -39.67 -3.13
C LEU A 67 4.83 -39.29 -3.00
N ARG A 68 4.50 -38.28 -2.18
CA ARG A 68 3.12 -37.81 -2.15
C ARG A 68 2.70 -37.21 -3.50
N GLY A 69 3.62 -36.52 -4.17
CA GLY A 69 3.33 -36.04 -5.51
C GLY A 69 3.24 -37.16 -6.53
N TRP A 70 4.21 -38.09 -6.49
CA TRP A 70 4.17 -39.21 -7.43
C TRP A 70 2.91 -40.04 -7.24
N GLN A 71 2.43 -40.14 -5.99
CA GLN A 71 1.16 -40.83 -5.72
C GLN A 71 0.01 -40.17 -6.43
N GLN A 72 -0.06 -38.84 -6.36
CA GLN A 72 -1.15 -38.14 -7.05
C GLN A 72 -1.03 -38.30 -8.56
N MET A 73 0.19 -38.20 -9.07
CA MET A 73 0.45 -38.37 -10.50
C MET A 73 0.02 -39.74 -10.98
N PHE A 74 0.32 -40.78 -10.19
CA PHE A 74 -0.09 -42.13 -10.54
C PHE A 74 -1.60 -42.26 -10.61
N LYS A 75 -2.31 -41.62 -9.68
CA LYS A 75 -3.76 -41.67 -9.71
C LYS A 75 -4.32 -41.05 -11.00
N VAL A 76 -3.82 -39.86 -11.35
CA VAL A 76 -4.29 -39.19 -12.56
C VAL A 76 -4.00 -40.03 -13.80
N GLU A 77 -2.81 -40.65 -13.86
CA GLU A 77 -2.46 -41.47 -15.02
C GLU A 77 -3.33 -42.71 -15.13
N LEU A 78 -3.55 -43.42 -14.01
CA LEU A 78 -4.44 -44.58 -14.04
C LEU A 78 -5.86 -44.17 -14.44
N LYS A 79 -6.35 -43.06 -13.90
CA LYS A 79 -7.65 -42.55 -14.32
C LYS A 79 -7.70 -42.36 -15.83
N ARG A 80 -6.65 -41.79 -16.42
CA ARG A 80 -6.65 -41.60 -17.87
C ARG A 80 -6.63 -42.94 -18.62
N LEU A 81 -5.83 -43.90 -18.19
CA LEU A 81 -5.78 -45.18 -18.90
C LEU A 81 -7.13 -45.87 -18.87
N GLN A 82 -7.75 -45.90 -17.68
CA GLN A 82 -9.00 -46.65 -17.56
C GLN A 82 -10.13 -45.97 -18.34
N ARG A 83 -10.12 -44.64 -18.40
CA ARG A 83 -11.08 -43.95 -19.24
C ARG A 83 -10.86 -44.28 -20.72
N HIS A 84 -9.61 -44.38 -21.17
CA HIS A 84 -9.36 -44.70 -22.58
C HIS A 84 -9.57 -46.18 -22.91
N TYR A 85 -9.35 -47.07 -21.95
CA TYR A 85 -9.69 -48.46 -22.22
C TYR A 85 -11.17 -48.69 -22.15
N ASN A 86 -11.93 -47.71 -21.65
CA ASN A 86 -13.36 -47.88 -21.43
C ASN A 86 -13.62 -49.04 -20.48
N HIS A 87 -12.88 -49.08 -19.36
CA HIS A 87 -12.93 -50.16 -18.40
C HIS A 87 -13.62 -49.68 -17.13
N SER A 88 -14.52 -50.50 -16.61
CA SER A 88 -15.13 -50.28 -15.31
CA SER A 88 -15.14 -50.29 -15.32
C SER A 88 -14.46 -51.15 -14.25
N GLY A 89 -14.73 -50.83 -13.00
CA GLY A 89 -14.24 -51.66 -11.92
C GLY A 89 -12.82 -51.30 -11.53
N SER A 90 -12.20 -52.21 -10.79
CA SER A 90 -10.86 -51.97 -10.26
C SER A 90 -9.81 -52.52 -11.20
N HIS A 91 -8.83 -51.68 -11.55
CA HIS A 91 -7.72 -52.08 -12.40
C HIS A 91 -6.43 -51.57 -11.78
N THR A 92 -5.30 -52.15 -12.22
CA THR A 92 -4.02 -51.82 -11.63
C THR A 92 -3.11 -51.14 -12.65
N TYR A 93 -2.21 -50.32 -12.12
CA TYR A 93 -1.20 -49.59 -12.88
C TYR A 93 0.12 -49.82 -12.17
N GLN A 94 1.18 -50.14 -12.93
CA GLN A 94 2.47 -50.44 -12.29
C GLN A 94 3.59 -49.79 -13.06
N ARG A 95 4.66 -49.46 -12.33
CA ARG A 95 5.86 -48.90 -12.91
C ARG A 95 7.05 -49.59 -12.29
N MET A 96 8.08 -49.76 -13.09
CA MET A 96 9.37 -50.25 -12.60
CA MET A 96 9.35 -50.22 -12.57
C MET A 96 10.48 -49.46 -13.27
N ILE A 97 11.39 -48.90 -12.47
CA ILE A 97 12.57 -48.22 -12.98
C ILE A 97 13.79 -48.78 -12.25
N GLY A 98 14.93 -48.83 -12.92
CA GLY A 98 16.14 -49.19 -12.19
C GLY A 98 17.30 -49.43 -13.14
N CYS A 99 18.36 -49.99 -12.57
CA CYS A 99 19.61 -50.15 -13.28
C CYS A 99 20.35 -51.35 -12.71
N GLU A 100 21.30 -51.87 -13.50
CA GLU A 100 22.23 -52.90 -13.04
C GLU A 100 23.66 -52.44 -13.28
N LEU A 101 24.54 -52.75 -12.33
CA LEU A 101 25.96 -52.55 -12.46
C LEU A 101 26.54 -53.96 -12.56
N LEU A 102 27.03 -54.32 -13.74
CA LEU A 102 27.48 -55.69 -13.98
CA LEU A 102 27.47 -55.69 -13.97
C LEU A 102 28.88 -55.90 -13.43
N GLU A 103 29.21 -57.19 -13.22
CA GLU A 103 30.52 -57.56 -12.72
C GLU A 103 31.65 -56.93 -13.54
N ASP A 104 31.53 -56.94 -14.87
CA ASP A 104 32.56 -56.38 -15.73
C ASP A 104 32.57 -54.85 -15.78
N GLY A 105 31.70 -54.18 -15.03
CA GLY A 105 31.73 -52.72 -14.96
C GLY A 105 30.78 -52.03 -15.90
N SER A 106 30.14 -52.75 -16.80
CA SER A 106 29.16 -52.15 -17.68
C SER A 106 27.82 -52.04 -16.95
N THR A 107 26.87 -51.33 -17.57
CA THR A 107 25.63 -51.01 -16.89
C THR A 107 24.46 -51.26 -17.82
N THR A 108 23.29 -51.44 -17.21
CA THR A 108 22.04 -51.42 -17.94
C THR A 108 21.07 -50.52 -17.18
N GLY A 109 19.99 -50.12 -17.85
CA GLY A 109 18.99 -49.29 -17.21
C GLY A 109 17.66 -49.49 -17.89
N PHE A 110 16.56 -49.47 -17.13
CA PHE A 110 15.27 -49.85 -17.68
C PHE A 110 14.19 -49.02 -17.01
N LEU A 111 13.13 -48.75 -17.76
CA LEU A 111 11.95 -48.07 -17.27
C LEU A 111 10.77 -48.64 -18.03
N GLN A 112 9.75 -49.15 -17.33
CA GLN A 112 8.59 -49.69 -18.03
C GLN A 112 7.35 -49.58 -17.16
N TYR A 113 6.18 -49.67 -17.83
CA TYR A 113 4.88 -49.58 -17.19
C TYR A 113 4.03 -50.78 -17.55
N ALA A 114 3.03 -51.05 -16.72
CA ALA A 114 2.08 -52.15 -16.93
C ALA A 114 0.68 -51.73 -16.52
N TYR A 115 -0.31 -52.24 -17.24
CA TYR A 115 -1.72 -52.09 -16.88
C TYR A 115 -2.32 -53.49 -16.72
N ASP A 116 -2.99 -53.71 -15.59
CA ASP A 116 -3.51 -55.01 -15.20
C ASP A 116 -2.46 -56.11 -15.30
N GLY A 117 -1.23 -55.78 -14.89
CA GLY A 117 -0.20 -56.78 -14.83
C GLY A 117 0.42 -57.17 -16.14
N GLN A 118 0.13 -56.45 -17.22
CA GLN A 118 0.71 -56.74 -18.52
C GLN A 118 1.50 -55.54 -19.00
N ASP A 119 2.63 -55.79 -19.66
CA ASP A 119 3.42 -54.71 -20.27
C ASP A 119 2.51 -53.72 -20.98
N PHE A 120 2.82 -52.42 -20.82
CA PHE A 120 2.04 -51.34 -21.40
C PHE A 120 2.95 -50.40 -22.21
N LEU A 121 3.98 -49.85 -21.57
CA LEU A 121 4.96 -49.00 -22.22
C LEU A 121 6.34 -49.40 -21.74
N ILE A 122 7.30 -49.47 -22.65
CA ILE A 122 8.68 -49.85 -22.35
C ILE A 122 9.63 -48.81 -22.93
N PHE A 123 10.44 -48.19 -22.08
CA PHE A 123 11.38 -47.18 -22.53
C PHE A 123 12.61 -47.80 -23.15
N ASN A 124 13.07 -47.22 -24.25
CA ASN A 124 14.36 -47.55 -24.85
C ASN A 124 15.25 -46.32 -24.72
N LYS A 125 16.23 -46.36 -23.80
CA LYS A 125 17.05 -45.19 -23.56
C LYS A 125 18.15 -45.01 -24.60
N ASP A 126 18.32 -45.95 -25.52
CA ASP A 126 19.29 -45.84 -26.59
C ASP A 126 18.69 -45.15 -27.81
N THR A 127 17.50 -45.55 -28.20
CA THR A 127 16.77 -44.84 -29.26
C THR A 127 15.95 -43.67 -28.74
N LEU A 128 15.88 -43.49 -27.42
CA LEU A 128 15.06 -42.45 -26.78
C LEU A 128 13.63 -42.49 -27.30
N SER A 129 13.01 -43.64 -27.11
CA SER A 129 11.65 -43.82 -27.56
C SER A 129 10.93 -44.77 -26.63
N TRP A 130 9.61 -44.75 -26.74
CA TRP A 130 8.72 -45.61 -25.97
C TRP A 130 8.07 -46.66 -26.88
N LEU A 131 8.14 -47.92 -26.47
CA LEU A 131 7.44 -49.00 -27.14
CA LEU A 131 7.42 -48.99 -27.16
C LEU A 131 6.04 -49.15 -26.55
N ALA A 132 5.01 -49.10 -27.41
CA ALA A 132 3.61 -49.18 -27.01
C ALA A 132 3.01 -50.52 -27.43
N VAL A 133 2.30 -51.17 -26.52
CA VAL A 133 1.76 -52.51 -26.84
C VAL A 133 0.35 -52.45 -27.42
N ASP A 134 -0.33 -51.31 -27.33
CA ASP A 134 -1.67 -51.20 -27.90
C ASP A 134 -1.94 -49.72 -28.17
N ASN A 135 -3.14 -49.41 -28.63
CA ASN A 135 -3.34 -48.04 -29.05
C ASN A 135 -3.66 -47.09 -27.92
N VAL A 136 -4.02 -47.58 -26.73
CA VAL A 136 -4.05 -46.69 -25.58
C VAL A 136 -2.62 -46.25 -25.22
N ALA A 137 -1.73 -47.22 -25.10
CA ALA A 137 -0.32 -46.93 -24.89
C ALA A 137 0.23 -46.03 -25.99
N HIS A 138 -0.21 -46.23 -27.22
CA HIS A 138 0.28 -45.41 -28.34
C HIS A 138 -0.07 -43.95 -28.13
N THR A 139 -1.28 -43.67 -27.65
CA THR A 139 -1.65 -42.30 -27.34
C THR A 139 -0.71 -41.70 -26.29
N ILE A 140 -0.39 -42.47 -25.23
CA ILE A 140 0.52 -41.94 -24.20
C ILE A 140 1.93 -41.75 -24.78
N LYS A 141 2.42 -42.74 -25.53
CA LYS A 141 3.72 -42.62 -26.22
C LYS A 141 3.84 -41.29 -26.95
N GLN A 142 2.83 -40.93 -27.74
CA GLN A 142 2.87 -39.69 -28.52
C GLN A 142 3.01 -38.47 -27.62
N ALA A 143 2.23 -38.44 -26.54
CA ALA A 143 2.32 -37.33 -25.59
C ALA A 143 3.68 -37.29 -24.89
N TRP A 144 4.19 -38.45 -24.47
CA TRP A 144 5.47 -38.47 -23.76
C TRP A 144 6.63 -38.15 -24.69
N GLU A 145 6.58 -38.67 -25.90
CA GLU A 145 7.66 -38.41 -26.85
C GLU A 145 7.65 -36.98 -27.38
N ALA A 146 6.58 -36.22 -27.18
CA ALA A 146 6.55 -34.84 -27.63
C ALA A 146 7.41 -33.96 -26.74
N ASN A 147 7.73 -34.44 -25.54
CA ASN A 147 8.50 -33.72 -24.54
C ASN A 147 9.88 -34.37 -24.53
N GLN A 148 10.70 -34.02 -25.52
CA GLN A 148 11.95 -34.72 -25.72
C GLN A 148 12.91 -34.51 -24.55
N HIS A 149 12.81 -33.35 -23.87
CA HIS A 149 13.68 -33.12 -22.70
C HIS A 149 13.46 -34.18 -21.63
N GLU A 150 12.21 -34.62 -21.46
CA GLU A 150 11.92 -35.57 -20.41
C GLU A 150 12.48 -36.94 -20.75
N LEU A 151 12.57 -37.27 -22.05
CA LEU A 151 13.24 -38.49 -22.46
C LEU A 151 14.72 -38.45 -22.14
N LEU A 152 15.37 -37.34 -22.48
CA LEU A 152 16.78 -37.13 -22.13
C LEU A 152 16.99 -37.18 -20.61
N TYR A 153 16.07 -36.59 -19.85
CA TYR A 153 16.20 -36.64 -18.39
C TYR A 153 16.19 -38.09 -17.87
N GLN A 154 15.29 -38.92 -18.38
CA GLN A 154 15.27 -40.33 -17.94
C GLN A 154 16.55 -41.06 -18.34
N LYS A 155 17.11 -40.75 -19.51
CA LYS A 155 18.35 -41.40 -19.90
C LYS A 155 19.48 -41.05 -18.93
N ASN A 156 19.62 -39.76 -18.62
CA ASN A 156 20.59 -39.37 -17.61
C ASN A 156 20.32 -40.07 -16.28
N TRP A 157 19.06 -40.13 -15.87
CA TRP A 157 18.79 -40.72 -14.55
C TRP A 157 19.17 -42.22 -14.55
N LEU A 158 18.80 -42.94 -15.60
CA LEU A 158 19.10 -44.38 -15.63
C LEU A 158 20.60 -44.63 -15.74
N GLU A 159 21.30 -43.84 -16.54
CA GLU A 159 22.70 -44.15 -16.80
C GLU A 159 23.64 -43.61 -15.75
N GLU A 160 23.33 -42.47 -15.11
CA GLU A 160 24.26 -41.84 -14.19
C GLU A 160 23.72 -41.83 -12.77
N GLU A 161 22.53 -41.26 -12.52
CA GLU A 161 22.04 -41.11 -11.14
CA GLU A 161 22.06 -41.12 -11.15
C GLU A 161 21.75 -42.47 -10.52
N CYS A 162 21.02 -43.33 -11.23
CA CYS A 162 20.66 -44.64 -10.72
C CYS A 162 21.91 -45.43 -10.30
N ILE A 163 22.94 -45.43 -11.13
CA ILE A 163 24.16 -46.16 -10.83
C ILE A 163 24.87 -45.59 -9.61
N ALA A 164 24.89 -44.25 -9.50
CA ALA A 164 25.49 -43.62 -8.32
C ALA A 164 24.76 -43.99 -7.05
N TRP A 165 23.42 -43.99 -7.09
CA TRP A 165 22.64 -44.41 -5.92
C TRP A 165 22.95 -45.87 -5.58
N LEU A 166 22.97 -46.75 -6.58
CA LEU A 166 23.25 -48.16 -6.36
C LEU A 166 24.62 -48.35 -5.68
N LYS A 167 25.65 -47.66 -6.18
CA LYS A 167 26.96 -47.77 -5.55
C LYS A 167 26.94 -47.32 -4.09
N ARG A 168 26.23 -46.22 -3.82
CA ARG A 168 26.07 -45.73 -2.45
C ARG A 168 25.39 -46.76 -1.56
N PHE A 169 24.29 -47.36 -2.04
CA PHE A 169 23.57 -48.33 -1.22
C PHE A 169 24.35 -49.61 -1.04
N LEU A 170 25.10 -50.02 -2.07
CA LEU A 170 25.95 -51.20 -1.99
C LEU A 170 26.98 -51.05 -0.88
N GLU A 171 27.51 -49.85 -0.71
CA GLU A 171 28.45 -49.60 0.38
C GLU A 171 27.74 -49.63 1.73
N TYR A 172 26.58 -48.96 1.85
CA TYR A 172 25.82 -49.02 3.09
C TYR A 172 25.54 -50.46 3.50
N GLY A 173 25.11 -51.29 2.55
CA GLY A 173 24.72 -52.62 2.91
C GLY A 173 25.75 -53.69 2.64
N LYS A 174 27.03 -53.31 2.60
CA LYS A 174 28.02 -54.22 2.00
C LYS A 174 28.13 -55.52 2.77
N ASP A 175 28.00 -55.49 4.11
CA ASP A 175 28.11 -56.72 4.91
C ASP A 175 26.98 -57.69 4.59
N THR A 176 25.84 -57.17 4.15
CA THR A 176 24.78 -58.05 3.70
C THR A 176 24.93 -58.40 2.22
N LEU A 177 25.11 -57.37 1.38
CA LEU A 177 24.94 -57.51 -0.06
C LEU A 177 26.13 -58.14 -0.74
N GLN A 178 27.32 -58.01 -0.15
CA GLN A 178 28.54 -58.46 -0.83
C GLN A 178 29.14 -59.72 -0.21
N ARG A 179 28.39 -60.36 0.68
CA ARG A 179 28.83 -61.58 1.34
C ARG A 179 28.54 -62.79 0.45
N THR A 180 29.16 -63.92 0.80
CA THR A 180 28.91 -65.18 0.11
C THR A 180 28.67 -66.28 1.12
N GLU A 181 27.53 -66.95 1.00
CA GLU A 181 27.28 -68.18 1.74
C GLU A 181 27.16 -69.29 0.70
N PRO A 182 28.12 -70.18 0.59
CA PRO A 182 28.06 -71.21 -0.43
C PRO A 182 26.95 -72.20 -0.15
N PRO A 183 26.44 -72.89 -1.17
CA PRO A 183 25.34 -73.82 -0.95
C PRO A 183 25.82 -75.15 -0.38
N LEU A 184 24.95 -75.73 0.43
CA LEU A 184 25.05 -77.13 0.82
C LEU A 184 24.23 -77.93 -0.17
N VAL A 185 24.84 -78.90 -0.83
CA VAL A 185 24.22 -79.59 -1.97
C VAL A 185 24.27 -81.08 -1.73
N ARG A 186 23.17 -81.76 -1.99
CA ARG A 186 23.08 -83.22 -1.87
C ARG A 186 22.16 -83.75 -2.95
N VAL A 187 22.27 -85.06 -3.22
CA VAL A 187 21.43 -85.76 -4.17
C VAL A 187 20.55 -86.74 -3.40
N ASN A 188 19.24 -86.58 -3.51
CA ASN A 188 18.25 -87.48 -2.93
C ASN A 188 17.68 -88.36 -4.03
N ARG A 189 17.21 -89.54 -3.63
CA ARG A 189 16.58 -90.48 -4.55
C ARG A 189 15.10 -90.58 -4.19
N LYS A 190 14.23 -90.33 -5.16
CA LYS A 190 12.79 -90.29 -4.91
C LYS A 190 11.97 -90.53 -6.16
N THR A 197 11.20 -93.39 -10.37
CA THR A 197 12.41 -93.00 -9.63
C THR A 197 13.08 -91.75 -10.23
N ALA A 198 13.33 -90.75 -9.39
CA ALA A 198 13.96 -89.52 -9.84
C ALA A 198 15.10 -89.13 -8.92
N LEU A 199 16.11 -88.49 -9.50
CA LEU A 199 17.24 -87.95 -8.77
C LEU A 199 16.97 -86.47 -8.51
N PHE A 200 17.06 -86.07 -7.25
CA PHE A 200 16.87 -84.67 -6.87
C PHE A 200 18.20 -84.09 -6.40
N CYS A 201 18.64 -83.03 -7.09
CA CYS A 201 19.76 -82.22 -6.65
C CYS A 201 19.22 -81.10 -5.78
N LYS A 202 19.62 -81.05 -4.51
CA LYS A 202 19.04 -80.08 -3.59
C LYS A 202 20.12 -79.20 -3.01
N ALA A 203 19.94 -77.89 -3.12
CA ALA A 203 20.86 -76.91 -2.55
C ALA A 203 20.14 -76.03 -1.55
N HIS A 204 20.81 -75.71 -0.45
CA HIS A 204 20.22 -74.80 0.52
C HIS A 204 21.31 -74.02 1.24
N GLY A 205 20.87 -73.01 2.00
CA GLY A 205 21.75 -72.20 2.82
C GLY A 205 22.62 -71.23 2.06
N PHE A 206 22.30 -70.91 0.81
CA PHE A 206 23.21 -70.10 0.01
C PHE A 206 22.76 -68.65 -0.13
N TYR A 207 23.74 -67.78 -0.35
CA TYR A 207 23.47 -66.37 -0.61
C TYR A 207 24.65 -65.91 -1.46
N PRO A 208 24.43 -65.13 -2.54
CA PRO A 208 23.16 -64.57 -3.02
C PRO A 208 22.27 -65.63 -3.68
N PRO A 209 21.02 -65.26 -4.01
CA PRO A 209 20.07 -66.25 -4.55
C PRO A 209 20.40 -66.77 -5.95
N GLU A 210 21.12 -66.01 -6.77
CA GLU A 210 21.51 -66.45 -8.11
C GLU A 210 22.30 -67.76 -8.01
N ILE A 211 21.80 -68.79 -8.68
CA ILE A 211 22.47 -70.09 -8.64
C ILE A 211 22.08 -70.84 -9.90
N TYR A 212 23.02 -71.64 -10.43
CA TYR A 212 22.79 -72.46 -11.60
C TYR A 212 22.94 -73.92 -11.20
N MET A 213 21.88 -74.69 -11.41
CA MET A 213 21.86 -76.12 -11.14
C MET A 213 21.43 -76.81 -12.41
N THR A 214 22.11 -77.89 -12.77
CA THR A 214 21.65 -78.68 -13.89
C THR A 214 22.07 -80.12 -13.70
N TRP A 215 21.56 -80.98 -14.57
CA TRP A 215 21.92 -82.39 -14.59
C TRP A 215 22.63 -82.72 -15.89
N MET A 216 23.70 -83.47 -15.78
CA MET A 216 24.44 -83.96 -16.93
C MET A 216 24.30 -85.47 -16.99
N LYS A 217 24.22 -86.00 -18.21
CA LYS A 217 24.15 -87.44 -18.43
C LYS A 217 25.33 -87.83 -19.30
N ASN A 218 26.24 -88.65 -18.76
CA ASN A 218 27.42 -89.11 -19.48
C ASN A 218 28.14 -87.93 -20.12
N GLY A 219 28.24 -86.84 -19.39
CA GLY A 219 28.94 -85.66 -19.89
C GLY A 219 28.17 -84.78 -20.87
N GLU A 220 26.88 -85.02 -21.09
CA GLU A 220 26.06 -84.18 -21.97
C GLU A 220 24.84 -83.70 -21.20
N GLU A 221 24.51 -82.42 -21.37
CA GLU A 221 23.45 -81.84 -20.57
C GLU A 221 22.10 -82.40 -20.98
N ILE A 222 21.38 -82.95 -20.01
CA ILE A 222 20.05 -83.50 -20.28
C ILE A 222 19.15 -82.47 -20.96
N GLN A 224 16.05 -79.93 -20.76
CA GLN A 224 15.23 -80.75 -21.65
C GLN A 224 14.33 -81.69 -20.85
N GLU A 225 14.93 -82.77 -20.34
CA GLU A 225 14.24 -83.65 -19.42
C GLU A 225 14.55 -83.31 -17.95
N ILE A 226 14.96 -82.07 -17.67
CA ILE A 226 15.25 -81.61 -16.31
C ILE A 226 14.05 -80.83 -15.79
N ASP A 227 13.61 -81.17 -14.58
CA ASP A 227 12.61 -80.37 -13.88
C ASP A 227 13.32 -79.43 -12.90
N TYR A 228 13.23 -78.13 -13.17
CA TYR A 228 13.91 -77.14 -12.35
C TYR A 228 12.96 -76.58 -11.28
N GLY A 229 13.39 -76.65 -10.02
CA GLY A 229 12.70 -75.96 -8.96
C GLY A 229 13.03 -74.47 -8.90
N ASP A 230 12.17 -73.72 -8.23
CA ASP A 230 12.39 -72.30 -8.00
C ASP A 230 13.46 -72.08 -6.93
N ILE A 231 14.14 -70.96 -7.04
CA ILE A 231 14.96 -70.44 -5.95
C ILE A 231 14.00 -69.78 -4.96
N LEU A 232 13.95 -70.30 -3.73
CA LEU A 232 13.00 -69.96 -2.69
C LEU A 232 13.70 -69.44 -1.44
N PRO A 233 13.14 -68.41 -0.79
CA PRO A 233 13.73 -67.89 0.44
C PRO A 233 13.47 -68.84 1.62
N SER A 234 14.53 -69.14 2.37
CA SER A 234 14.36 -70.00 3.55
C SER A 234 13.88 -69.23 4.76
N GLY A 235 14.03 -67.92 4.77
CA GLY A 235 13.52 -67.10 5.84
C GLY A 235 14.60 -66.53 6.71
N ASP A 236 15.83 -67.02 6.58
CA ASP A 236 16.94 -66.56 7.39
C ASP A 236 17.91 -65.69 6.60
N GLY A 237 17.52 -65.23 5.42
CA GLY A 237 18.43 -64.51 4.56
C GLY A 237 19.17 -65.37 3.56
N THR A 238 18.97 -66.69 3.57
CA THR A 238 19.56 -67.58 2.58
C THR A 238 18.44 -68.21 1.76
N TYR A 239 18.83 -68.99 0.77
CA TYR A 239 17.90 -69.50 -0.23
C TYR A 239 18.12 -70.99 -0.40
N GLN A 240 17.13 -71.63 -1.03
CA GLN A 240 17.22 -73.05 -1.35
C GLN A 240 16.62 -73.27 -2.74
N ALA A 241 17.03 -74.37 -3.37
CA ALA A 241 16.56 -74.70 -4.72
C ALA A 241 16.84 -76.17 -4.99
N TRP A 242 16.19 -76.69 -6.03
CA TRP A 242 16.41 -78.07 -6.44
C TRP A 242 16.19 -78.21 -7.94
N ALA A 243 16.70 -79.33 -8.47
CA ALA A 243 16.52 -79.69 -9.87
C ALA A 243 16.47 -81.21 -9.92
N SER A 244 15.56 -81.76 -10.73
CA SER A 244 15.37 -83.21 -10.73
C SER A 244 15.43 -83.77 -12.14
N ILE A 245 15.74 -85.06 -12.18
CA ILE A 245 15.93 -85.82 -13.41
C ILE A 245 15.30 -87.19 -13.18
N GLU A 246 14.67 -87.75 -14.22
CA GLU A 246 14.04 -89.06 -14.12
C GLU A 246 15.00 -90.15 -14.60
N LEU A 247 15.08 -91.24 -13.85
CA LEU A 247 15.99 -92.33 -14.20
C LEU A 247 15.38 -93.24 -15.25
N ASP A 248 16.22 -93.69 -16.19
CA ASP A 248 15.83 -94.74 -17.13
C ASP A 248 15.79 -96.07 -16.40
N PRO A 249 14.62 -96.73 -16.32
CA PRO A 249 14.58 -98.04 -15.61
C PRO A 249 15.33 -99.15 -16.32
N GLN A 250 15.59 -99.02 -17.63
CA GLN A 250 16.18 -100.10 -18.42
C GLN A 250 17.69 -100.00 -18.54
N SER A 251 18.25 -98.80 -18.34
CA SER A 251 19.68 -98.61 -18.56
C SER A 251 20.25 -97.61 -17.57
N SER A 252 21.34 -97.98 -16.92
CA SER A 252 22.03 -97.04 -16.06
C SER A 252 22.71 -95.96 -16.92
N ASN A 253 23.02 -94.84 -16.28
CA ASN A 253 23.75 -93.77 -16.94
C ASN A 253 24.63 -93.11 -15.91
N LEU A 254 25.67 -92.42 -16.40
CA LEU A 254 26.48 -91.56 -15.55
C LEU A 254 25.76 -90.21 -15.41
N TYR A 255 25.07 -90.03 -14.28
CA TYR A 255 24.40 -88.78 -13.93
C TYR A 255 25.27 -87.98 -12.97
N SER A 256 25.22 -86.66 -13.10
CA SER A 256 25.94 -85.81 -12.17
C SER A 256 25.26 -84.45 -12.08
N CYS A 257 25.11 -83.96 -10.84
CA CYS A 257 24.60 -82.62 -10.66
CA CYS A 257 24.65 -82.62 -10.50
C CYS A 257 25.74 -81.61 -10.78
N HIS A 258 25.39 -80.47 -11.37
CA HIS A 258 26.34 -79.39 -11.54
C HIS A 258 25.73 -78.15 -10.93
N VAL A 259 26.46 -77.53 -10.02
CA VAL A 259 25.99 -76.33 -9.35
C VAL A 259 27.04 -75.25 -9.53
N GLU A 260 26.62 -74.08 -9.98
CA GLU A 260 27.51 -72.93 -10.10
C GLU A 260 26.97 -71.85 -9.17
N HIS A 261 27.83 -71.30 -8.33
CA HIS A 261 27.39 -70.28 -7.38
C HIS A 261 28.57 -69.37 -7.09
N SER A 262 28.37 -68.07 -7.34
CA SER A 262 29.33 -67.02 -7.00
CA SER A 262 29.33 -67.02 -6.99
C SER A 262 30.76 -67.39 -7.38
N GLY A 263 30.92 -67.86 -8.62
CA GLY A 263 32.24 -68.11 -9.15
C GLY A 263 32.82 -69.48 -8.87
N VAL A 264 32.10 -70.35 -8.15
CA VAL A 264 32.61 -71.68 -7.81
C VAL A 264 31.70 -72.70 -8.47
N HIS A 265 32.31 -73.74 -9.06
N HIS A 265 32.30 -73.72 -9.09
CA HIS A 265 31.59 -74.81 -9.72
CA HIS A 265 31.55 -74.81 -9.70
C HIS A 265 31.68 -76.08 -8.87
C HIS A 265 31.66 -76.06 -8.84
N MET A 266 30.59 -76.84 -8.84
CA MET A 266 30.48 -78.03 -8.00
C MET A 266 29.87 -79.15 -8.80
N VAL A 267 30.39 -80.37 -8.62
CA VAL A 267 29.89 -81.56 -9.31
C VAL A 267 29.64 -82.64 -8.28
N LEU A 268 28.44 -83.23 -8.31
CA LEU A 268 28.10 -84.39 -7.51
C LEU A 268 27.79 -85.53 -8.48
N GLN A 269 28.71 -86.49 -8.56
CA GLN A 269 28.49 -87.68 -9.37
C GLN A 269 27.69 -88.68 -8.55
N VAL A 270 26.63 -89.20 -9.16
CA VAL A 270 25.77 -90.20 -8.53
C VAL A 270 26.37 -91.58 -8.83
N PRO A 271 26.86 -92.31 -7.83
CA PRO A 271 27.49 -93.62 -8.06
C PRO A 271 26.48 -94.66 -8.51
N MET B 1 -8.98 -58.87 -19.12
CA MET B 1 -8.04 -58.80 -18.01
C MET B 1 -7.45 -60.17 -17.66
N ILE B 2 -6.12 -60.24 -17.57
CA ILE B 2 -5.42 -61.46 -17.24
C ILE B 2 -5.16 -61.46 -15.73
N GLN B 3 -5.83 -62.33 -15.01
CA GLN B 3 -5.55 -62.57 -13.60
C GLN B 3 -4.71 -63.83 -13.49
N ARG B 4 -3.67 -63.79 -12.66
CA ARG B 4 -2.75 -64.92 -12.54
C ARG B 4 -2.87 -65.52 -11.17
N THR B 5 -3.03 -66.84 -11.14
CA THR B 5 -3.29 -67.58 -9.92
C THR B 5 -1.98 -67.83 -9.16
N PRO B 6 -2.01 -67.80 -7.84
CA PRO B 6 -0.77 -67.97 -7.06
C PRO B 6 -0.22 -69.37 -7.18
N LYS B 7 1.09 -69.46 -7.43
CA LYS B 7 1.86 -70.65 -7.13
C LYS B 7 2.10 -70.74 -5.63
N ILE B 8 2.00 -71.95 -5.06
CA ILE B 8 1.99 -72.16 -3.62
C ILE B 8 3.00 -73.26 -3.28
N GLN B 9 3.97 -72.93 -2.42
CA GLN B 9 5.05 -73.86 -2.10
C GLN B 9 5.30 -73.87 -0.59
N VAL B 10 5.29 -75.07 -0.01
CA VAL B 10 5.32 -75.29 1.42
C VAL B 10 6.56 -76.12 1.69
N TYR B 11 7.42 -75.62 2.57
CA TYR B 11 8.73 -76.22 2.75
C TYR B 11 9.28 -75.73 4.06
N SER B 12 10.24 -76.47 4.60
CA SER B 12 10.87 -76.08 5.85
C SER B 12 12.10 -75.24 5.57
N ARG B 13 12.51 -74.44 6.56
CA ARG B 13 13.68 -73.59 6.41
C ARG B 13 14.94 -74.41 6.27
N HIS B 14 15.15 -75.36 7.18
CA HIS B 14 16.24 -76.31 7.20
C HIS B 14 15.68 -77.69 6.90
N PRO B 15 16.50 -78.62 6.41
CA PRO B 15 16.00 -79.98 6.21
C PRO B 15 15.36 -80.51 7.49
N ALA B 16 14.18 -81.09 7.34
CA ALA B 16 13.31 -81.37 8.48
C ALA B 16 13.79 -82.62 9.22
N GLU B 17 13.85 -82.51 10.54
CA GLU B 17 14.20 -83.63 11.41
C GLU B 17 13.24 -83.58 12.60
N ASN B 18 12.43 -84.61 12.75
CA ASN B 18 11.47 -84.67 13.86
C ASN B 18 12.16 -84.37 15.18
N GLY B 19 11.44 -83.67 16.06
CA GLY B 19 11.97 -83.26 17.33
C GLY B 19 12.91 -82.09 17.31
N LYS B 20 13.27 -81.56 16.13
CA LYS B 20 14.22 -80.46 16.01
C LYS B 20 13.48 -79.20 15.56
N SER B 21 13.67 -78.11 16.31
CA SER B 21 12.95 -76.88 16.04
C SER B 21 13.33 -76.34 14.67
N ASN B 22 12.34 -75.83 13.94
CA ASN B 22 12.48 -75.45 12.54
C ASN B 22 11.46 -74.35 12.23
N PHE B 23 11.37 -73.98 10.95
CA PHE B 23 10.41 -73.00 10.47
C PHE B 23 9.71 -73.57 9.26
N LEU B 24 8.38 -73.45 9.23
CA LEU B 24 7.54 -73.87 8.12
C LEU B 24 7.23 -72.65 7.27
N ASN B 25 7.61 -72.70 5.99
CA ASN B 25 7.47 -71.60 5.05
C ASN B 25 6.36 -71.91 4.07
N CYS B 26 5.52 -70.92 3.77
CA CYS B 26 4.59 -70.99 2.63
C CYS B 26 4.90 -69.82 1.70
N TYR B 27 5.46 -70.10 0.53
CA TYR B 27 5.85 -69.05 -0.39
C TYR B 27 4.81 -68.97 -1.48
N VAL B 28 4.13 -67.83 -1.57
CA VAL B 28 3.03 -67.61 -2.50
C VAL B 28 3.49 -66.59 -3.53
N SER B 29 3.46 -66.94 -4.81
CA SER B 29 4.10 -66.09 -5.81
C SER B 29 3.40 -66.18 -7.15
N GLY B 30 3.82 -65.28 -8.05
CA GLY B 30 3.32 -65.18 -9.41
C GLY B 30 1.86 -64.81 -9.56
N PHE B 31 1.25 -64.23 -8.53
CA PHE B 31 -0.17 -63.94 -8.61
C PHE B 31 -0.42 -62.48 -8.99
N HIS B 32 -1.58 -62.23 -9.59
CA HIS B 32 -2.03 -60.89 -9.93
C HIS B 32 -3.55 -60.91 -10.02
N PRO B 33 -4.27 -59.93 -9.42
CA PRO B 33 -3.82 -58.75 -8.70
C PRO B 33 -3.35 -59.09 -7.28
N SER B 34 -3.18 -58.08 -6.43
CA SER B 34 -2.34 -58.27 -5.26
C SER B 34 -3.08 -58.77 -4.01
N ASP B 35 -4.40 -58.59 -3.92
CA ASP B 35 -5.09 -59.00 -2.69
C ASP B 35 -5.05 -60.52 -2.56
N ILE B 36 -4.74 -61.00 -1.36
CA ILE B 36 -4.58 -62.44 -1.15
C ILE B 36 -4.72 -62.72 0.34
N GLU B 37 -5.17 -63.92 0.67
CA GLU B 37 -5.26 -64.40 2.04
C GLU B 37 -4.45 -65.68 2.15
N VAL B 38 -3.60 -65.77 3.18
CA VAL B 38 -2.79 -66.95 3.42
C VAL B 38 -2.93 -67.36 4.88
N ASP B 39 -3.17 -68.65 5.11
CA ASP B 39 -3.11 -69.23 6.44
C ASP B 39 -2.23 -70.49 6.44
N LEU B 40 -1.51 -70.68 7.54
CA LEU B 40 -0.82 -71.94 7.80
C LEU B 40 -1.74 -72.82 8.65
N LEU B 41 -1.75 -74.12 8.36
CA LEU B 41 -2.62 -75.06 9.05
C LEU B 41 -1.80 -76.15 9.74
N LYS B 42 -2.22 -76.51 10.96
CA LYS B 42 -1.68 -77.65 11.69
C LYS B 42 -2.83 -78.60 11.97
N ASN B 43 -2.80 -79.78 11.35
CA ASN B 43 -3.87 -80.77 11.47
C ASN B 43 -5.22 -80.20 11.05
N GLY B 44 -5.21 -79.29 10.08
CA GLY B 44 -6.42 -78.66 9.61
C GLY B 44 -6.82 -77.41 10.36
N GLU B 45 -6.21 -77.14 11.51
CA GLU B 45 -6.54 -75.96 12.29
C GLU B 45 -5.57 -74.83 11.96
N ARG B 46 -6.09 -73.61 11.93
CA ARG B 46 -5.26 -72.45 11.59
C ARG B 46 -4.28 -72.14 12.71
N ILE B 47 -3.03 -71.84 12.35
CA ILE B 47 -1.98 -71.46 13.29
C ILE B 47 -2.08 -69.97 13.55
N GLU B 48 -1.93 -69.56 14.82
CA GLU B 48 -2.16 -68.16 15.19
C GLU B 48 -0.90 -67.32 15.09
N LYS B 49 0.26 -67.88 15.44
CA LYS B 49 1.51 -67.11 15.47
C LYS B 49 2.24 -67.32 14.14
N VAL B 50 1.79 -66.59 13.12
CA VAL B 50 2.32 -66.69 11.77
C VAL B 50 2.79 -65.31 11.36
N GLU B 51 4.03 -65.24 10.85
CA GLU B 51 4.63 -64.02 10.35
C GLU B 51 4.63 -64.04 8.82
N HIS B 52 4.85 -62.85 8.24
CA HIS B 52 4.89 -62.78 6.78
C HIS B 52 5.61 -61.52 6.34
N SER B 53 6.33 -61.63 5.23
CA SER B 53 7.01 -60.51 4.60
C SER B 53 5.98 -59.50 4.08
N ASP B 54 6.45 -58.29 3.82
CA ASP B 54 5.61 -57.34 3.08
C ASP B 54 5.36 -57.85 1.67
N LEU B 55 4.24 -57.44 1.10
CA LEU B 55 3.99 -57.68 -0.32
C LEU B 55 5.23 -57.28 -1.11
N SER B 56 5.66 -58.16 -2.02
CA SER B 56 6.85 -57.93 -2.82
C SER B 56 6.48 -57.95 -4.30
N PHE B 57 7.30 -57.28 -5.09
CA PHE B 57 7.05 -57.00 -6.51
C PHE B 57 8.04 -57.75 -7.37
N SER B 58 7.54 -58.45 -8.36
CA SER B 58 8.40 -59.09 -9.35
C SER B 58 8.53 -58.27 -10.63
N LYS B 59 9.64 -58.48 -11.33
CA LYS B 59 9.89 -57.84 -12.62
C LYS B 59 8.80 -58.15 -13.64
N ASP B 60 8.14 -59.31 -13.52
CA ASP B 60 7.09 -59.68 -14.47
C ASP B 60 5.71 -59.15 -14.09
N TRP B 61 5.64 -58.27 -13.10
CA TRP B 61 4.50 -57.51 -12.60
C TRP B 61 3.68 -58.31 -11.60
N SER B 62 3.99 -59.59 -11.37
CA SER B 62 3.27 -60.35 -10.36
C SER B 62 3.83 -60.02 -8.97
N PHE B 63 3.21 -60.59 -7.93
CA PHE B 63 3.57 -60.31 -6.55
C PHE B 63 3.99 -61.60 -5.86
N TYR B 64 4.69 -61.46 -4.73
CA TYR B 64 5.01 -62.63 -3.94
C TYR B 64 5.06 -62.25 -2.48
N LEU B 65 4.96 -63.28 -1.63
CA LEU B 65 4.86 -63.15 -0.19
CA LEU B 65 4.81 -63.16 -0.19
C LEU B 65 5.40 -64.41 0.44
N LEU B 66 6.04 -64.25 1.60
CA LEU B 66 6.49 -65.40 2.36
C LEU B 66 5.80 -65.37 3.72
N TYR B 67 5.08 -66.45 4.04
CA TYR B 67 4.48 -66.67 5.34
C TYR B 67 5.26 -67.77 6.05
N TYR B 68 5.48 -67.63 7.35
CA TYR B 68 6.29 -68.62 8.04
C TYR B 68 5.94 -68.67 9.51
N THR B 69 6.25 -69.81 10.13
CA THR B 69 6.03 -69.95 11.56
C THR B 69 7.05 -70.93 12.12
N GLU B 70 7.48 -70.67 13.35
CA GLU B 70 8.39 -71.57 14.03
C GLU B 70 7.62 -72.83 14.43
N PHE B 71 8.24 -73.99 14.26
CA PHE B 71 7.53 -75.21 14.61
C PHE B 71 8.53 -76.34 14.84
N THR B 72 8.06 -77.37 15.54
CA THR B 72 8.85 -78.59 15.72
C THR B 72 8.10 -79.74 15.09
N PRO B 73 8.57 -80.28 13.97
CA PRO B 73 7.80 -81.33 13.28
C PRO B 73 7.78 -82.64 14.07
N THR B 74 6.70 -83.40 13.86
CA THR B 74 6.55 -84.73 14.43
C THR B 74 6.07 -85.69 13.34
N GLU B 75 6.05 -86.98 13.66
CA GLU B 75 5.54 -87.96 12.70
C GLU B 75 4.04 -87.82 12.51
N LYS B 76 3.32 -87.38 13.54
CA LYS B 76 1.86 -87.34 13.51
C LYS B 76 1.30 -86.05 12.92
N ASP B 77 1.91 -84.91 13.27
CA ASP B 77 1.34 -83.61 12.95
C ASP B 77 1.37 -83.33 11.45
N GLU B 78 0.22 -82.92 10.90
CA GLU B 78 0.10 -82.54 9.49
C GLU B 78 0.05 -81.03 9.38
N TYR B 79 0.78 -80.49 8.41
CA TYR B 79 0.87 -79.05 8.22
C TYR B 79 0.51 -78.71 6.79
N ALA B 80 -0.10 -77.55 6.59
CA ALA B 80 -0.48 -77.14 5.23
C ALA B 80 -0.62 -75.62 5.16
N CYS B 81 -0.79 -75.14 3.93
CA CYS B 81 -0.95 -73.72 3.65
C CYS B 81 -2.24 -73.52 2.87
N ARG B 82 -3.10 -72.63 3.36
CA ARG B 82 -4.38 -72.39 2.72
C ARG B 82 -4.37 -70.98 2.15
N VAL B 83 -4.68 -70.87 0.86
CA VAL B 83 -4.54 -69.64 0.10
C VAL B 83 -5.85 -69.31 -0.60
N ASN B 84 -6.29 -68.07 -0.50
CA ASN B 84 -7.45 -67.61 -1.25
C ASN B 84 -7.04 -66.43 -2.14
N HIS B 85 -7.64 -66.36 -3.32
CA HIS B 85 -7.32 -65.35 -4.31
C HIS B 85 -8.48 -65.25 -5.26
N VAL B 86 -8.58 -64.11 -5.97
CA VAL B 86 -9.73 -63.92 -6.84
C VAL B 86 -9.78 -64.97 -7.93
N THR B 87 -8.64 -65.51 -8.32
CA THR B 87 -8.58 -66.57 -9.33
C THR B 87 -9.09 -67.92 -8.84
N LEU B 88 -9.36 -68.08 -7.55
CA LEU B 88 -9.72 -69.37 -6.97
C LEU B 88 -11.17 -69.38 -6.53
N SER B 89 -11.92 -70.40 -6.97
CA SER B 89 -13.33 -70.55 -6.60
C SER B 89 -13.49 -70.71 -5.09
N GLN B 90 -12.56 -71.42 -4.46
CA GLN B 90 -12.57 -71.61 -3.02
C GLN B 90 -11.13 -71.76 -2.57
N PRO B 91 -10.85 -71.53 -1.28
CA PRO B 91 -9.46 -71.60 -0.81
C PRO B 91 -8.79 -72.91 -1.20
N LYS B 92 -7.54 -72.80 -1.64
CA LYS B 92 -6.75 -73.95 -2.04
C LYS B 92 -5.79 -74.31 -0.91
N ILE B 93 -5.71 -75.61 -0.60
CA ILE B 93 -4.87 -76.12 0.48
C ILE B 93 -3.72 -76.90 -0.14
N VAL B 94 -2.50 -76.54 0.25
CA VAL B 94 -1.30 -77.24 -0.19
C VAL B 94 -0.59 -77.81 1.05
N LYS B 95 -0.42 -79.12 1.08
CA LYS B 95 0.12 -79.82 2.24
C LYS B 95 1.64 -79.85 2.19
N TRP B 96 2.26 -79.67 3.35
CA TRP B 96 3.70 -79.84 3.47
C TRP B 96 4.06 -81.30 3.22
N ASP B 97 5.00 -81.53 2.30
CA ASP B 97 5.44 -82.87 1.93
C ASP B 97 6.93 -82.99 2.21
N ARG B 98 7.28 -83.62 3.32
CA ARG B 98 8.68 -83.86 3.65
C ARG B 98 9.12 -85.26 3.20
N MET C 1 -14.46 10.91 -18.35
CA MET C 1 -14.39 12.35 -18.56
C MET C 1 -13.02 12.67 -19.08
N ARG C 2 -12.93 13.73 -19.87
CA ARG C 2 -11.64 14.32 -20.20
C ARG C 2 -11.15 15.10 -18.99
N THR C 3 -9.98 15.71 -19.11
CA THR C 3 -9.38 16.44 -18.01
C THR C 3 -10.13 17.76 -17.78
N HIS C 4 -10.38 18.09 -16.51
CA HIS C 4 -11.06 19.34 -16.16
C HIS C 4 -10.27 20.05 -15.06
N SER C 5 -10.58 21.34 -14.86
CA SER C 5 -9.87 22.10 -13.84
C SER C 5 -10.77 23.14 -13.20
N LEU C 6 -10.45 23.47 -11.95
CA LEU C 6 -11.08 24.55 -11.20
C LEU C 6 -9.95 25.47 -10.74
N ARG C 7 -10.11 26.78 -10.92
CA ARG C 7 -9.08 27.67 -10.41
CA ARG C 7 -9.08 27.67 -10.40
C ARG C 7 -9.69 29.01 -10.05
N TYR C 8 -9.10 29.66 -9.05
CA TYR C 8 -9.50 31.00 -8.63
C TYR C 8 -8.29 31.91 -8.69
N PHE C 9 -8.48 33.08 -9.29
CA PHE C 9 -7.48 34.13 -9.40
C PHE C 9 -7.85 35.28 -8.50
N ARG C 10 -6.82 35.95 -7.98
CA ARG C 10 -7.00 37.23 -7.34
C ARG C 10 -6.04 38.21 -7.99
N LEU C 11 -6.48 39.47 -8.08
CA LEU C 11 -5.65 40.51 -8.61
C LEU C 11 -5.77 41.70 -7.68
N GLY C 12 -4.64 42.17 -7.15
CA GLY C 12 -4.59 43.39 -6.38
C GLY C 12 -3.75 44.44 -7.09
N VAL C 13 -4.18 45.70 -6.99
CA VAL C 13 -3.52 46.82 -7.65
C VAL C 13 -3.41 47.93 -6.62
N SER C 14 -2.18 48.37 -6.34
CA SER C 14 -1.98 49.50 -5.46
C SER C 14 -2.15 50.80 -6.23
N ASP C 15 -2.63 51.83 -5.55
CA ASP C 15 -2.78 53.16 -6.13
C ASP C 15 -3.43 53.08 -7.52
N PRO C 16 -4.61 52.47 -7.64
CA PRO C 16 -5.21 52.26 -8.95
C PRO C 16 -5.75 53.56 -9.54
N ILE C 17 -5.84 53.59 -10.88
CA ILE C 17 -6.44 54.68 -11.63
CA ILE C 17 -6.43 54.74 -11.56
C ILE C 17 -7.94 54.66 -11.41
N HIS C 18 -8.64 55.68 -11.86
CA HIS C 18 -10.11 55.67 -11.77
C HIS C 18 -10.66 54.65 -12.76
N GLY C 19 -11.58 53.81 -12.28
CA GLY C 19 -12.16 52.78 -13.09
C GLY C 19 -11.50 51.41 -12.96
N VAL C 20 -10.31 51.34 -12.38
CA VAL C 20 -9.62 50.08 -12.15
C VAL C 20 -9.82 49.68 -10.69
N PRO C 21 -10.49 48.57 -10.40
CA PRO C 21 -10.73 48.21 -9.00
C PRO C 21 -9.44 47.87 -8.29
N GLU C 22 -9.43 48.10 -6.98
CA GLU C 22 -8.28 47.73 -6.18
C GLU C 22 -8.10 46.22 -6.11
N PHE C 23 -9.18 45.47 -6.25
CA PHE C 23 -9.15 44.02 -6.02
C PHE C 23 -10.19 43.35 -6.90
N ILE C 24 -9.81 42.26 -7.56
CA ILE C 24 -10.75 41.45 -8.34
C ILE C 24 -10.43 39.99 -8.06
N SER C 25 -11.46 39.15 -7.98
CA SER C 25 -11.26 37.70 -7.84
C SER C 25 -12.27 36.97 -8.72
N VAL C 26 -11.77 36.10 -9.59
CA VAL C 26 -12.60 35.41 -10.59
C VAL C 26 -12.29 33.92 -10.53
N GLY C 27 -13.33 33.11 -10.57
CA GLY C 27 -13.20 31.67 -10.64
C GLY C 27 -13.54 31.15 -12.02
N TYR C 28 -12.91 30.03 -12.38
CA TYR C 28 -13.06 29.36 -13.67
C TYR C 28 -13.24 27.87 -13.48
N VAL C 29 -14.09 27.25 -14.30
CA VAL C 29 -14.03 25.83 -14.55
C VAL C 29 -13.66 25.67 -16.04
N ASP C 30 -12.56 24.97 -16.32
CA ASP C 30 -11.93 24.93 -17.66
C ASP C 30 -11.79 26.39 -18.11
N SER C 31 -12.24 26.77 -19.30
CA SER C 31 -12.17 28.13 -19.81
CA SER C 31 -12.13 28.15 -19.73
C SER C 31 -13.34 29.01 -19.37
N HIS C 32 -14.25 28.50 -18.54
CA HIS C 32 -15.51 29.21 -18.29
C HIS C 32 -15.43 29.97 -16.99
N PRO C 33 -15.64 31.29 -16.98
CA PRO C 33 -15.81 32.00 -15.70
C PRO C 33 -17.01 31.46 -14.94
N ILE C 34 -16.84 31.21 -13.64
CA ILE C 34 -17.96 30.77 -12.81
C ILE C 34 -18.36 31.80 -11.77
N THR C 35 -17.43 32.62 -11.28
CA THR C 35 -17.68 33.50 -10.13
C THR C 35 -16.88 34.78 -10.30
N THR C 36 -17.40 35.86 -9.74
CA THR C 36 -16.66 37.11 -9.78
C THR C 36 -16.94 37.91 -8.50
N TYR C 37 -15.94 38.70 -8.11
CA TYR C 37 -16.00 39.58 -6.96
C TYR C 37 -15.04 40.72 -7.26
N ASP C 38 -15.39 41.94 -6.86
CA ASP C 38 -14.39 42.99 -6.92
C ASP C 38 -14.67 44.03 -5.84
N SER C 39 -13.68 44.89 -5.60
CA SER C 39 -13.75 45.87 -4.54
C SER C 39 -14.73 47.00 -4.83
N VAL C 40 -15.31 47.03 -6.01
CA VAL C 40 -16.38 48.00 -6.32
C VAL C 40 -17.75 47.46 -5.95
N THR C 41 -18.12 46.27 -6.45
CA THR C 41 -19.40 45.65 -6.10
C THR C 41 -19.42 45.17 -4.65
N ARG C 42 -18.29 44.67 -4.16
CA ARG C 42 -18.16 44.04 -2.84
C ARG C 42 -19.09 42.83 -2.67
N GLN C 43 -19.44 42.18 -3.78
CA GLN C 43 -20.35 41.04 -3.79
C GLN C 43 -19.78 39.91 -4.63
N LYS C 44 -19.88 38.67 -4.14
CA LYS C 44 -19.61 37.51 -5.00
C LYS C 44 -20.86 37.19 -5.81
N GLU C 45 -20.71 37.06 -7.13
CA GLU C 45 -21.83 36.85 -8.02
C GLU C 45 -21.50 35.74 -9.01
N PRO C 46 -22.50 34.97 -9.43
CA PRO C 46 -22.25 33.95 -10.45
C PRO C 46 -21.96 34.57 -11.82
N ARG C 47 -21.14 33.85 -12.60
CA ARG C 47 -20.85 34.23 -13.98
CA ARG C 47 -20.84 34.22 -13.97
C ARG C 47 -21.29 33.17 -14.97
N ALA C 48 -21.99 32.13 -14.52
CA ALA C 48 -22.55 31.13 -15.40
C ALA C 48 -23.94 30.80 -14.89
N PRO C 49 -24.92 30.65 -15.80
CA PRO C 49 -26.29 30.35 -15.34
C PRO C 49 -26.38 29.08 -14.52
N TRP C 50 -25.61 28.05 -14.89
CA TRP C 50 -25.67 26.81 -14.13
C TRP C 50 -25.04 26.94 -12.75
N MET C 51 -24.23 27.98 -12.51
CA MET C 51 -23.82 28.25 -11.14
C MET C 51 -24.96 28.94 -10.38
N ALA C 52 -25.55 29.98 -10.98
CA ALA C 52 -26.60 30.74 -10.32
C ALA C 52 -27.77 29.83 -9.92
N GLU C 53 -28.14 28.91 -10.80
CA GLU C 53 -29.29 28.03 -10.58
C GLU C 53 -29.05 26.96 -9.52
N ASN C 54 -27.80 26.59 -9.24
CA ASN C 54 -27.53 25.44 -8.39
C ASN C 54 -26.96 25.78 -7.02
N LEU C 55 -26.62 27.03 -6.78
CA LEU C 55 -26.08 27.47 -5.50
C LEU C 55 -27.04 28.48 -4.88
N ALA C 56 -27.56 28.14 -3.71
CA ALA C 56 -28.54 28.98 -3.04
C ALA C 56 -27.86 30.26 -2.52
N PRO C 57 -28.65 31.29 -2.22
CA PRO C 57 -28.05 32.57 -1.79
C PRO C 57 -27.14 32.45 -0.57
N ASP C 58 -27.33 31.45 0.31
CA ASP C 58 -26.43 31.25 1.44
C ASP C 58 -24.98 31.18 0.98
N HIS C 59 -24.73 30.49 -0.14
CA HIS C 59 -23.36 30.35 -0.64
C HIS C 59 -22.79 31.70 -1.01
N TRP C 60 -23.52 32.47 -1.83
CA TRP C 60 -23.01 33.77 -2.26
C TRP C 60 -22.85 34.72 -1.09
N GLU C 61 -23.76 34.66 -0.11
CA GLU C 61 -23.66 35.55 1.04
C GLU C 61 -22.44 35.20 1.89
N ARG C 62 -22.19 33.91 2.09
CA ARG C 62 -21.05 33.51 2.90
CA ARG C 62 -21.04 33.49 2.90
C ARG C 62 -19.74 33.87 2.22
N TYR C 63 -19.61 33.54 0.94
CA TYR C 63 -18.34 33.82 0.26
C TYR C 63 -18.15 35.32 -0.01
N THR C 64 -19.23 36.10 -0.06
CA THR C 64 -19.07 37.56 -0.08
C THR C 64 -18.31 38.03 1.14
N GLN C 65 -18.64 37.48 2.32
CA GLN C 65 -17.95 37.90 3.53
C GLN C 65 -16.49 37.48 3.48
N LEU C 66 -16.22 36.24 3.04
CA LEU C 66 -14.84 35.78 3.00
C LEU C 66 -14.03 36.63 2.02
N LEU C 67 -14.63 36.95 0.87
CA LEU C 67 -13.92 37.73 -0.15
CA LEU C 67 -13.94 37.74 -0.16
C LEU C 67 -13.62 39.14 0.35
N ARG C 68 -14.52 39.72 1.15
CA ARG C 68 -14.20 41.03 1.72
C ARG C 68 -12.97 40.91 2.63
N GLY C 69 -12.83 39.79 3.33
CA GLY C 69 -11.62 39.58 4.12
C GLY C 69 -10.40 39.33 3.25
N TRP C 70 -10.53 38.50 2.21
CA TRP C 70 -9.37 38.24 1.34
C TRP C 70 -8.93 39.52 0.63
N GLN C 71 -9.89 40.37 0.28
CA GLN C 71 -9.54 41.68 -0.27
C GLN C 71 -8.64 42.46 0.69
N GLN C 72 -9.01 42.49 1.97
CA GLN C 72 -8.22 43.27 2.93
C GLN C 72 -6.85 42.64 3.13
N MET C 73 -6.75 41.30 3.15
CA MET C 73 -5.46 40.60 3.26
C MET C 73 -4.58 40.92 2.06
N PHE C 74 -5.15 40.88 0.86
CA PHE C 74 -4.37 41.14 -0.33
C PHE C 74 -3.81 42.56 -0.33
N LYS C 75 -4.60 43.50 0.16
CA LYS C 75 -4.17 44.90 0.17
C LYS C 75 -2.94 45.08 1.06
N VAL C 76 -2.98 44.51 2.26
CA VAL C 76 -1.88 44.62 3.20
C VAL C 76 -0.65 43.85 2.69
N GLU C 77 -0.87 42.67 2.09
CA GLU C 77 0.25 41.88 1.60
C GLU C 77 0.98 42.62 0.51
N LEU C 78 0.24 43.27 -0.39
CA LEU C 78 0.86 44.07 -1.45
C LEU C 78 1.66 45.24 -0.87
N LYS C 79 1.08 45.92 0.14
CA LYS C 79 1.83 46.98 0.81
C LYS C 79 3.15 46.47 1.34
N ARG C 80 3.16 45.29 1.97
CA ARG C 80 4.41 44.76 2.53
C ARG C 80 5.39 44.39 1.43
N LEU C 81 4.91 43.88 0.30
CA LEU C 81 5.84 43.53 -0.75
C LEU C 81 6.49 44.78 -1.33
N GLN C 82 5.69 45.83 -1.57
CA GLN C 82 6.26 47.06 -2.07
C GLN C 82 7.31 47.61 -1.11
N ARG C 83 7.09 47.44 0.18
CA ARG C 83 8.08 47.88 1.16
C ARG C 83 9.36 47.07 1.05
N HIS C 84 9.26 45.75 0.93
CA HIS C 84 10.45 44.92 0.77
C HIS C 84 11.25 45.32 -0.46
N TYR C 85 10.58 45.60 -1.58
CA TYR C 85 11.29 46.02 -2.77
C TYR C 85 11.64 47.51 -2.77
N ASN C 86 11.22 48.26 -1.74
CA ASN C 86 11.31 49.72 -1.72
CA ASN C 86 11.34 49.72 -1.73
C ASN C 86 10.72 50.33 -2.99
N HIS C 87 9.51 49.88 -3.32
CA HIS C 87 8.79 50.30 -4.52
C HIS C 87 7.71 51.31 -4.18
N SER C 88 7.55 52.30 -5.04
CA SER C 88 6.47 53.27 -4.92
C SER C 88 5.65 53.20 -6.20
N GLY C 89 4.54 53.90 -6.22
CA GLY C 89 3.74 53.87 -7.42
C GLY C 89 2.82 52.65 -7.44
N SER C 90 2.25 52.39 -8.60
CA SER C 90 1.27 51.32 -8.74
C SER C 90 1.97 50.00 -9.04
N HIS C 91 1.67 48.98 -8.25
CA HIS C 91 2.17 47.64 -8.52
C HIS C 91 1.01 46.66 -8.39
N THR C 92 1.21 45.42 -8.87
CA THR C 92 0.18 44.40 -8.87
C THR C 92 0.65 43.16 -8.10
N TYR C 93 -0.32 42.42 -7.62
CA TYR C 93 -0.14 41.22 -6.83
C TYR C 93 -1.21 40.25 -7.30
N GLN C 94 -0.82 39.03 -7.63
CA GLN C 94 -1.79 38.07 -8.12
C GLN C 94 -1.58 36.74 -7.43
N ARG C 95 -2.67 35.98 -7.38
CA ARG C 95 -2.73 34.64 -6.80
C ARG C 95 -3.51 33.76 -7.75
N MET C 96 -3.13 32.49 -7.83
CA MET C 96 -3.88 31.47 -8.55
C MET C 96 -3.86 30.20 -7.72
N ILE C 97 -5.04 29.66 -7.43
CA ILE C 97 -5.14 28.37 -6.75
C ILE C 97 -6.08 27.49 -7.55
N GLY C 98 -5.86 26.18 -7.51
CA GLY C 98 -6.78 25.29 -8.19
C GLY C 98 -6.26 23.87 -8.30
N CYS C 99 -7.00 23.07 -9.06
CA CYS C 99 -6.77 21.64 -9.15
C CYS C 99 -7.23 21.16 -10.52
N GLU C 100 -6.70 20.01 -10.91
CA GLU C 100 -7.13 19.33 -12.12
C GLU C 100 -7.54 17.92 -11.76
N LEU C 101 -8.62 17.47 -12.39
CA LEU C 101 -9.04 16.07 -12.32
C LEU C 101 -8.76 15.49 -13.70
N LEU C 102 -7.77 14.61 -13.79
CA LEU C 102 -7.33 14.13 -15.09
C LEU C 102 -8.23 13.01 -15.60
N GLU C 103 -8.18 12.80 -16.91
CA GLU C 103 -8.83 11.63 -17.54
C GLU C 103 -8.65 10.34 -16.76
N ASP C 104 -7.41 10.01 -16.37
CA ASP C 104 -7.08 8.71 -15.76
C ASP C 104 -7.47 8.63 -14.29
N GLY C 105 -8.06 9.67 -13.72
CA GLY C 105 -8.56 9.66 -12.36
C GLY C 105 -7.63 10.32 -11.34
N SER C 106 -6.37 10.50 -11.68
CA SER C 106 -5.42 11.17 -10.81
C SER C 106 -5.69 12.68 -10.80
N THR C 107 -5.01 13.38 -9.88
CA THR C 107 -5.27 14.79 -9.62
C THR C 107 -3.97 15.57 -9.54
N THR C 108 -4.07 16.88 -9.80
CA THR C 108 -2.98 17.84 -9.60
C THR C 108 -3.55 19.03 -8.82
N GLY C 109 -2.68 19.76 -8.14
CA GLY C 109 -3.10 20.98 -7.47
C GLY C 109 -1.99 22.00 -7.49
N PHE C 110 -2.38 23.26 -7.44
CA PHE C 110 -1.40 24.32 -7.57
C PHE C 110 -1.85 25.53 -6.79
N LEU C 111 -0.87 26.28 -6.29
CA LEU C 111 -1.09 27.51 -5.55
C LEU C 111 0.14 28.39 -5.78
N GLN C 112 -0.06 29.56 -6.38
CA GLN C 112 1.06 30.38 -6.84
C GLN C 112 0.71 31.84 -6.67
N TYR C 113 1.75 32.66 -6.50
CA TYR C 113 1.64 34.12 -6.37
C TYR C 113 2.58 34.79 -7.36
N ALA C 114 2.17 35.98 -7.83
CA ALA C 114 2.96 36.78 -8.74
C ALA C 114 2.99 38.21 -8.23
N TYR C 115 4.12 38.88 -8.47
CA TYR C 115 4.28 40.29 -8.15
C TYR C 115 4.65 40.98 -9.46
N ASP C 116 3.88 42.02 -9.80
CA ASP C 116 4.08 42.74 -11.07
C ASP C 116 4.10 41.77 -12.24
N GLY C 117 3.22 40.76 -12.18
CA GLY C 117 3.02 39.85 -13.28
C GLY C 117 4.09 38.79 -13.45
N GLN C 118 5.01 38.67 -12.53
CA GLN C 118 6.07 37.66 -12.61
C GLN C 118 5.96 36.69 -11.45
N ASP C 119 6.28 35.41 -11.70
CA ASP C 119 6.33 34.41 -10.62
C ASP C 119 7.02 34.98 -9.39
N PHE C 120 6.44 34.72 -8.22
CA PHE C 120 6.99 35.19 -6.96
C PHE C 120 7.17 34.05 -5.95
N LEU C 121 6.09 33.31 -5.68
CA LEU C 121 6.10 32.16 -4.77
C LEU C 121 5.26 31.05 -5.39
N ILE C 122 5.79 29.82 -5.39
CA ILE C 122 5.12 28.64 -5.93
C ILE C 122 5.07 27.57 -4.84
N PHE C 123 3.86 27.14 -4.47
CA PHE C 123 3.70 26.12 -3.44
C PHE C 123 3.92 24.74 -4.05
N ASN C 124 4.66 23.89 -3.36
CA ASN C 124 4.76 22.48 -3.75
C ASN C 124 4.07 21.68 -2.66
N LYS C 125 2.88 21.17 -2.98
CA LYS C 125 2.10 20.49 -1.96
C LYS C 125 2.67 19.11 -1.60
N ASP C 126 3.67 18.61 -2.33
CA ASP C 126 4.23 17.30 -2.00
C ASP C 126 5.38 17.37 -1.01
N THR C 127 6.09 18.48 -0.96
CA THR C 127 7.08 18.71 0.08
C THR C 127 6.60 19.64 1.19
N LEU C 128 5.42 20.25 1.04
CA LEU C 128 4.95 21.29 1.95
C LEU C 128 5.97 22.42 2.07
N SER C 129 6.40 22.93 0.94
CA SER C 129 7.33 24.04 0.96
C SER C 129 6.99 25.03 -0.13
N TRP C 130 7.43 26.26 0.07
CA TRP C 130 7.27 27.32 -0.90
C TRP C 130 8.59 27.54 -1.63
N LEU C 131 8.53 27.66 -2.95
N LEU C 131 8.53 27.66 -2.95
CA LEU C 131 9.70 28.01 -3.75
CA LEU C 131 9.69 28.00 -3.77
C LEU C 131 9.71 29.50 -4.04
C LEU C 131 9.70 29.50 -4.05
N ALA C 132 10.80 30.17 -3.68
CA ALA C 132 10.91 31.62 -3.78
C ALA C 132 11.81 32.03 -4.94
N VAL C 133 11.41 33.07 -5.67
CA VAL C 133 12.19 33.47 -6.85
C VAL C 133 13.36 34.39 -6.52
N ASP C 134 13.37 35.06 -5.36
CA ASP C 134 14.40 36.03 -5.04
C ASP C 134 14.43 36.18 -3.51
N ASN C 135 15.26 37.12 -3.02
CA ASN C 135 15.44 37.21 -1.58
CA ASN C 135 15.45 37.24 -1.58
C ASN C 135 14.21 37.79 -0.87
N VAL C 136 13.40 38.58 -1.57
CA VAL C 136 12.18 39.09 -0.94
C VAL C 136 11.16 37.97 -0.77
N ALA C 137 10.93 37.23 -1.84
CA ALA C 137 10.11 36.03 -1.74
C ALA C 137 10.64 35.07 -0.68
N HIS C 138 11.95 34.91 -0.58
CA HIS C 138 12.51 34.02 0.44
C HIS C 138 12.09 34.47 1.84
N THR C 139 12.04 35.79 2.08
CA THR C 139 11.59 36.30 3.37
C THR C 139 10.15 35.88 3.66
N ILE C 140 9.26 35.99 2.67
CA ILE C 140 7.87 35.54 2.84
C ILE C 140 7.82 34.03 3.03
N LYS C 141 8.53 33.28 2.18
CA LYS C 141 8.62 31.82 2.34
C LYS C 141 8.91 31.41 3.80
N GLN C 142 9.94 32.00 4.42
CA GLN C 142 10.26 31.63 5.80
C GLN C 142 9.06 31.80 6.72
N ALA C 143 8.38 32.95 6.60
CA ALA C 143 7.23 33.23 7.45
C ALA C 143 6.14 32.19 7.24
N TRP C 144 5.80 31.91 5.98
CA TRP C 144 4.69 30.99 5.70
C TRP C 144 5.03 29.54 6.08
N GLU C 145 6.26 29.11 5.79
CA GLU C 145 6.69 27.75 6.09
C GLU C 145 6.78 27.46 7.59
N ALA C 146 6.82 28.49 8.42
CA ALA C 146 6.91 28.26 9.85
C ALA C 146 5.57 27.83 10.45
N ASN C 147 4.50 28.02 9.69
CA ASN C 147 3.15 27.67 10.13
C ASN C 147 2.79 26.32 9.51
N GLN C 148 3.28 25.26 10.14
CA GLN C 148 3.11 23.92 9.60
C GLN C 148 1.65 23.57 9.35
N HIS C 149 0.78 23.94 10.28
CA HIS C 149 -0.64 23.59 10.14
C HIS C 149 -1.24 24.21 8.88
N GLU C 150 -0.83 25.42 8.52
CA GLU C 150 -1.47 26.05 7.37
C GLU C 150 -0.99 25.43 6.06
N LEU C 151 0.25 24.93 6.03
CA LEU C 151 0.68 24.14 4.87
C LEU C 151 -0.15 22.86 4.74
N LEU C 152 -0.39 22.18 5.86
CA LEU C 152 -1.21 20.98 5.81
C LEU C 152 -2.62 21.31 5.34
N TYR C 153 -3.17 22.45 5.81
CA TYR C 153 -4.49 22.90 5.39
C TYR C 153 -4.53 23.14 3.88
N GLN C 154 -3.49 23.76 3.31
CA GLN C 154 -3.50 24.02 1.87
C GLN C 154 -3.41 22.71 1.09
N LYS C 155 -2.64 21.73 1.60
CA LYS C 155 -2.57 20.44 0.92
C LYS C 155 -3.94 19.76 0.91
N ASN C 156 -4.63 19.76 2.04
CA ASN C 156 -5.95 19.16 2.08
C ASN C 156 -6.92 19.89 1.14
N TRP C 157 -6.85 21.23 1.09
CA TRP C 157 -7.79 21.95 0.22
C TRP C 157 -7.55 21.60 -1.24
N LEU C 158 -6.29 21.59 -1.65
CA LEU C 158 -5.95 21.27 -3.04
C LEU C 158 -6.32 19.84 -3.43
N GLU C 159 -5.99 18.88 -2.56
CA GLU C 159 -6.17 17.48 -2.93
C GLU C 159 -7.59 16.98 -2.73
N GLU C 160 -8.33 17.50 -1.75
CA GLU C 160 -9.66 16.96 -1.44
C GLU C 160 -10.76 17.97 -1.71
N GLU C 161 -10.73 19.13 -1.08
CA GLU C 161 -11.86 20.05 -1.22
CA GLU C 161 -11.83 20.09 -1.21
C GLU C 161 -11.97 20.60 -2.64
N CYS C 162 -10.86 21.02 -3.24
CA CYS C 162 -10.91 21.61 -4.58
C CYS C 162 -11.47 20.62 -5.59
N ILE C 163 -11.05 19.35 -5.49
CA ILE C 163 -11.54 18.31 -6.39
C ILE C 163 -13.03 18.04 -6.16
N ALA C 164 -13.48 18.04 -4.91
CA ALA C 164 -14.91 17.87 -4.64
C ALA C 164 -15.71 19.04 -5.19
N TRP C 165 -15.16 20.26 -5.08
CA TRP C 165 -15.86 21.39 -5.69
C TRP C 165 -15.94 21.22 -7.21
N LEU C 166 -14.83 20.83 -7.83
CA LEU C 166 -14.80 20.70 -9.27
C LEU C 166 -15.81 19.65 -9.74
N LYS C 167 -15.82 18.47 -9.09
CA LYS C 167 -16.80 17.45 -9.46
C LYS C 167 -18.21 18.00 -9.32
N ARG C 168 -18.44 18.79 -8.26
CA ARG C 168 -19.75 19.37 -8.03
C ARG C 168 -20.14 20.33 -9.17
N PHE C 169 -19.22 21.24 -9.55
CA PHE C 169 -19.50 22.18 -10.63
C PHE C 169 -19.59 21.49 -11.98
N LEU C 170 -18.79 20.43 -12.19
CA LEU C 170 -18.87 19.69 -13.44
CA LEU C 170 -18.86 19.67 -13.43
C LEU C 170 -20.26 19.14 -13.67
N GLU C 171 -20.89 18.61 -12.62
CA GLU C 171 -22.26 18.13 -12.73
C GLU C 171 -23.24 19.28 -12.95
N TYR C 172 -23.09 20.40 -12.22
CA TYR C 172 -23.98 21.54 -12.47
C TYR C 172 -23.94 21.97 -13.93
N GLY C 173 -22.74 22.08 -14.49
CA GLY C 173 -22.63 22.58 -15.84
C GLY C 173 -22.42 21.52 -16.90
N LYS C 174 -22.84 20.28 -16.63
CA LYS C 174 -22.46 19.17 -17.50
C LYS C 174 -22.91 19.40 -18.95
N ASP C 175 -24.08 20.00 -19.16
CA ASP C 175 -24.57 20.23 -20.52
C ASP C 175 -23.64 21.15 -21.31
N THR C 176 -22.90 22.02 -20.62
CA THR C 176 -21.90 22.86 -21.27
C THR C 176 -20.52 22.21 -21.27
N LEU C 177 -20.07 21.80 -20.08
CA LEU C 177 -18.66 21.41 -19.87
C LEU C 177 -18.31 20.06 -20.47
N GLN C 178 -19.28 19.15 -20.59
CA GLN C 178 -18.99 17.80 -21.04
C GLN C 178 -19.53 17.51 -22.46
N ARG C 179 -20.05 18.52 -23.17
CA ARG C 179 -20.50 18.33 -24.53
C ARG C 179 -19.30 18.28 -25.47
N THR C 180 -19.53 17.81 -26.69
CA THR C 180 -18.52 17.84 -27.73
C THR C 180 -19.14 18.46 -28.97
N GLU C 181 -18.47 19.47 -29.51
CA GLU C 181 -18.80 19.98 -30.83
C GLU C 181 -17.60 19.73 -31.71
N PRO C 182 -17.70 18.84 -32.69
CA PRO C 182 -16.55 18.51 -33.52
C PRO C 182 -16.13 19.66 -34.42
N PRO C 183 -14.86 19.71 -34.81
CA PRO C 183 -14.39 20.81 -35.67
C PRO C 183 -14.83 20.66 -37.10
N LEU C 184 -15.06 21.80 -37.72
CA LEU C 184 -15.16 21.91 -39.18
C LEU C 184 -13.76 22.24 -39.67
N VAL C 185 -13.21 21.45 -40.58
CA VAL C 185 -11.80 21.60 -40.96
C VAL C 185 -11.68 21.65 -42.46
N ARG C 186 -10.89 22.59 -42.95
CA ARG C 186 -10.63 22.71 -44.38
C ARG C 186 -9.15 23.01 -44.60
N VAL C 187 -8.69 22.65 -45.80
CA VAL C 187 -7.35 22.99 -46.27
C VAL C 187 -7.52 23.96 -47.44
N ASN C 188 -6.75 25.05 -47.40
CA ASN C 188 -6.70 26.03 -48.49
C ASN C 188 -5.28 26.06 -49.02
N ARG C 189 -5.12 26.10 -50.34
CA ARG C 189 -3.80 26.23 -50.94
C ARG C 189 -3.75 27.48 -51.82
N LYS C 190 -2.57 28.10 -51.88
CA LYS C 190 -2.44 29.33 -52.67
C LYS C 190 -0.98 29.58 -52.97
N GLU C 191 -0.68 29.95 -54.22
CA GLU C 191 0.64 30.46 -54.54
C GLU C 191 0.74 31.88 -54.01
N THR C 192 1.81 32.15 -53.26
CA THR C 192 1.90 33.47 -52.64
C THR C 192 2.98 34.27 -53.35
N PHE C 193 4.11 34.48 -52.69
CA PHE C 193 5.30 34.93 -53.40
C PHE C 193 5.56 33.96 -54.56
N PRO C 194 5.98 34.46 -55.73
CA PRO C 194 6.14 33.56 -56.89
C PRO C 194 6.96 32.32 -56.55
N GLY C 195 6.39 31.15 -56.86
CA GLY C 195 7.03 29.88 -56.55
C GLY C 195 6.81 29.37 -55.14
N VAL C 196 6.04 30.07 -54.30
CA VAL C 196 5.87 29.73 -52.89
C VAL C 196 4.39 29.47 -52.61
N THR C 197 4.03 28.20 -52.42
CA THR C 197 2.67 27.80 -52.12
C THR C 197 2.47 27.66 -50.61
N ALA C 198 1.44 28.33 -50.10
CA ALA C 198 1.07 28.28 -48.69
C ALA C 198 -0.10 27.32 -48.53
N LEU C 199 0.00 26.42 -47.55
CA LEU C 199 -1.09 25.52 -47.18
C LEU C 199 -1.58 25.92 -45.80
N PHE C 200 -2.88 26.18 -45.67
CA PHE C 200 -3.49 26.49 -44.38
C PHE C 200 -4.50 25.41 -44.07
N CYS C 201 -4.37 24.81 -42.89
CA CYS C 201 -5.37 23.88 -42.37
C CYS C 201 -6.12 24.65 -41.28
N LYS C 202 -7.41 24.89 -41.50
CA LYS C 202 -8.19 25.78 -40.65
C LYS C 202 -9.37 25.02 -40.06
N ALA C 203 -9.51 25.13 -38.74
CA ALA C 203 -10.60 24.48 -38.03
C ALA C 203 -11.43 25.53 -37.29
N HIS C 204 -12.74 25.35 -37.26
CA HIS C 204 -13.58 26.19 -36.42
C HIS C 204 -14.79 25.40 -35.95
N GLY C 205 -15.53 26.02 -35.04
CA GLY C 205 -16.78 25.51 -34.57
C GLY C 205 -16.66 24.38 -33.57
N PHE C 206 -15.49 24.18 -32.96
CA PHE C 206 -15.31 23.05 -32.06
C PHE C 206 -15.38 23.46 -30.59
N TYR C 207 -15.70 22.48 -29.74
CA TYR C 207 -15.63 22.58 -28.29
C TYR C 207 -15.41 21.17 -27.77
N PRO C 208 -14.53 20.96 -26.78
CA PRO C 208 -13.76 21.95 -26.03
C PRO C 208 -12.63 22.54 -26.87
N PRO C 209 -11.99 23.60 -26.36
CA PRO C 209 -10.98 24.32 -27.19
C PRO C 209 -9.75 23.47 -27.47
N GLU C 210 -9.44 22.49 -26.66
CA GLU C 210 -8.24 21.70 -26.85
C GLU C 210 -8.33 20.96 -28.17
N ILE C 211 -7.37 21.20 -29.06
CA ILE C 211 -7.36 20.55 -30.35
C ILE C 211 -5.92 20.37 -30.76
N TYR C 212 -5.63 19.29 -31.45
CA TYR C 212 -4.31 19.00 -31.96
C TYR C 212 -4.35 19.07 -33.48
N MET C 213 -3.41 19.81 -34.06
CA MET C 213 -3.33 19.96 -35.51
C MET C 213 -1.86 19.92 -35.90
N THR C 214 -1.57 19.25 -37.01
CA THR C 214 -0.22 19.24 -37.51
C THR C 214 -0.26 18.88 -38.98
N TRP C 215 0.89 19.06 -39.62
CA TRP C 215 1.09 18.74 -41.02
C TRP C 215 2.06 17.58 -41.12
N MET C 216 1.76 16.65 -42.01
CA MET C 216 2.61 15.50 -42.23
CA MET C 216 2.59 15.49 -42.23
C MET C 216 2.97 15.42 -43.71
N LYS C 217 4.11 14.78 -43.97
CA LYS C 217 4.64 14.61 -45.32
C LYS C 217 4.78 13.13 -45.56
N ASN C 218 4.26 12.67 -46.70
CA ASN C 218 4.34 11.25 -47.08
C ASN C 218 3.81 10.35 -45.97
N GLY C 219 2.87 10.88 -45.19
CA GLY C 219 2.13 10.10 -44.21
C GLY C 219 2.91 9.64 -43.00
N GLU C 220 4.13 10.12 -42.79
CA GLU C 220 4.93 9.59 -41.69
C GLU C 220 5.71 10.63 -40.91
N GLU C 221 6.17 11.71 -41.53
CA GLU C 221 7.07 12.66 -40.91
C GLU C 221 6.41 14.01 -40.80
N ILE C 222 6.55 14.64 -39.63
CA ILE C 222 6.02 15.98 -39.44
C ILE C 222 6.83 16.97 -40.26
N VAL C 223 6.13 17.96 -40.82
CA VAL C 223 6.78 19.00 -41.61
C VAL C 223 7.53 19.95 -40.68
N GLN C 224 8.71 20.38 -41.10
CA GLN C 224 9.44 21.41 -40.38
C GLN C 224 8.86 22.78 -40.71
N GLU C 225 9.05 23.72 -39.79
CA GLU C 225 8.54 25.07 -39.94
C GLU C 225 7.03 25.05 -40.19
N ILE C 226 6.32 24.61 -39.17
CA ILE C 226 4.87 24.78 -39.16
C ILE C 226 4.56 26.04 -38.36
N ASP C 227 3.66 26.87 -38.88
CA ASP C 227 3.13 28.04 -38.18
CA ASP C 227 3.15 28.01 -38.15
C ASP C 227 1.80 27.66 -37.54
N TYR C 228 1.63 27.98 -36.26
CA TYR C 228 0.43 27.61 -35.51
C TYR C 228 -0.39 28.85 -35.17
N GLY C 229 -1.68 28.81 -35.50
CA GLY C 229 -2.58 29.85 -35.03
C GLY C 229 -3.07 29.54 -33.64
N ASP C 230 -3.29 30.60 -32.86
CA ASP C 230 -3.83 30.43 -31.52
C ASP C 230 -5.23 29.83 -31.59
N ILE C 231 -5.63 29.21 -30.49
CA ILE C 231 -6.99 28.73 -30.31
C ILE C 231 -7.81 29.91 -29.81
N LEU C 232 -8.75 30.35 -30.62
CA LEU C 232 -9.41 31.62 -30.35
C LEU C 232 -10.91 31.40 -30.17
N PRO C 233 -11.53 32.11 -29.23
CA PRO C 233 -12.97 31.96 -29.02
C PRO C 233 -13.72 32.68 -30.14
N SER C 234 -14.71 31.99 -30.71
CA SER C 234 -15.47 32.58 -31.81
C SER C 234 -16.65 33.41 -31.35
N GLY C 235 -16.97 33.34 -30.06
CA GLY C 235 -18.00 34.18 -29.46
C GLY C 235 -19.32 33.48 -29.24
N ASP C 236 -19.49 32.29 -29.79
CA ASP C 236 -20.71 31.50 -29.61
C ASP C 236 -20.49 30.27 -28.72
N GLY C 237 -19.39 30.23 -27.98
CA GLY C 237 -19.07 29.07 -27.17
C GLY C 237 -18.14 28.06 -27.83
N THR C 238 -17.81 28.25 -29.11
CA THR C 238 -16.89 27.38 -29.82
C THR C 238 -15.64 28.15 -30.18
N TYR C 239 -14.68 27.45 -30.76
CA TYR C 239 -13.32 27.95 -30.92
C TYR C 239 -12.84 27.70 -32.34
N GLN C 240 -11.73 28.36 -32.70
CA GLN C 240 -11.14 28.19 -34.02
C GLN C 240 -9.62 28.21 -33.91
N ALA C 241 -8.96 27.53 -34.83
CA ALA C 241 -7.48 27.48 -34.85
C ALA C 241 -7.02 27.08 -36.25
N TRP C 242 -5.72 27.20 -36.50
CA TRP C 242 -5.19 26.78 -37.81
C TRP C 242 -3.73 26.39 -37.69
N ALA C 243 -3.23 25.75 -38.75
CA ALA C 243 -1.81 25.43 -38.88
C ALA C 243 -1.43 25.54 -40.34
N SER C 244 -0.25 26.12 -40.62
CA SER C 244 0.13 26.33 -42.02
C SER C 244 1.57 25.93 -42.25
N ILE C 245 1.87 25.56 -43.49
CA ILE C 245 3.20 25.27 -43.97
C ILE C 245 3.37 25.87 -45.36
N GLU C 246 4.60 25.86 -45.82
CA GLU C 246 4.94 26.28 -47.17
CA GLU C 246 4.98 26.29 -47.16
C GLU C 246 5.65 25.13 -47.87
N LEU C 247 5.32 24.95 -49.15
CA LEU C 247 5.93 23.87 -49.95
C LEU C 247 6.46 24.37 -51.30
N SER C 252 7.54 17.12 -55.08
CA SER C 252 6.74 15.96 -55.46
C SER C 252 6.27 15.13 -54.24
N ASN C 253 6.28 15.76 -53.05
CA ASN C 253 5.86 15.11 -51.83
C ASN C 253 4.34 15.23 -51.64
N LEU C 254 3.80 14.43 -50.73
CA LEU C 254 2.37 14.42 -50.42
C LEU C 254 2.15 14.93 -49.00
N TYR C 255 1.41 16.02 -48.88
CA TYR C 255 1.18 16.69 -47.61
C TYR C 255 -0.24 16.40 -47.12
N SER C 256 -0.38 16.24 -45.82
CA SER C 256 -1.69 16.04 -45.22
CA SER C 256 -1.69 16.03 -45.22
C SER C 256 -1.75 16.78 -43.91
N CYS C 257 -2.92 17.32 -43.61
CA CYS C 257 -3.19 17.92 -42.32
C CYS C 257 -3.86 16.87 -41.42
N HIS C 258 -3.40 16.77 -40.18
CA HIS C 258 -3.92 15.81 -39.22
C HIS C 258 -4.51 16.57 -38.05
N VAL C 259 -5.71 16.20 -37.64
CA VAL C 259 -6.40 16.89 -36.56
C VAL C 259 -6.93 15.83 -35.60
N GLU C 260 -6.73 16.05 -34.31
CA GLU C 260 -7.35 15.18 -33.31
C GLU C 260 -8.15 16.04 -32.36
N HIS C 261 -9.39 15.65 -32.13
CA HIS C 261 -10.28 16.42 -31.26
C HIS C 261 -11.17 15.43 -30.54
N SER C 262 -11.16 15.49 -29.21
CA SER C 262 -12.04 14.70 -28.35
CA SER C 262 -12.05 14.70 -28.36
C SER C 262 -12.14 13.24 -28.81
N GLY C 263 -10.99 12.62 -29.08
CA GLY C 263 -11.01 11.21 -29.41
C GLY C 263 -11.33 10.86 -30.86
N VAL C 264 -11.41 11.84 -31.76
CA VAL C 264 -11.62 11.57 -33.17
C VAL C 264 -10.42 12.12 -33.95
N HIS C 265 -9.87 11.30 -34.84
N HIS C 265 -9.89 11.29 -34.84
CA HIS C 265 -8.74 11.72 -35.68
CA HIS C 265 -8.78 11.68 -35.69
C HIS C 265 -9.26 11.97 -37.08
C HIS C 265 -9.32 12.01 -37.08
N MET C 266 -8.73 13.02 -37.71
CA MET C 266 -9.15 13.44 -39.05
C MET C 266 -7.89 13.69 -39.88
N VAL C 267 -7.93 13.27 -41.15
CA VAL C 267 -6.81 13.50 -42.08
C VAL C 267 -7.35 14.19 -43.31
N LEU C 268 -6.66 15.25 -43.75
CA LEU C 268 -7.06 15.96 -44.95
C LEU C 268 -5.83 15.98 -45.85
N GLN C 269 -5.87 15.16 -46.91
CA GLN C 269 -4.76 15.05 -47.85
C GLN C 269 -4.86 16.16 -48.89
N VAL C 270 -3.73 16.79 -49.18
CA VAL C 270 -3.66 17.81 -50.22
C VAL C 270 -3.40 17.11 -51.55
N PRO C 271 -4.30 17.23 -52.55
CA PRO C 271 -4.21 16.51 -53.82
C PRO C 271 -3.30 17.20 -54.84
N GLY D 2 -28.65 17.46 7.46
CA GLY D 2 -27.68 18.55 7.50
C GLY D 2 -26.36 18.15 8.11
N GLN D 3 -25.66 19.11 8.71
CA GLN D 3 -24.34 18.90 9.29
C GLN D 3 -24.45 18.57 10.77
N ASN D 4 -23.66 17.59 11.21
CA ASN D 4 -23.71 17.15 12.59
CA ASN D 4 -23.71 17.13 12.58
C ASN D 4 -22.30 16.90 13.10
N ILE D 5 -22.06 17.29 14.35
CA ILE D 5 -20.86 16.96 15.07
C ILE D 5 -21.32 16.20 16.31
N ASP D 6 -20.77 15.01 16.54
CA ASP D 6 -21.17 14.20 17.69
C ASP D 6 -19.98 13.92 18.58
N GLN D 7 -20.14 14.21 19.87
CA GLN D 7 -19.19 13.82 20.89
C GLN D 7 -19.99 13.49 22.16
N PRO D 8 -19.51 12.56 22.98
CA PRO D 8 -20.31 12.14 24.14
C PRO D 8 -20.57 13.28 25.11
N THR D 9 -21.70 13.19 25.80
CA THR D 9 -22.03 14.22 26.79
C THR D 9 -21.02 14.24 27.93
N GLU D 10 -20.62 13.06 28.41
CA GLU D 10 -19.79 12.98 29.58
C GLU D 10 -18.91 11.74 29.52
N MET D 11 -17.70 11.82 30.06
CA MET D 11 -16.84 10.67 30.24
C MET D 11 -16.20 10.72 31.62
N THR D 12 -16.02 9.54 32.23
CA THR D 12 -15.35 9.42 33.52
C THR D 12 -14.20 8.44 33.40
N ALA D 13 -13.02 8.85 33.86
CA ALA D 13 -11.88 7.96 33.89
C ALA D 13 -11.14 8.17 35.20
N THR D 14 -10.14 7.34 35.44
CA THR D 14 -9.43 7.32 36.72
C THR D 14 -8.11 8.07 36.62
N GLU D 15 -7.80 8.81 37.69
CA GLU D 15 -6.54 9.54 37.78
C GLU D 15 -5.36 8.62 37.51
N GLY D 16 -4.42 9.10 36.71
CA GLY D 16 -3.29 8.31 36.28
C GLY D 16 -3.51 7.47 35.03
N ALA D 17 -4.77 7.23 34.65
CA ALA D 17 -5.08 6.39 33.49
C ALA D 17 -5.18 7.26 32.22
N ILE D 18 -5.87 6.75 31.19
N ILE D 18 -5.80 6.74 31.17
CA ILE D 18 -5.94 7.33 29.85
CA ILE D 18 -5.95 7.50 29.94
C ILE D 18 -7.40 7.46 29.44
C ILE D 18 -7.44 7.64 29.64
N VAL D 19 -7.74 8.53 28.71
CA VAL D 19 -9.10 8.67 28.16
C VAL D 19 -8.99 9.15 26.73
N GLN D 20 -9.85 8.61 25.87
CA GLN D 20 -9.92 9.01 24.46
C GLN D 20 -11.32 9.60 24.23
N ILE D 21 -11.38 10.87 23.84
CA ILE D 21 -12.66 11.54 23.60
C ILE D 21 -12.88 11.60 22.10
N ASN D 22 -13.92 10.92 21.62
CA ASN D 22 -14.23 10.84 20.20
C ASN D 22 -15.12 11.99 19.74
N CYS D 23 -14.90 12.39 18.50
CA CYS D 23 -15.71 13.43 17.84
C CYS D 23 -15.93 12.94 16.42
N THR D 24 -17.18 12.63 16.05
CA THR D 24 -17.47 12.28 14.67
C THR D 24 -18.18 13.46 14.00
N TYR D 25 -17.93 13.62 12.70
CA TYR D 25 -18.52 14.74 11.99
C TYR D 25 -19.08 14.28 10.65
N GLN D 26 -20.22 14.85 10.30
CA GLN D 26 -20.89 14.66 9.02
C GLN D 26 -21.12 16.08 8.53
N THR D 27 -20.23 16.56 7.68
CA THR D 27 -20.26 17.92 7.19
C THR D 27 -20.19 17.92 5.68
N SER D 28 -20.63 19.03 5.09
CA SER D 28 -20.44 19.25 3.65
CA SER D 28 -20.44 19.24 3.66
C SER D 28 -19.06 19.90 3.50
N GLY D 29 -18.06 19.07 3.23
CA GLY D 29 -16.69 19.54 3.13
C GLY D 29 -15.97 19.56 4.48
N PHE D 30 -14.65 19.74 4.40
CA PHE D 30 -13.83 19.61 5.59
C PHE D 30 -12.59 20.45 5.42
N ASN D 31 -12.38 21.39 6.32
CA ASN D 31 -11.19 22.23 6.25
C ASN D 31 -10.44 22.21 7.57
N GLY D 32 -10.64 21.18 8.38
CA GLY D 32 -9.90 21.04 9.63
C GLY D 32 -10.79 20.83 10.83
N LEU D 33 -10.22 20.22 11.88
CA LEU D 33 -10.93 19.90 13.10
C LEU D 33 -10.13 20.44 14.28
N PHE D 34 -10.80 21.20 15.14
CA PHE D 34 -10.20 21.77 16.34
C PHE D 34 -10.73 21.11 17.59
N TRP D 35 -9.88 21.07 18.61
CA TRP D 35 -10.27 20.76 19.97
C TRP D 35 -10.00 21.95 20.87
N TYR D 36 -10.94 22.25 21.76
CA TYR D 36 -10.78 23.30 22.76
C TYR D 36 -11.01 22.74 24.14
N GLN D 37 -10.28 23.24 25.12
CA GLN D 37 -10.54 22.92 26.52
C GLN D 37 -11.32 24.07 27.15
N GLN D 38 -12.32 23.73 27.98
CA GLN D 38 -13.08 24.74 28.72
C GLN D 38 -13.29 24.27 30.16
N HIS D 39 -12.52 24.83 31.08
CA HIS D 39 -12.77 24.61 32.50
C HIS D 39 -14.05 25.32 32.91
N ALA D 40 -14.75 24.74 33.90
CA ALA D 40 -16.02 25.28 34.36
C ALA D 40 -15.87 26.76 34.71
N GLY D 41 -16.78 27.58 34.19
CA GLY D 41 -16.74 28.99 34.47
C GLY D 41 -15.67 29.75 33.73
N GLU D 42 -14.91 29.10 32.85
CA GLU D 42 -13.81 29.71 32.12
C GLU D 42 -14.13 29.76 30.63
N ALA D 43 -13.27 30.40 29.87
CA ALA D 43 -13.38 30.48 28.42
C ALA D 43 -12.72 29.28 27.75
N PRO D 44 -13.21 28.87 26.57
CA PRO D 44 -12.51 27.80 25.85
C PRO D 44 -11.15 28.31 25.40
N THR D 45 -10.17 27.40 25.45
CA THR D 45 -8.83 27.66 24.96
CA THR D 45 -8.86 27.69 24.91
C THR D 45 -8.43 26.57 23.98
N PHE D 46 -7.72 26.96 22.92
CA PHE D 46 -7.31 26.06 21.84
C PHE D 46 -6.37 24.98 22.35
N LEU D 47 -6.65 23.72 22.00
CA LEU D 47 -5.76 22.60 22.24
C LEU D 47 -5.07 22.11 20.98
N SER D 48 -5.82 21.89 19.89
CA SER D 48 -5.20 21.20 18.76
C SER D 48 -6.00 21.44 17.49
N TYR D 49 -5.30 21.28 16.37
CA TYR D 49 -5.89 21.32 15.03
C TYR D 49 -5.36 20.13 14.24
N ASN D 50 -6.25 19.39 13.58
CA ASN D 50 -5.85 18.38 12.61
C ASN D 50 -6.58 18.65 11.30
N VAL D 51 -5.88 18.40 10.17
CA VAL D 51 -6.58 18.47 8.89
C VAL D 51 -6.12 17.35 7.95
N LEU D 52 -4.93 16.78 8.18
CA LEU D 52 -4.55 15.57 7.46
C LEU D 52 -4.60 14.37 8.41
N ASP D 53 -4.34 13.18 7.86
CA ASP D 53 -4.51 11.96 8.65
C ASP D 53 -3.31 11.67 9.54
N GLY D 54 -3.57 11.38 10.79
CA GLY D 54 -2.52 10.96 11.69
C GLY D 54 -2.78 11.46 13.10
N LEU D 55 -1.75 11.34 13.91
CA LEU D 55 -1.77 11.60 15.35
C LEU D 55 -0.72 12.65 15.64
N GLU D 56 -1.11 13.71 16.32
CA GLU D 56 -0.20 14.79 16.64
C GLU D 56 -0.15 14.88 18.15
N GLU D 57 1.03 14.68 18.71
CA GLU D 57 1.22 14.64 20.16
C GLU D 57 1.74 15.98 20.65
N LYS D 58 1.14 16.49 21.73
CA LYS D 58 1.57 17.73 22.39
C LYS D 58 1.52 17.46 23.90
N GLY D 59 2.63 16.99 24.44
CA GLY D 59 2.70 16.78 25.87
C GLY D 59 1.91 15.54 26.25
N ARG D 60 1.08 15.66 27.28
CA ARG D 60 0.22 14.56 27.67
C ARG D 60 -0.99 14.41 26.75
N PHE D 61 -1.19 15.32 25.80
CA PHE D 61 -2.35 15.34 24.92
C PHE D 61 -1.94 14.99 23.50
N SER D 62 -2.80 14.23 22.82
CA SER D 62 -2.61 13.89 21.43
C SER D 62 -3.95 14.01 20.73
N SER D 63 -3.93 14.41 19.46
CA SER D 63 -5.17 14.47 18.71
CA SER D 63 -5.15 14.51 18.68
C SER D 63 -4.97 13.73 17.38
N PHE D 64 -5.96 12.93 17.05
CA PHE D 64 -5.96 12.04 15.91
C PHE D 64 -7.09 12.41 14.95
N LEU D 65 -6.85 12.22 13.66
CA LEU D 65 -7.86 12.48 12.64
C LEU D 65 -7.82 11.34 11.62
N SER D 66 -8.99 10.86 11.23
CA SER D 66 -9.15 10.04 10.03
C SER D 66 -10.20 10.70 9.16
N ARG D 67 -9.77 11.30 8.03
CA ARG D 67 -10.76 11.94 7.16
C ARG D 67 -11.68 10.90 6.53
N SER D 68 -11.17 9.71 6.19
CA SER D 68 -12.04 8.77 5.49
C SER D 68 -13.11 8.19 6.42
N LYS D 69 -12.83 8.04 7.71
CA LYS D 69 -13.84 7.63 8.68
C LYS D 69 -14.59 8.80 9.29
N GLY D 70 -14.17 10.04 9.01
CA GLY D 70 -14.86 11.19 9.57
C GLY D 70 -14.86 11.26 11.09
N TYR D 71 -13.72 10.96 11.72
CA TYR D 71 -13.72 11.12 13.16
C TYR D 71 -12.35 11.55 13.64
N SER D 72 -12.35 12.12 14.83
CA SER D 72 -11.13 12.51 15.51
C SER D 72 -11.26 12.04 16.95
N TYR D 73 -10.13 11.91 17.63
CA TYR D 73 -10.21 11.79 19.08
C TYR D 73 -9.12 12.65 19.68
N LEU D 74 -9.38 13.08 20.90
CA LEU D 74 -8.40 13.72 21.75
C LEU D 74 -8.01 12.72 22.83
N LEU D 75 -6.71 12.53 23.04
CA LEU D 75 -6.18 11.48 23.91
C LEU D 75 -5.43 12.15 25.05
N LEU D 76 -5.89 11.92 26.27
CA LEU D 76 -5.25 12.46 27.48
C LEU D 76 -4.58 11.31 28.22
N LYS D 77 -3.27 11.40 28.38
CA LYS D 77 -2.53 10.36 29.10
C LYS D 77 -2.18 10.84 30.51
N GLU D 78 -1.96 9.88 31.41
CA GLU D 78 -1.58 10.18 32.78
C GLU D 78 -2.49 11.23 33.41
N LEU D 79 -3.78 10.89 33.49
CA LEU D 79 -4.78 11.87 33.87
C LEU D 79 -4.51 12.47 35.24
N GLN D 80 -4.63 13.80 35.34
CA GLN D 80 -4.60 14.51 36.60
C GLN D 80 -5.96 15.15 36.87
N MET D 81 -6.23 15.44 38.15
CA MET D 81 -7.50 16.06 38.52
C MET D 81 -7.75 17.34 37.73
N LYS D 82 -6.69 18.12 37.47
CA LYS D 82 -6.83 19.37 36.73
C LYS D 82 -7.32 19.14 35.30
N ASP D 83 -7.31 17.90 34.81
CA ASP D 83 -7.84 17.66 33.48
C ASP D 83 -9.35 17.69 33.45
N SER D 84 -10.01 17.75 34.63
CA SER D 84 -11.47 17.89 34.70
C SER D 84 -11.90 19.18 34.05
N ALA D 85 -12.71 19.06 33.01
CA ALA D 85 -13.02 20.19 32.15
C ALA D 85 -13.98 19.67 31.10
N SER D 86 -14.50 20.59 30.30
CA SER D 86 -15.22 20.22 29.09
C SER D 86 -14.26 20.34 27.92
N TYR D 87 -14.43 19.45 26.95
CA TYR D 87 -13.58 19.39 25.76
C TYR D 87 -14.50 19.54 24.57
N LEU D 88 -14.26 20.58 23.76
CA LEU D 88 -15.15 20.97 22.68
C LEU D 88 -14.49 20.63 21.37
N CYS D 89 -15.23 19.95 20.51
N CYS D 89 -15.19 19.91 20.50
CA CYS D 89 -14.80 19.68 19.15
CA CYS D 89 -14.66 19.72 19.16
C CYS D 89 -15.48 20.64 18.18
C CYS D 89 -15.45 20.54 18.15
N ALA D 90 -14.76 21.06 17.14
CA ALA D 90 -15.35 21.94 16.15
C ALA D 90 -14.72 21.69 14.80
N VAL D 91 -15.55 21.69 13.76
CA VAL D 91 -15.12 21.40 12.40
C VAL D 91 -15.38 22.59 11.50
N LYS D 92 -14.41 22.90 10.64
CA LYS D 92 -14.59 23.92 9.61
C LYS D 92 -15.09 23.23 8.35
N ASP D 93 -16.24 23.68 7.85
CA ASP D 93 -16.86 23.01 6.71
C ASP D 93 -16.36 23.65 5.42
N SER D 94 -17.00 23.30 4.30
CA SER D 94 -16.48 23.73 3.00
C SER D 94 -16.68 25.22 2.76
N ASN D 95 -17.58 25.86 3.52
CA ASN D 95 -17.78 27.31 3.49
C ASN D 95 -17.08 28.02 4.65
N TYR D 96 -16.18 27.31 5.32
CA TYR D 96 -15.35 27.83 6.41
C TYR D 96 -16.17 28.20 7.63
N GLN D 97 -17.41 27.73 7.70
CA GLN D 97 -18.18 27.87 8.93
C GLN D 97 -17.65 26.89 9.98
N LEU D 98 -17.56 27.35 11.22
CA LEU D 98 -17.13 26.49 12.34
CA LEU D 98 -17.14 26.48 12.33
C LEU D 98 -18.37 25.83 12.95
N ILE D 99 -18.44 24.50 12.87
CA ILE D 99 -19.57 23.76 13.42
C ILE D 99 -19.13 23.18 14.76
N TRP D 100 -19.84 23.51 15.83
CA TRP D 100 -19.40 23.16 17.17
C TRP D 100 -20.16 21.93 17.69
N GLY D 101 -19.43 20.97 18.23
CA GLY D 101 -20.04 19.93 19.03
C GLY D 101 -20.50 20.48 20.37
N ALA D 102 -21.32 19.70 21.05
CA ALA D 102 -21.93 20.14 22.31
C ALA D 102 -21.00 19.99 23.51
N GLY D 103 -19.82 19.43 23.31
CA GLY D 103 -18.86 19.32 24.38
C GLY D 103 -18.97 17.99 25.11
N THR D 104 -17.83 17.55 25.64
CA THR D 104 -17.74 16.38 26.50
C THR D 104 -17.21 16.84 27.85
N LYS D 105 -18.01 16.65 28.90
CA LYS D 105 -17.54 16.88 30.26
C LYS D 105 -16.72 15.69 30.75
N LEU D 106 -15.46 15.91 31.10
CA LEU D 106 -14.58 14.86 31.58
C LEU D 106 -14.50 14.94 33.09
N ILE D 107 -14.92 13.85 33.74
CA ILE D 107 -14.85 13.69 35.19
C ILE D 107 -13.71 12.72 35.52
N ILE D 108 -12.89 13.09 36.50
CA ILE D 108 -11.75 12.27 36.90
C ILE D 108 -12.00 11.74 38.31
N LYS D 109 -11.86 10.41 38.47
CA LYS D 109 -11.98 9.76 39.77
C LYS D 109 -10.62 9.74 40.44
N PRO D 110 -10.48 10.34 41.63
CA PRO D 110 -9.20 10.27 42.33
C PRO D 110 -8.93 8.85 42.80
N ASP D 111 -7.65 8.51 42.90
CA ASP D 111 -7.26 7.23 43.46
C ASP D 111 -7.20 7.39 44.97
N ILE D 112 -8.19 6.84 45.67
CA ILE D 112 -8.27 6.99 47.12
C ILE D 112 -7.43 5.89 47.75
N GLN D 113 -6.28 6.26 48.32
CA GLN D 113 -5.33 5.27 48.85
C GLN D 113 -5.90 4.53 50.05
N ASN D 114 -6.37 5.27 51.06
CA ASN D 114 -6.89 4.71 52.31
C ASN D 114 -8.30 5.24 52.54
N PRO D 115 -9.33 4.63 51.93
CA PRO D 115 -10.70 5.10 52.15
C PRO D 115 -11.13 4.94 53.60
N ASP D 116 -12.05 5.78 54.01
CA ASP D 116 -12.46 5.82 55.41
C ASP D 116 -13.85 6.45 55.46
N PRO D 117 -14.84 5.84 54.80
CA PRO D 117 -16.14 6.51 54.64
C PRO D 117 -16.75 6.85 55.99
N ALA D 118 -17.42 8.00 56.05
CA ALA D 118 -17.95 8.51 57.31
C ALA D 118 -18.93 9.63 56.99
N VAL D 119 -19.93 9.81 57.86
CA VAL D 119 -20.85 10.93 57.78
C VAL D 119 -20.73 11.71 59.09
N TYR D 120 -20.20 12.93 59.02
CA TYR D 120 -20.01 13.78 60.18
C TYR D 120 -21.02 14.91 60.20
N GLN D 121 -21.41 15.32 61.39
CA GLN D 121 -22.28 16.48 61.57
C GLN D 121 -21.43 17.68 61.96
N LEU D 122 -21.64 18.81 61.27
CA LEU D 122 -20.97 20.06 61.59
C LEU D 122 -22.02 21.04 62.09
N ARG D 123 -21.67 21.81 63.13
CA ARG D 123 -22.59 22.81 63.64
C ARG D 123 -22.21 24.20 63.16
N ASP D 124 -23.21 25.08 63.05
CA ASP D 124 -22.99 26.45 62.58
C ASP D 124 -22.05 27.20 63.52
N SER D 125 -21.15 27.99 62.93
CA SER D 125 -20.25 28.84 63.71
C SER D 125 -20.98 29.93 64.47
N LYS D 126 -22.25 30.20 64.14
CA LYS D 126 -23.12 31.11 64.88
C LYS D 126 -24.35 30.41 65.45
N SER D 127 -24.83 29.33 64.82
CA SER D 127 -25.88 28.44 65.36
C SER D 127 -27.20 29.16 65.66
N SER D 131 -28.22 22.48 60.81
CA SER D 131 -26.79 22.26 60.55
C SER D 131 -26.56 21.44 59.26
N VAL D 132 -25.33 20.96 59.09
CA VAL D 132 -24.88 20.36 57.85
C VAL D 132 -24.33 18.96 58.11
N CYS D 133 -24.54 18.06 57.15
CA CYS D 133 -24.02 16.68 57.21
C CYS D 133 -22.99 16.48 56.11
N LEU D 134 -21.82 15.93 56.47
CA LEU D 134 -20.70 15.77 55.55
C LEU D 134 -20.38 14.28 55.37
N PHE D 135 -20.68 13.75 54.17
CA PHE D 135 -20.24 12.42 53.79
C PHE D 135 -18.86 12.56 53.15
N THR D 136 -17.82 11.97 53.76
CA THR D 136 -16.48 12.22 53.26
C THR D 136 -15.62 10.95 53.31
N ASP D 137 -14.51 11.00 52.59
CA ASP D 137 -13.43 10.03 52.64
C ASP D 137 -13.83 8.67 52.06
N PHE D 138 -14.86 8.61 51.24
CA PHE D 138 -15.27 7.37 50.62
C PHE D 138 -14.50 7.13 49.33
N ASP D 139 -14.52 5.87 48.89
CA ASP D 139 -13.88 5.49 47.63
C ASP D 139 -14.61 6.07 46.42
N SER D 140 -13.85 6.35 45.36
CA SER D 140 -14.36 7.06 44.19
C SER D 140 -15.35 6.25 43.36
N GLN D 141 -15.52 4.97 43.67
CA GLN D 141 -16.56 4.17 43.04
C GLN D 141 -17.94 4.43 43.62
N THR D 142 -18.03 5.11 44.76
CA THR D 142 -19.29 5.50 45.36
C THR D 142 -19.93 6.66 44.60
N ASN D 143 -21.24 6.59 44.40
CA ASN D 143 -22.02 7.65 43.79
C ASN D 143 -23.02 8.21 44.78
N VAL D 144 -23.15 9.53 44.79
CA VAL D 144 -24.05 10.23 45.70
C VAL D 144 -25.29 10.64 44.92
N SER D 145 -26.45 10.14 45.34
CA SER D 145 -27.69 10.38 44.64
CA SER D 145 -27.70 10.39 44.65
C SER D 145 -28.33 11.69 45.10
N GLN D 146 -29.17 12.24 44.23
CA GLN D 146 -29.84 13.50 44.50
C GLN D 146 -30.86 13.33 45.62
N SER D 147 -31.23 14.46 46.20
CA SER D 147 -32.22 14.48 47.27
C SER D 147 -33.61 14.13 46.74
N LYS D 148 -34.32 13.26 47.45
CA LYS D 148 -35.69 12.92 47.10
C LYS D 148 -36.67 13.78 47.90
N ASP D 149 -36.83 13.48 49.20
CA ASP D 149 -37.66 14.29 50.08
C ASP D 149 -37.14 15.72 50.11
N SER D 150 -37.93 16.65 49.58
CA SER D 150 -37.42 17.99 49.34
C SER D 150 -37.45 18.83 50.61
N ASP D 151 -37.05 20.10 50.45
CA ASP D 151 -36.47 20.92 51.52
C ASP D 151 -35.27 20.24 52.17
N VAL D 152 -34.70 19.24 51.48
CA VAL D 152 -33.43 18.62 51.82
C VAL D 152 -32.53 18.72 50.59
N TYR D 153 -31.32 19.26 50.79
CA TYR D 153 -30.40 19.53 49.69
C TYR D 153 -29.16 18.68 49.86
N ILE D 154 -28.75 18.01 48.76
CA ILE D 154 -27.54 17.20 48.71
C ILE D 154 -26.72 17.67 47.52
N THR D 155 -25.42 17.88 47.73
CA THR D 155 -24.53 18.33 46.67
C THR D 155 -23.99 17.15 45.88
N ASP D 156 -23.43 17.46 44.70
CA ASP D 156 -22.62 16.48 44.00
C ASP D 156 -21.36 16.17 44.81
N LYS D 157 -20.74 15.04 44.44
CA LYS D 157 -19.45 14.68 45.00
C LYS D 157 -18.37 15.66 44.52
N CYS D 158 -17.51 16.07 45.45
CA CYS D 158 -16.41 17.01 45.22
C CYS D 158 -15.11 16.39 45.70
N VAL D 159 -14.00 16.70 45.01
CA VAL D 159 -12.68 16.18 45.35
C VAL D 159 -11.81 17.36 45.80
N LEU D 160 -11.26 17.28 47.01
CA LEU D 160 -10.29 18.26 47.47
C LEU D 160 -8.91 17.63 47.56
N ASP D 161 -7.89 18.48 47.41
CA ASP D 161 -6.49 18.06 47.35
C ASP D 161 -5.72 18.86 48.39
N MET D 162 -5.32 18.21 49.48
CA MET D 162 -4.44 18.84 50.46
C MET D 162 -3.02 18.70 49.93
N ARG D 163 -2.54 19.73 49.23
CA ARG D 163 -1.31 19.60 48.45
C ARG D 163 -0.11 19.30 49.33
N SER D 164 -0.03 19.94 50.50
CA SER D 164 1.12 19.75 51.37
C SER D 164 1.26 18.31 51.87
N MET D 165 0.15 17.57 51.96
CA MET D 165 0.20 16.21 52.48
C MET D 165 0.01 15.14 51.43
N ASP D 166 -0.06 15.51 50.14
CA ASP D 166 -0.33 14.56 49.06
C ASP D 166 -1.52 13.65 49.40
N PHE D 167 -2.67 14.30 49.61
CA PHE D 167 -3.88 13.64 50.10
C PHE D 167 -5.08 14.21 49.35
N LYS D 168 -5.88 13.33 48.75
CA LYS D 168 -7.14 13.70 48.13
C LYS D 168 -8.29 12.98 48.81
N SER D 169 -9.46 13.62 48.83
CA SER D 169 -10.63 12.98 49.41
C SER D 169 -11.89 13.46 48.73
N ASN D 170 -12.84 12.53 48.61
CA ASN D 170 -14.20 12.79 48.13
C ASN D 170 -15.08 13.31 49.25
N SER D 171 -16.09 14.10 48.89
CA SER D 171 -17.10 14.50 49.87
C SER D 171 -18.35 15.01 49.17
N ALA D 172 -19.47 14.89 49.87
CA ALA D 172 -20.72 15.55 49.50
C ALA D 172 -21.38 16.10 50.76
N VAL D 173 -22.19 17.15 50.61
CA VAL D 173 -22.81 17.83 51.74
C VAL D 173 -24.32 17.74 51.61
N ALA D 174 -24.99 17.51 52.75
CA ALA D 174 -26.44 17.48 52.83
C ALA D 174 -26.90 18.38 53.97
N TRP D 175 -28.01 19.09 53.76
CA TRP D 175 -28.55 19.93 54.82
C TRP D 175 -30.05 20.10 54.62
N SER D 176 -30.71 20.61 55.66
CA SER D 176 -32.17 20.81 55.66
C SER D 176 -32.60 21.59 56.90
N ASN D 177 -33.77 22.23 56.78
CA ASN D 177 -34.47 22.89 57.88
C ASN D 177 -35.51 22.02 58.56
N LYS D 178 -35.93 20.92 57.92
CA LYS D 178 -36.95 20.05 58.49
C LYS D 178 -36.48 19.45 59.81
N SER D 179 -37.44 19.22 60.72
CA SER D 179 -37.14 18.64 62.03
C SER D 179 -36.79 17.16 61.92
N ASP D 180 -37.35 16.46 60.92
CA ASP D 180 -37.08 15.04 60.72
C ASP D 180 -35.64 14.77 60.29
N PHE D 181 -34.97 15.75 59.70
CA PHE D 181 -33.66 15.53 59.08
C PHE D 181 -32.57 15.28 60.12
N ALA D 182 -31.85 14.17 59.95
CA ALA D 182 -30.68 13.87 60.75
C ALA D 182 -29.58 13.28 59.86
N CYS D 183 -28.33 13.39 60.32
CA CYS D 183 -27.22 12.90 59.51
C CYS D 183 -27.24 11.38 59.34
N ALA D 184 -28.00 10.66 60.16
CA ALA D 184 -28.07 9.22 60.01
C ALA D 184 -28.91 8.80 58.81
N ASN D 185 -29.84 9.65 58.39
CA ASN D 185 -30.72 9.36 57.27
C ASN D 185 -30.47 10.29 56.08
N ALA D 186 -29.43 11.14 56.16
CA ALA D 186 -29.24 12.18 55.16
C ALA D 186 -28.96 11.61 53.79
N PHE D 187 -28.16 10.54 53.71
CA PHE D 187 -27.72 9.97 52.45
C PHE D 187 -28.39 8.63 52.17
N ASN D 188 -29.59 8.41 52.71
CA ASN D 188 -30.30 7.15 52.49
C ASN D 188 -30.56 6.88 51.01
N ASN D 189 -30.75 7.92 50.19
CA ASN D 189 -31.01 7.70 48.77
C ASN D 189 -29.81 7.13 48.02
N SER D 190 -28.64 7.10 48.65
CA SER D 190 -27.41 6.67 48.00
C SER D 190 -26.98 5.31 48.54
N ILE D 191 -26.19 4.61 47.73
CA ILE D 191 -25.63 3.33 48.12
C ILE D 191 -24.27 3.61 48.73
N ILE D 192 -24.24 3.87 50.03
CA ILE D 192 -23.01 4.23 50.73
C ILE D 192 -22.32 2.96 51.22
N PRO D 193 -20.99 2.97 51.42
CA PRO D 193 -20.30 1.75 51.83
C PRO D 193 -20.83 1.18 53.14
N GLU D 194 -20.70 -0.13 53.29
CA GLU D 194 -21.28 -0.83 54.43
C GLU D 194 -20.61 -0.41 55.73
N ASP D 195 -19.28 -0.25 55.71
CA ASP D 195 -18.51 0.14 56.89
C ASP D 195 -18.46 1.66 57.10
N THR D 196 -19.43 2.41 56.59
CA THR D 196 -19.45 3.85 56.79
C THR D 196 -19.55 4.18 58.28
N PHE D 197 -18.62 4.99 58.78
CA PHE D 197 -18.58 5.35 60.18
C PHE D 197 -19.58 6.46 60.47
N PHE D 198 -20.56 6.17 61.33
CA PHE D 198 -21.55 7.13 61.80
C PHE D 198 -21.29 7.40 63.27
N PRO D 199 -20.65 8.51 63.64
CA PRO D 199 -20.34 8.77 65.05
C PRO D 199 -21.60 9.04 65.86
N SER D 200 -21.49 8.83 67.18
CA SER D 200 -22.59 9.13 68.10
C SER D 200 -22.46 10.52 68.70
N GLY E 4 -5.19 39.67 25.53
CA GLY E 4 -5.73 39.03 24.36
C GLY E 4 -7.05 39.66 23.95
N VAL E 5 -8.14 39.01 24.34
CA VAL E 5 -9.50 39.49 24.07
C VAL E 5 -10.08 39.96 25.38
N THR E 6 -10.58 41.19 25.40
CA THR E 6 -11.18 41.80 26.59
C THR E 6 -12.65 42.06 26.31
N GLN E 7 -13.55 41.41 27.07
CA GLN E 7 -14.97 41.72 26.94
C GLN E 7 -15.55 42.15 28.29
N THR E 8 -16.57 43.00 28.21
CA THR E 8 -17.29 43.52 29.36
C THR E 8 -18.77 43.61 29.03
N PRO E 9 -19.66 43.51 30.05
CA PRO E 9 -19.37 43.23 31.46
C PRO E 9 -19.24 41.73 31.72
N LYS E 10 -18.65 41.38 32.86
CA LYS E 10 -18.54 39.97 33.24
C LYS E 10 -19.89 39.41 33.67
N PHE E 11 -20.70 40.20 34.37
CA PHE E 11 -22.02 39.83 34.85
C PHE E 11 -23.00 40.98 34.64
N GLN E 12 -24.26 40.66 34.32
CA GLN E 12 -25.27 41.71 34.18
C GLN E 12 -26.66 41.12 34.39
N VAL E 13 -27.47 41.79 35.20
CA VAL E 13 -28.88 41.48 35.35
C VAL E 13 -29.66 42.52 34.56
N LEU E 14 -30.60 42.07 33.74
CA LEU E 14 -31.38 42.96 32.90
C LEU E 14 -32.85 42.74 33.13
N LYS E 15 -33.62 43.82 32.98
CA LYS E 15 -35.07 43.72 32.97
C LYS E 15 -35.54 43.53 31.53
N THR E 16 -36.59 42.72 31.35
CA THR E 16 -37.16 42.51 30.04
C THR E 16 -37.48 43.83 29.36
N GLY E 17 -37.07 43.97 28.10
CA GLY E 17 -37.28 45.18 27.34
C GLY E 17 -36.16 46.19 27.42
N GLN E 18 -35.24 46.05 28.38
CA GLN E 18 -34.09 46.94 28.45
C GLN E 18 -33.12 46.66 27.31
N SER E 19 -32.37 47.67 26.93
CA SER E 19 -31.32 47.49 25.96
C SER E 19 -29.99 47.35 26.69
N MET E 20 -29.00 46.78 25.99
CA MET E 20 -27.70 46.56 26.59
CA MET E 20 -27.70 46.58 26.59
C MET E 20 -26.68 46.34 25.48
N THR E 21 -25.48 46.83 25.69
CA THR E 21 -24.37 46.63 24.78
C THR E 21 -23.26 45.88 25.49
N LEU E 22 -22.76 44.81 24.88
CA LEU E 22 -21.57 44.12 25.35
CA LEU E 22 -21.57 44.12 25.35
C LEU E 22 -20.38 44.61 24.55
N GLN E 23 -19.28 44.85 25.23
CA GLN E 23 -18.06 45.35 24.59
C GLN E 23 -17.06 44.22 24.39
N CYS E 24 -16.35 44.27 23.26
CA CYS E 24 -15.24 43.35 23.02
C CYS E 24 -14.13 44.10 22.30
N ALA E 25 -12.92 44.02 22.84
CA ALA E 25 -11.75 44.58 22.19
C ALA E 25 -10.63 43.55 22.16
N GLN E 26 -9.89 43.50 21.05
CA GLN E 26 -8.72 42.64 20.95
C GLN E 26 -7.52 43.45 20.51
N ASP E 27 -6.39 43.23 21.17
CA ASP E 27 -5.13 43.91 20.92
CA ASP E 27 -5.13 43.91 20.90
C ASP E 27 -4.13 42.99 20.23
N MET E 28 -4.61 42.16 19.30
CA MET E 28 -3.76 41.20 18.62
C MET E 28 -3.68 41.44 17.12
N ASN E 29 -4.22 42.57 16.65
CA ASN E 29 -4.22 42.88 15.22
C ASN E 29 -4.94 41.80 14.42
N HIS E 30 -5.95 41.17 15.02
CA HIS E 30 -6.76 40.20 14.32
C HIS E 30 -7.75 40.87 13.40
N ASN E 31 -8.09 40.18 12.31
CA ASN E 31 -9.06 40.73 11.37
C ASN E 31 -10.48 40.24 11.60
N SER E 32 -10.67 39.03 12.14
CA SER E 32 -12.00 38.44 12.29
C SER E 32 -12.42 38.45 13.75
N MET E 33 -13.71 38.71 13.99
CA MET E 33 -14.27 38.72 15.34
C MET E 33 -15.67 38.12 15.32
N TYR E 34 -16.09 37.61 16.47
CA TYR E 34 -17.22 36.70 16.57
C TYR E 34 -17.93 36.95 17.88
N TRP E 35 -19.25 36.82 17.85
CA TRP E 35 -20.04 36.80 19.08
C TRP E 35 -20.82 35.51 19.13
N TYR E 36 -20.60 34.73 20.19
CA TYR E 36 -21.27 33.46 20.41
C TYR E 36 -22.08 33.52 21.68
N ARG E 37 -23.11 32.68 21.75
CA ARG E 37 -23.72 32.39 23.04
C ARG E 37 -23.52 30.90 23.33
N GLN E 38 -23.32 30.57 24.59
CA GLN E 38 -23.21 29.20 25.02
C GLN E 38 -24.38 28.84 25.93
N ASP E 39 -25.08 27.79 25.61
CA ASP E 39 -26.23 27.43 26.43
C ASP E 39 -26.10 25.97 26.82
N PRO E 40 -26.65 25.57 27.96
CA PRO E 40 -26.46 24.18 28.41
C PRO E 40 -27.00 23.20 27.38
N GLY E 41 -26.22 22.17 27.09
CA GLY E 41 -26.67 21.10 26.22
C GLY E 41 -26.52 21.32 24.74
N MET E 42 -25.90 22.42 24.31
CA MET E 42 -25.67 22.60 22.89
C MET E 42 -24.32 23.23 22.64
N GLY E 43 -23.82 23.09 21.42
CA GLY E 43 -22.58 23.72 21.04
C GLY E 43 -22.73 25.23 20.95
N LEU E 44 -21.59 25.92 21.01
CA LEU E 44 -21.55 27.36 20.78
C LEU E 44 -22.38 27.71 19.56
N ARG E 45 -23.15 28.79 19.66
CA ARG E 45 -23.96 29.24 18.54
C ARG E 45 -23.51 30.65 18.17
N LEU E 46 -23.18 30.83 16.90
CA LEU E 46 -22.74 32.13 16.39
C LEU E 46 -23.95 33.06 16.28
N ILE E 47 -23.81 34.26 16.83
CA ILE E 47 -24.85 35.27 16.76
C ILE E 47 -24.60 36.17 15.54
N TYR E 48 -23.45 36.85 15.51
CA TYR E 48 -22.96 37.63 14.39
C TYR E 48 -21.46 37.46 14.31
N TYR E 49 -20.90 37.74 13.14
CA TYR E 49 -19.45 37.79 13.02
C TYR E 49 -19.04 38.90 12.06
N SER E 50 -17.73 39.15 12.02
CA SER E 50 -17.16 40.24 11.26
C SER E 50 -15.85 39.69 10.67
N ALA E 51 -15.89 39.35 9.38
CA ALA E 51 -14.74 38.69 8.75
C ALA E 51 -13.54 39.60 8.61
N SER E 52 -13.76 40.91 8.55
CA SER E 52 -12.68 41.88 8.60
C SER E 52 -13.28 43.23 8.95
N GLU E 53 -12.41 44.19 9.16
CA GLU E 53 -12.87 45.54 9.43
C GLU E 53 -13.80 45.97 8.30
N GLY E 54 -14.90 46.61 8.65
CA GLY E 54 -15.73 47.10 7.56
C GLY E 54 -16.75 46.13 7.01
N THR E 55 -16.89 44.93 7.57
CA THR E 55 -18.03 44.09 7.20
C THR E 55 -18.48 43.25 8.39
N THR E 56 -19.78 42.98 8.44
CA THR E 56 -20.34 42.08 9.42
C THR E 56 -21.44 41.26 8.76
N ASP E 57 -21.79 40.14 9.39
CA ASP E 57 -22.89 39.34 8.88
C ASP E 57 -23.49 38.51 10.00
N LYS E 58 -24.74 38.09 9.77
CA LYS E 58 -25.48 37.28 10.72
CA LYS E 58 -25.46 37.28 10.73
C LYS E 58 -24.86 35.89 10.84
N GLY E 59 -24.94 35.34 12.05
CA GLY E 59 -24.59 33.96 12.31
C GLY E 59 -25.82 33.09 12.30
N GLU E 60 -25.84 32.11 13.21
CA GLU E 60 -26.96 31.18 13.26
C GLU E 60 -28.15 31.76 14.00
N VAL E 61 -27.92 32.61 14.98
CA VAL E 61 -29.02 33.07 15.83
C VAL E 61 -29.01 34.59 15.96
N PRO E 62 -29.13 35.34 14.86
CA PRO E 62 -29.02 36.79 14.96
C PRO E 62 -30.23 37.51 15.57
N ASN E 63 -31.40 36.87 15.69
CA ASN E 63 -32.62 37.62 16.00
C ASN E 63 -32.63 38.12 17.43
N GLY E 64 -32.87 39.42 17.61
CA GLY E 64 -32.80 40.06 18.90
C GLY E 64 -31.49 40.78 19.16
N TYR E 65 -30.52 40.66 18.27
CA TYR E 65 -29.21 41.26 18.45
C TYR E 65 -28.83 42.09 17.23
N ASN E 66 -27.87 42.98 17.43
N ASN E 66 -27.87 42.98 17.46
CA ASN E 66 -27.15 43.53 16.30
CA ASN E 66 -27.17 43.69 16.39
C ASN E 66 -25.74 43.87 16.76
C ASN E 66 -25.72 43.85 16.79
N VAL E 67 -24.86 44.10 15.80
CA VAL E 67 -23.44 44.30 16.08
C VAL E 67 -22.94 45.53 15.36
N SER E 68 -21.85 46.08 15.89
CA SER E 68 -21.06 47.09 15.19
C SER E 68 -19.60 46.72 15.27
N ARG E 69 -18.99 46.48 14.11
CA ARG E 69 -17.54 46.42 14.02
C ARG E 69 -17.10 47.88 14.00
N LEU E 70 -16.78 48.40 15.20
CA LEU E 70 -16.48 49.82 15.35
C LEU E 70 -15.20 50.20 14.63
N ASN E 71 -14.25 49.28 14.58
CA ASN E 71 -12.90 49.49 14.07
C ASN E 71 -12.24 48.12 14.12
N LYS E 72 -10.93 48.07 13.85
CA LYS E 72 -10.26 46.77 13.75
C LYS E 72 -10.21 46.07 15.10
N ARG E 73 -10.20 46.83 16.20
CA ARG E 73 -10.05 46.27 17.54
C ARG E 73 -11.37 45.86 18.17
N GLU E 74 -12.46 46.55 17.86
CA GLU E 74 -13.66 46.49 18.69
C GLU E 74 -14.86 45.99 17.90
N PHE E 75 -15.64 45.12 18.56
CA PHE E 75 -16.81 44.46 17.98
C PHE E 75 -17.85 44.40 19.10
N SER E 76 -18.84 45.29 19.07
CA SER E 76 -19.84 45.41 20.13
CA SER E 76 -19.80 45.35 20.15
C SER E 76 -21.09 44.61 19.78
N LEU E 77 -21.70 44.04 20.81
CA LEU E 77 -22.95 43.29 20.66
C LEU E 77 -24.06 44.03 21.38
N ARG E 78 -25.20 44.24 20.71
CA ARG E 78 -26.34 44.94 21.29
C ARG E 78 -27.54 44.01 21.42
N LEU E 79 -28.21 44.09 22.57
CA LEU E 79 -29.52 43.50 22.76
C LEU E 79 -30.49 44.66 22.73
N GLU E 80 -31.34 44.72 21.69
CA GLU E 80 -32.16 45.91 21.49
C GLU E 80 -33.27 46.00 22.53
N SER E 81 -33.95 44.87 22.78
CA SER E 81 -35.03 44.74 23.75
C SER E 81 -34.86 43.39 24.43
N ALA E 82 -34.20 43.38 25.59
CA ALA E 82 -33.80 42.12 26.22
C ALA E 82 -35.01 41.25 26.52
N ALA E 83 -34.92 39.98 26.14
CA ALA E 83 -35.91 38.98 26.43
C ALA E 83 -35.32 37.91 27.33
N PRO E 84 -36.14 37.26 28.16
CA PRO E 84 -35.63 36.18 29.01
C PRO E 84 -34.85 35.10 28.27
N SER E 85 -35.22 34.75 27.03
CA SER E 85 -34.49 33.72 26.29
C SER E 85 -33.06 34.14 25.99
N GLN E 86 -32.75 35.43 26.16
CA GLN E 86 -31.38 35.90 25.97
C GLN E 86 -30.52 35.73 27.22
N THR E 87 -31.07 35.18 28.31
CA THR E 87 -30.25 34.72 29.44
C THR E 87 -29.28 33.66 28.95
N SER E 88 -27.99 33.92 29.09
CA SER E 88 -27.01 33.03 28.49
C SER E 88 -25.61 33.47 28.93
N VAL E 89 -24.59 32.74 28.50
CA VAL E 89 -23.21 33.18 28.61
C VAL E 89 -22.75 33.55 27.20
N TYR E 90 -22.29 34.78 27.04
CA TYR E 90 -21.85 35.33 25.77
C TYR E 90 -20.33 35.35 25.73
N PHE E 91 -19.76 34.82 24.64
CA PHE E 91 -18.33 34.86 24.41
C PHE E 91 -18.05 35.60 23.13
N CYS E 92 -17.16 36.56 23.20
CA CYS E 92 -16.56 37.16 22.02
CA CYS E 92 -16.59 37.11 21.98
C CYS E 92 -15.27 36.42 21.72
N ALA E 93 -14.94 36.31 20.43
CA ALA E 93 -13.70 35.66 20.03
C ALA E 93 -13.10 36.40 18.84
N SER E 94 -11.81 36.16 18.60
CA SER E 94 -11.17 36.74 17.43
C SER E 94 -10.20 35.74 16.80
N SER E 95 -9.95 35.91 15.52
CA SER E 95 -8.94 35.09 14.85
C SER E 95 -8.23 35.97 13.84
N VAL E 96 -7.02 35.54 13.46
CA VAL E 96 -6.24 36.32 12.50
C VAL E 96 -7.07 36.54 11.23
N TRP E 97 -7.66 35.45 10.69
CA TRP E 97 -8.59 35.57 9.55
C TRP E 97 -9.72 34.55 9.68
N THR E 98 -10.73 34.67 8.80
CA THR E 98 -11.82 33.68 8.71
C THR E 98 -11.66 32.71 7.56
N GLY E 99 -11.35 33.22 6.37
CA GLY E 99 -11.28 32.39 5.18
C GLY E 99 -10.00 31.60 5.04
N GLU E 100 -9.35 31.29 6.17
CA GLU E 100 -8.15 30.47 6.18
CA GLU E 100 -8.14 30.49 6.24
C GLU E 100 -8.44 29.21 6.99
N GLY E 101 -7.41 28.37 7.14
CA GLY E 101 -7.66 27.08 7.69
C GLY E 101 -7.40 26.87 9.16
N SER E 102 -6.12 26.96 9.54
CA SER E 102 -5.66 26.45 10.82
C SER E 102 -5.81 27.44 11.94
N GLY E 103 -6.06 28.70 11.62
CA GLY E 103 -6.15 29.75 12.60
C GLY E 103 -7.22 29.50 13.62
N GLU E 104 -6.82 29.42 14.88
CA GLU E 104 -7.74 29.15 15.96
C GLU E 104 -8.41 30.43 16.48
N LEU E 105 -9.44 30.22 17.30
CA LEU E 105 -10.16 31.29 17.96
C LEU E 105 -9.53 31.62 19.30
N PHE E 106 -9.49 32.91 19.62
CA PHE E 106 -9.07 33.41 20.93
C PHE E 106 -10.32 33.99 21.60
N PHE E 107 -10.66 33.49 22.78
CA PHE E 107 -11.94 33.82 23.43
C PHE E 107 -11.77 34.85 24.55
N GLY E 108 -12.70 35.79 24.64
CA GLY E 108 -12.80 36.62 25.81
C GLY E 108 -13.24 35.80 27.02
N GLU E 109 -13.31 36.47 28.17
CA GLU E 109 -13.63 35.77 29.42
C GLU E 109 -15.09 35.38 29.57
N GLY E 110 -15.99 35.89 28.73
CA GLY E 110 -17.38 35.53 28.84
C GLY E 110 -18.18 36.54 29.64
N SER E 111 -19.43 36.76 29.22
CA SER E 111 -20.34 37.66 29.92
C SER E 111 -21.58 36.89 30.33
N ARG E 112 -21.90 36.90 31.61
CA ARG E 112 -23.07 36.17 32.10
C ARG E 112 -24.21 37.17 32.21
N LEU E 113 -25.22 37.03 31.35
CA LEU E 113 -26.39 37.90 31.32
C LEU E 113 -27.62 37.13 31.80
N THR E 114 -28.40 37.77 32.69
CA THR E 114 -29.65 37.20 33.16
C THR E 114 -30.75 38.22 32.94
N VAL E 115 -31.75 37.84 32.15
CA VAL E 115 -32.88 38.72 31.82
C VAL E 115 -34.08 38.27 32.64
N LEU E 116 -34.65 39.19 33.44
CA LEU E 116 -35.75 38.88 34.34
C LEU E 116 -36.96 39.77 34.03
N GLU E 117 -38.17 39.21 34.22
CA GLU E 117 -39.37 40.02 34.06
C GLU E 117 -39.41 41.17 35.07
N ASP E 118 -39.04 40.89 36.32
CA ASP E 118 -38.92 41.96 37.30
C ASP E 118 -37.77 41.65 38.24
N LEU E 119 -37.18 42.69 38.79
CA LEU E 119 -35.97 42.53 39.57
C LEU E 119 -36.25 42.11 41.00
N LYS E 120 -37.52 41.98 41.38
CA LYS E 120 -37.86 41.64 42.75
C LYS E 120 -37.51 40.21 43.17
N ASN E 121 -37.13 39.32 42.25
CA ASN E 121 -36.64 38.03 42.76
C ASN E 121 -35.14 38.04 42.99
N VAL E 122 -34.46 39.17 42.81
CA VAL E 122 -33.02 39.19 42.94
C VAL E 122 -32.66 39.23 44.42
N PHE E 123 -31.88 38.25 44.88
CA PHE E 123 -31.50 38.18 46.28
C PHE E 123 -30.02 37.89 46.40
N PRO E 124 -29.32 38.60 47.30
CA PRO E 124 -27.95 38.21 47.62
C PRO E 124 -27.95 36.94 48.45
N PRO E 125 -26.83 36.23 48.52
CA PRO E 125 -26.77 35.03 49.35
C PRO E 125 -26.66 35.38 50.82
N GLU E 126 -27.23 34.51 51.65
CA GLU E 126 -26.84 34.38 53.05
C GLU E 126 -25.76 33.33 53.15
N VAL E 127 -24.75 33.58 53.99
CA VAL E 127 -23.56 32.74 54.06
C VAL E 127 -23.34 32.29 55.50
N ALA E 128 -23.03 31.01 55.68
CA ALA E 128 -22.71 30.46 56.99
C ALA E 128 -21.53 29.51 56.88
N VAL E 129 -20.68 29.52 57.91
CA VAL E 129 -19.58 28.57 58.03
C VAL E 129 -19.93 27.59 59.13
N PHE E 130 -19.70 26.31 58.87
CA PHE E 130 -19.97 25.24 59.81
C PHE E 130 -18.62 24.66 60.22
N GLU E 131 -18.36 24.65 61.53
CA GLU E 131 -17.06 24.28 62.07
C GLU E 131 -16.86 22.77 62.03
N PRO E 132 -15.61 22.31 61.95
CA PRO E 132 -15.34 20.86 61.82
C PRO E 132 -15.94 20.04 62.95
N SER E 133 -16.30 18.80 62.62
CA SER E 133 -16.76 17.85 63.62
C SER E 133 -15.59 17.37 64.47
N GLU E 134 -15.72 17.46 65.80
CA GLU E 134 -14.72 16.87 66.68
C GLU E 134 -14.53 15.38 66.38
N ALA E 135 -15.60 14.68 66.00
CA ALA E 135 -15.49 13.28 65.62
C ALA E 135 -14.59 13.09 64.39
N GLU E 136 -14.63 14.05 63.44
CA GLU E 136 -13.72 13.97 62.30
C GLU E 136 -12.28 14.21 62.73
N ILE E 137 -12.05 15.27 63.51
CA ILE E 137 -10.73 15.51 64.06
C ILE E 137 -10.20 14.25 64.76
N SER E 138 -11.05 13.60 65.56
CA SER E 138 -10.61 12.43 66.31
C SER E 138 -10.37 11.24 65.40
N HIS E 139 -11.23 11.03 64.42
CA HIS E 139 -11.12 9.87 63.53
C HIS E 139 -9.99 10.00 62.52
N THR E 140 -9.63 11.23 62.11
CA THR E 140 -8.77 11.41 60.94
C THR E 140 -7.59 12.35 61.16
N GLN E 141 -7.58 13.14 62.22
CA GLN E 141 -6.61 14.21 62.43
C GLN E 141 -6.74 15.32 61.39
N LYS E 142 -7.87 15.36 60.68
CA LYS E 142 -8.15 16.43 59.73
CA LYS E 142 -8.15 16.42 59.72
C LYS E 142 -9.45 17.12 60.11
N ALA E 143 -9.59 18.36 59.65
CA ALA E 143 -10.72 19.20 60.02
C ALA E 143 -11.30 19.85 58.77
N THR E 144 -12.55 19.51 58.44
CA THR E 144 -13.24 20.06 57.27
C THR E 144 -14.19 21.17 57.72
N LEU E 145 -13.98 22.38 57.22
CA LEU E 145 -14.96 23.45 57.35
C LEU E 145 -15.88 23.42 56.13
N VAL E 146 -17.14 23.78 56.32
CA VAL E 146 -18.11 23.83 55.21
C VAL E 146 -18.75 25.22 55.18
N CYS E 147 -18.81 25.82 54.00
CA CYS E 147 -19.48 27.09 53.78
C CYS E 147 -20.75 26.85 52.97
N LEU E 148 -21.89 27.43 53.41
CA LEU E 148 -23.13 27.38 52.65
C LEU E 148 -23.51 28.79 52.23
N ALA E 149 -23.74 28.98 50.94
CA ALA E 149 -24.28 30.21 50.38
C ALA E 149 -25.67 29.87 49.85
N THR E 150 -26.71 30.50 50.40
CA THR E 150 -28.07 30.06 50.17
C THR E 150 -28.99 31.23 49.84
N GLY E 151 -30.08 30.90 49.15
CA GLY E 151 -31.15 31.84 48.90
C GLY E 151 -30.85 32.91 47.89
N PHE E 152 -29.83 32.73 47.04
CA PHE E 152 -29.46 33.80 46.13
C PHE E 152 -30.04 33.62 44.74
N TYR E 153 -30.14 34.73 44.03
CA TYR E 153 -30.70 34.74 42.69
C TYR E 153 -30.35 36.07 42.01
N PRO E 154 -29.92 36.06 40.76
CA PRO E 154 -29.67 34.87 39.94
C PRO E 154 -28.37 34.13 40.36
N ASP E 155 -27.93 33.15 39.56
CA ASP E 155 -26.75 32.36 39.93
CA ASP E 155 -26.76 32.36 39.94
C ASP E 155 -25.49 33.09 39.46
N HIS E 156 -25.17 34.15 40.17
CA HIS E 156 -24.04 35.02 39.83
C HIS E 156 -23.16 35.15 41.06
N VAL E 157 -22.45 34.08 41.44
CA VAL E 157 -21.62 34.10 42.65
C VAL E 157 -20.23 33.53 42.36
N GLU E 158 -19.27 33.97 43.18
CA GLU E 158 -17.90 33.48 43.18
C GLU E 158 -17.53 33.32 44.64
N LEU E 159 -17.23 32.08 45.06
CA LEU E 159 -16.92 31.77 46.45
C LEU E 159 -15.42 31.56 46.61
N SER E 160 -14.88 32.03 47.74
CA SER E 160 -13.45 31.89 47.99
C SER E 160 -13.21 31.76 49.48
N TRP E 161 -12.15 31.05 49.85
CA TRP E 161 -11.77 30.87 51.24
C TRP E 161 -10.57 31.74 51.56
N TRP E 162 -10.58 32.33 52.76
CA TRP E 162 -9.54 33.23 53.21
C TRP E 162 -9.10 32.77 54.60
N VAL E 163 -7.79 32.50 54.74
CA VAL E 163 -7.21 32.10 56.02
C VAL E 163 -6.20 33.19 56.43
N ASN E 164 -6.39 33.75 57.63
CA ASN E 164 -5.53 34.83 58.14
C ASN E 164 -5.40 35.97 57.13
N GLY E 165 -6.48 36.23 56.40
CA GLY E 165 -6.52 37.35 55.48
C GLY E 165 -5.86 37.11 54.14
N LYS E 166 -5.49 35.88 53.83
CA LYS E 166 -4.97 35.53 52.53
C LYS E 166 -5.84 34.43 51.92
N GLU E 167 -6.13 34.54 50.62
CA GLU E 167 -6.96 33.53 49.96
C GLU E 167 -6.17 32.25 49.77
N VAL E 168 -6.83 31.12 50.01
CA VAL E 168 -6.20 29.80 49.91
C VAL E 168 -6.91 28.98 48.83
N HIS E 169 -6.17 28.02 48.28
CA HIS E 169 -6.70 27.10 47.31
C HIS E 169 -6.45 25.64 47.64
N SER E 170 -5.47 25.33 48.47
CA SER E 170 -5.20 23.96 48.84
C SER E 170 -6.23 23.48 49.86
N GLY E 171 -6.69 22.24 49.68
CA GLY E 171 -7.68 21.70 50.57
C GLY E 171 -9.09 22.23 50.38
N VAL E 172 -9.35 22.97 49.30
CA VAL E 172 -10.66 23.53 49.01
C VAL E 172 -11.30 22.77 47.87
N CYS E 173 -12.60 22.56 47.95
CA CYS E 173 -13.41 22.14 46.81
CA CYS E 173 -13.36 22.23 46.76
C CYS E 173 -14.77 22.81 46.90
N THR E 174 -15.18 23.51 45.85
CA THR E 174 -16.43 24.22 45.79
C THR E 174 -17.29 23.59 44.70
N ASP E 175 -18.58 23.39 44.99
CA ASP E 175 -19.49 22.84 43.98
C ASP E 175 -19.29 23.59 42.66
N PRO E 176 -19.18 22.88 41.53
CA PRO E 176 -19.02 23.58 40.25
C PRO E 176 -20.26 24.35 39.84
N GLN E 177 -21.45 23.87 40.21
CA GLN E 177 -22.69 24.58 39.93
C GLN E 177 -23.54 24.60 41.20
N PRO E 178 -24.24 25.69 41.47
CA PRO E 178 -25.18 25.70 42.59
C PRO E 178 -26.38 24.82 42.29
N LEU E 179 -27.08 24.42 43.36
CA LEU E 179 -28.30 23.64 43.18
C LEU E 179 -29.52 24.53 43.37
N LYS E 180 -30.67 24.07 42.88
CA LYS E 180 -31.90 24.85 42.92
C LYS E 180 -32.63 24.55 44.23
N GLU E 181 -32.96 25.60 44.98
CA GLU E 181 -33.64 25.34 46.25
C GLU E 181 -35.08 24.98 46.03
N GLN E 182 -35.62 25.30 44.86
CA GLN E 182 -37.01 25.00 44.51
C GLN E 182 -37.01 24.44 43.10
N PRO E 183 -36.54 23.20 42.92
CA PRO E 183 -36.21 22.73 41.56
C PRO E 183 -37.39 22.72 40.62
N ALA E 184 -38.61 22.79 41.14
CA ALA E 184 -39.82 22.88 40.32
C ALA E 184 -39.99 24.26 39.70
N LEU E 185 -39.61 25.32 40.41
CA LEU E 185 -39.92 26.68 39.98
C LEU E 185 -38.94 27.18 38.91
N ASN E 186 -39.47 27.90 37.92
CA ASN E 186 -38.63 28.46 36.87
C ASN E 186 -37.62 29.47 37.42
N ASP E 187 -37.99 30.19 38.47
CA ASP E 187 -37.19 31.22 39.09
C ASP E 187 -36.67 30.77 40.44
N SER E 188 -36.31 29.49 40.57
CA SER E 188 -35.82 28.98 41.84
C SER E 188 -34.61 29.77 42.31
N ARG E 189 -34.51 29.97 43.63
CA ARG E 189 -33.25 30.50 44.14
C ARG E 189 -32.24 29.36 44.28
N TYR E 190 -31.00 29.73 44.61
CA TYR E 190 -29.87 28.81 44.50
C TYR E 190 -29.10 28.68 45.81
N ALA E 191 -28.38 27.55 45.94
CA ALA E 191 -27.51 27.27 47.06
C ALA E 191 -26.21 26.70 46.53
N LEU E 192 -25.11 27.07 47.16
CA LEU E 192 -23.78 26.63 46.78
C LEU E 192 -23.05 26.20 48.05
N SER E 193 -22.29 25.11 47.98
CA SER E 193 -21.51 24.68 49.13
C SER E 193 -20.03 24.59 48.75
N SER E 194 -19.19 24.76 49.77
CA SER E 194 -17.75 24.60 49.61
C SER E 194 -17.20 23.93 50.86
N ARG E 195 -16.09 23.20 50.70
CA ARG E 195 -15.37 22.64 51.84
C ARG E 195 -13.93 23.19 51.85
N LEU E 196 -13.41 23.46 53.05
CA LEU E 196 -11.99 23.70 53.26
C LEU E 196 -11.52 22.73 54.34
N ARG E 197 -10.55 21.88 53.99
CA ARG E 197 -10.03 20.88 54.92
C ARG E 197 -8.58 21.21 55.26
N VAL E 198 -8.31 21.36 56.56
CA VAL E 198 -6.97 21.60 57.08
C VAL E 198 -6.68 20.50 58.08
N SER E 199 -5.42 20.46 58.53
CA SER E 199 -5.05 19.52 59.59
C SER E 199 -5.73 19.90 60.89
N ALA E 200 -5.97 18.90 61.73
CA ALA E 200 -6.53 19.16 63.04
C ALA E 200 -5.70 20.21 63.79
N THR E 201 -4.36 20.10 63.70
CA THR E 201 -3.48 21.05 64.37
C THR E 201 -3.80 22.48 63.98
N PHE E 202 -3.88 22.73 62.68
CA PHE E 202 -4.13 24.09 62.20
C PHE E 202 -5.49 24.59 62.69
N TRP E 203 -6.49 23.72 62.74
CA TRP E 203 -7.81 24.13 63.22
C TRP E 203 -7.76 24.46 64.71
N GLN E 204 -7.02 23.68 65.50
CA GLN E 204 -7.00 23.85 66.95
C GLN E 204 -6.20 25.08 67.40
N ASN E 205 -5.48 25.74 66.49
CA ASN E 205 -4.73 26.95 66.82
C ASN E 205 -5.64 28.17 66.81
N PRO E 206 -5.85 28.84 67.94
CA PRO E 206 -6.79 29.98 67.98
C PRO E 206 -6.30 31.25 67.29
N ARG E 207 -5.08 31.27 66.78
CA ARG E 207 -4.58 32.40 66.01
C ARG E 207 -4.94 32.32 64.53
N ASN E 208 -5.70 31.31 64.12
CA ASN E 208 -6.07 31.14 62.72
C ASN E 208 -7.50 31.59 62.49
N HIS E 209 -7.66 32.48 61.52
CA HIS E 209 -8.95 33.04 61.14
C HIS E 209 -9.38 32.43 59.82
N PHE E 210 -10.59 31.86 59.79
CA PHE E 210 -11.14 31.23 58.60
C PHE E 210 -12.34 32.03 58.13
N ARG E 211 -12.33 32.42 56.86
CA ARG E 211 -13.44 33.21 56.33
C ARG E 211 -13.81 32.71 54.94
N CYS E 212 -15.09 32.45 54.73
CA CYS E 212 -15.62 32.13 53.41
CA CYS E 212 -15.57 32.14 53.39
C CYS E 212 -16.30 33.37 52.87
N GLN E 213 -15.91 33.78 51.67
CA GLN E 213 -16.36 34.99 51.02
C GLN E 213 -17.12 34.66 49.74
N VAL E 214 -18.32 35.20 49.61
CA VAL E 214 -19.11 35.04 48.39
C VAL E 214 -19.30 36.42 47.79
N GLN E 215 -18.67 36.66 46.64
CA GLN E 215 -19.03 37.79 45.80
C GLN E 215 -20.31 37.50 45.02
N PHE E 216 -21.28 38.40 45.11
CA PHE E 216 -22.54 38.29 44.41
C PHE E 216 -22.63 39.45 43.43
N TYR E 217 -23.14 39.15 42.24
CA TYR E 217 -23.33 40.17 41.21
C TYR E 217 -24.82 40.31 41.00
N GLY E 218 -25.34 41.50 41.32
CA GLY E 218 -26.77 41.75 41.30
C GLY E 218 -27.11 43.00 40.54
N LEU E 219 -27.86 43.88 41.18
CA LEU E 219 -28.29 45.12 40.54
C LEU E 219 -27.17 46.16 40.61
N SER E 220 -27.23 47.12 39.69
CA SER E 220 -26.27 48.21 39.63
C SER E 220 -26.86 49.46 40.26
N GLU E 221 -26.02 50.49 40.38
CA GLU E 221 -26.47 51.78 40.88
C GLU E 221 -27.65 52.32 40.09
N ASN E 222 -27.61 52.18 38.75
CA ASN E 222 -28.64 52.76 37.91
C ASN E 222 -29.98 52.06 38.00
N ASP E 223 -30.08 50.96 38.76
CA ASP E 223 -31.33 50.22 38.86
C ASP E 223 -32.23 50.84 39.93
N GLU E 224 -33.49 51.05 39.61
CA GLU E 224 -34.42 51.66 40.55
C GLU E 224 -34.97 50.60 41.51
N TRP E 225 -35.02 50.94 42.80
CA TRP E 225 -35.43 50.00 43.83
C TRP E 225 -36.32 50.70 44.84
N THR E 226 -37.48 50.12 45.15
CA THR E 226 -38.42 50.77 46.06
C THR E 226 -38.91 49.86 47.18
N GLN E 227 -38.35 48.66 47.30
CA GLN E 227 -38.92 47.71 48.24
C GLN E 227 -38.46 48.01 49.66
N ASP E 228 -39.13 47.34 50.60
CA ASP E 228 -38.71 47.37 52.00
C ASP E 228 -37.26 46.92 52.15
N ARG E 229 -36.95 45.71 51.66
CA ARG E 229 -35.64 45.14 51.86
C ARG E 229 -34.58 45.94 51.11
N ALA E 230 -33.34 45.81 51.59
CA ALA E 230 -32.22 46.49 50.97
C ALA E 230 -32.09 46.09 49.50
N LYS E 231 -31.75 47.07 48.67
CA LYS E 231 -31.50 46.83 47.26
C LYS E 231 -30.46 45.71 47.07
N PRO E 232 -30.75 44.68 46.26
CA PRO E 232 -29.82 43.53 46.12
C PRO E 232 -28.73 43.82 45.11
N VAL E 233 -27.83 44.74 45.49
CA VAL E 233 -26.77 45.19 44.61
C VAL E 233 -25.62 44.18 44.65
N THR E 234 -24.71 44.29 43.70
CA THR E 234 -23.47 43.54 43.75
C THR E 234 -22.78 43.81 45.09
N GLN E 235 -22.36 42.74 45.75
CA GLN E 235 -21.88 42.90 47.12
C GLN E 235 -21.16 41.62 47.50
N ILE E 236 -20.42 41.70 48.61
CA ILE E 236 -19.75 40.55 49.21
C ILE E 236 -20.50 40.20 50.49
N VAL E 237 -20.75 38.92 50.69
CA VAL E 237 -21.33 38.42 51.94
C VAL E 237 -20.38 37.35 52.46
N SER E 238 -19.90 37.52 53.69
CA SER E 238 -18.95 36.58 54.28
C SER E 238 -19.50 35.99 55.56
N ALA E 239 -18.86 34.88 55.95
CA ALA E 239 -19.03 34.27 57.25
C ALA E 239 -17.65 33.77 57.69
N GLU E 240 -17.43 33.71 59.00
CA GLU E 240 -16.10 33.43 59.52
C GLU E 240 -16.17 32.49 60.70
N ALA E 241 -15.03 31.86 61.01
CA ALA E 241 -14.85 31.09 62.22
C ALA E 241 -13.40 31.22 62.69
N TRP E 242 -13.19 31.20 64.00
CA TRP E 242 -11.86 31.15 64.58
C TRP E 242 -11.52 29.72 65.01
N GLY E 243 -10.23 29.37 64.89
CA GLY E 243 -9.72 28.16 65.50
C GLY E 243 -10.17 27.93 66.93
N ARG E 244 -10.64 26.72 67.24
CA ARG E 244 -11.24 26.41 68.53
C ARG E 244 -10.42 25.42 69.37
N ALA E 245 -11.07 24.74 70.32
CA ALA E 245 -10.39 23.90 71.33
C ALA E 245 -9.51 22.83 70.72
N MET F 1 10.52 46.49 -13.68
CA MET F 1 9.15 46.07 -13.89
C MET F 1 8.91 45.74 -15.37
N ILE F 2 8.29 44.58 -15.62
CA ILE F 2 8.10 44.11 -16.98
C ILE F 2 6.64 44.31 -17.34
N GLN F 3 6.38 45.21 -18.29
CA GLN F 3 5.05 45.39 -18.87
C GLN F 3 4.98 44.67 -20.21
N ARG F 4 3.81 44.12 -20.52
CA ARG F 4 3.63 43.33 -21.72
C ARG F 4 2.50 43.91 -22.56
N THR F 5 2.79 44.21 -23.81
CA THR F 5 1.86 44.93 -24.67
C THR F 5 0.86 43.93 -25.24
N PRO F 6 -0.39 44.34 -25.51
CA PRO F 6 -1.39 43.35 -25.90
C PRO F 6 -1.16 42.79 -27.30
N LYS F 7 -1.36 41.47 -27.42
CA LYS F 7 -1.65 40.87 -28.73
C LYS F 7 -3.09 41.17 -29.10
N ILE F 8 -3.33 41.46 -30.38
CA ILE F 8 -4.63 41.91 -30.86
C ILE F 8 -4.98 41.14 -32.12
N GLN F 9 -6.04 40.35 -32.06
CA GLN F 9 -6.44 39.47 -33.15
C GLN F 9 -7.89 39.74 -33.52
N VAL F 10 -8.11 40.09 -34.77
CA VAL F 10 -9.40 40.49 -35.33
C VAL F 10 -9.82 39.42 -36.33
N TYR F 11 -11.02 38.84 -36.15
CA TYR F 11 -11.39 37.71 -36.98
C TYR F 11 -12.90 37.52 -36.93
N SER F 12 -13.48 36.97 -38.00
CA SER F 12 -14.91 36.72 -38.00
C SER F 12 -15.23 35.40 -37.28
N ARG F 13 -16.46 35.35 -36.72
CA ARG F 13 -16.92 34.13 -36.04
C ARG F 13 -16.96 32.94 -36.98
N HIS F 14 -17.52 33.14 -38.17
CA HIS F 14 -17.66 32.19 -39.26
C HIS F 14 -16.81 32.64 -40.44
N PRO F 15 -16.37 31.73 -41.30
CA PRO F 15 -15.72 32.14 -42.55
C PRO F 15 -16.53 33.23 -43.23
N ALA F 16 -15.84 34.30 -43.64
CA ALA F 16 -16.52 35.52 -44.04
C ALA F 16 -16.92 35.49 -45.52
N GLU F 17 -18.04 36.14 -45.81
CA GLU F 17 -18.55 36.25 -47.17
C GLU F 17 -19.31 37.56 -47.26
N ASN F 18 -18.89 38.42 -48.19
CA ASN F 18 -19.55 39.72 -48.33
C ASN F 18 -21.05 39.52 -48.50
N GLY F 19 -21.83 40.33 -47.79
CA GLY F 19 -23.26 40.28 -47.87
C GLY F 19 -23.92 39.29 -46.95
N LYS F 20 -23.17 38.45 -46.25
CA LYS F 20 -23.74 37.47 -45.32
C LYS F 20 -23.44 37.87 -43.88
N SER F 21 -24.47 37.82 -43.05
CA SER F 21 -24.38 38.23 -41.65
C SER F 21 -23.41 37.34 -40.88
N ASN F 22 -22.74 37.94 -39.90
CA ASN F 22 -21.58 37.32 -39.24
C ASN F 22 -21.33 38.07 -37.94
N PHE F 23 -20.27 37.71 -37.24
CA PHE F 23 -19.82 38.47 -36.08
C PHE F 23 -18.33 38.74 -36.21
N LEU F 24 -17.93 39.94 -35.82
CA LEU F 24 -16.54 40.36 -35.86
C LEU F 24 -16.00 40.34 -34.42
N ASN F 25 -14.93 39.59 -34.21
CA ASN F 25 -14.30 39.43 -32.90
C ASN F 25 -13.01 40.22 -32.84
N CYS F 26 -12.71 40.80 -31.68
CA CYS F 26 -11.37 41.30 -31.38
C CYS F 26 -10.94 40.68 -30.07
N TYR F 27 -9.92 39.82 -30.13
CA TYR F 27 -9.41 39.11 -28.97
C TYR F 27 -8.10 39.79 -28.56
N VAL F 28 -8.07 40.35 -27.37
CA VAL F 28 -6.95 41.15 -26.90
C VAL F 28 -6.35 40.43 -25.71
N SER F 29 -5.07 40.08 -25.76
CA SER F 29 -4.58 39.09 -24.81
C SER F 29 -3.11 39.30 -24.52
N GLY F 30 -2.64 38.63 -23.46
CA GLY F 30 -1.24 38.63 -23.12
C GLY F 30 -0.72 39.94 -22.56
N PHE F 31 -1.59 40.84 -22.14
CA PHE F 31 -1.12 42.14 -21.67
C PHE F 31 -1.02 42.17 -20.14
N HIS F 32 -0.15 43.05 -19.65
CA HIS F 32 0.05 43.32 -18.23
C HIS F 32 0.69 44.69 -18.13
N PRO F 33 0.19 45.58 -17.27
CA PRO F 33 -0.92 45.43 -16.31
C PRO F 33 -2.30 45.50 -16.97
N SER F 34 -3.35 45.59 -16.14
CA SER F 34 -4.70 45.21 -16.57
C SER F 34 -5.52 46.35 -17.19
N ASP F 35 -5.19 47.61 -16.93
CA ASP F 35 -5.97 48.70 -17.53
C ASP F 35 -5.83 48.67 -19.05
N ILE F 36 -6.96 48.73 -19.75
CA ILE F 36 -6.93 48.65 -21.21
C ILE F 36 -8.23 49.24 -21.74
N GLU F 37 -8.18 49.79 -22.93
CA GLU F 37 -9.37 50.29 -23.61
C GLU F 37 -9.41 49.68 -24.99
N VAL F 38 -10.60 49.23 -25.41
CA VAL F 38 -10.80 48.53 -26.66
C VAL F 38 -12.07 49.05 -27.30
N ASP F 39 -11.99 49.40 -28.58
CA ASP F 39 -13.14 49.81 -29.37
C ASP F 39 -13.09 49.10 -30.71
N LEU F 40 -14.27 48.74 -31.23
CA LEU F 40 -14.39 48.26 -32.61
C LEU F 40 -14.79 49.43 -33.50
N LEU F 41 -14.13 49.55 -34.67
CA LEU F 41 -14.35 50.63 -35.61
C LEU F 41 -14.90 50.11 -36.94
N LYS F 42 -15.78 50.92 -37.55
CA LYS F 42 -16.25 50.73 -38.92
C LYS F 42 -15.92 52.01 -39.68
N ASN F 43 -15.04 51.91 -40.67
CA ASN F 43 -14.59 53.07 -41.44
C ASN F 43 -14.12 54.19 -40.52
N GLY F 44 -13.37 53.82 -39.47
CA GLY F 44 -12.76 54.79 -38.58
C GLY F 44 -13.64 55.27 -37.45
N GLU F 45 -14.91 54.89 -37.43
CA GLU F 45 -15.86 55.39 -36.45
C GLU F 45 -16.16 54.29 -35.44
N ARG F 46 -16.29 54.69 -34.18
CA ARG F 46 -16.54 53.74 -33.11
C ARG F 46 -17.92 53.09 -33.28
N ILE F 47 -17.96 51.77 -33.15
CA ILE F 47 -19.21 51.04 -33.17
C ILE F 47 -19.81 51.08 -31.78
N GLU F 48 -21.12 51.36 -31.70
CA GLU F 48 -21.76 51.51 -30.39
C GLU F 48 -22.28 50.20 -29.84
N LYS F 49 -22.73 49.29 -30.69
CA LYS F 49 -23.38 48.06 -30.24
C LYS F 49 -22.33 46.95 -30.18
N VAL F 50 -21.54 46.97 -29.11
CA VAL F 50 -20.40 46.06 -28.95
C VAL F 50 -20.55 45.30 -27.64
N GLU F 51 -20.46 43.97 -27.70
CA GLU F 51 -20.41 43.11 -26.54
C GLU F 51 -18.97 42.90 -26.10
N HIS F 52 -18.78 42.60 -24.83
CA HIS F 52 -17.44 42.21 -24.42
C HIS F 52 -17.51 41.35 -23.17
N SER F 53 -16.57 40.42 -23.09
CA SER F 53 -16.39 39.63 -21.89
C SER F 53 -15.78 40.49 -20.79
N ASP F 54 -15.84 39.99 -19.56
CA ASP F 54 -15.11 40.62 -18.48
C ASP F 54 -13.61 40.34 -18.64
N LEU F 55 -12.79 41.18 -18.00
CA LEU F 55 -11.37 40.90 -17.88
C LEU F 55 -11.15 39.46 -17.43
N SER F 56 -10.25 38.75 -18.12
CA SER F 56 -10.00 37.34 -17.86
C SER F 56 -8.53 37.15 -17.51
N PHE F 57 -8.24 36.05 -16.80
CA PHE F 57 -6.92 35.83 -16.22
C PHE F 57 -6.25 34.61 -16.83
N SER F 58 -5.00 34.76 -17.25
CA SER F 58 -4.23 33.63 -17.74
C SER F 58 -3.27 33.12 -16.67
N LYS F 59 -2.91 31.84 -16.79
CA LYS F 59 -2.00 31.28 -15.80
C LYS F 59 -0.60 31.88 -15.88
N ASP F 60 -0.22 32.52 -16.98
CA ASP F 60 1.05 33.23 -17.00
C ASP F 60 0.96 34.65 -16.44
N TRP F 61 -0.17 35.01 -15.82
CA TRP F 61 -0.39 36.25 -15.04
C TRP F 61 -0.81 37.41 -15.95
N SER F 62 -0.86 37.22 -17.27
CA SER F 62 -1.41 38.24 -18.15
C SER F 62 -2.93 38.14 -18.20
N PHE F 63 -3.55 39.05 -18.95
CA PHE F 63 -4.99 39.20 -19.01
C PHE F 63 -5.44 39.12 -20.46
N TYR F 64 -6.74 38.85 -20.63
CA TYR F 64 -7.31 38.79 -21.98
C TYR F 64 -8.78 39.16 -21.94
N LEU F 65 -9.30 39.55 -23.11
CA LEU F 65 -10.66 40.03 -23.27
CA LEU F 65 -10.72 39.80 -23.23
C LEU F 65 -11.12 39.72 -24.69
N LEU F 66 -12.43 39.58 -24.86
CA LEU F 66 -13.03 39.42 -26.18
C LEU F 66 -14.09 40.50 -26.35
N TYR F 67 -13.96 41.29 -27.42
CA TYR F 67 -14.96 42.24 -27.89
C TYR F 67 -15.55 41.73 -29.19
N TYR F 68 -16.85 41.94 -29.40
CA TYR F 68 -17.42 41.49 -30.65
C TYR F 68 -18.70 42.28 -30.95
N THR F 69 -19.10 42.22 -32.22
CA THR F 69 -20.28 42.91 -32.70
C THR F 69 -20.82 42.15 -33.91
N GLU F 70 -22.14 42.15 -34.06
CA GLU F 70 -22.73 41.58 -35.28
C GLU F 70 -22.47 42.53 -36.44
N PHE F 71 -22.20 41.97 -37.62
CA PHE F 71 -21.94 42.81 -38.77
C PHE F 71 -22.15 42.02 -40.06
N THR F 72 -22.30 42.75 -41.16
CA THR F 72 -22.31 42.12 -42.49
C THR F 72 -21.17 42.67 -43.31
N PRO F 73 -20.12 41.88 -43.57
CA PRO F 73 -18.99 42.40 -44.36
C PRO F 73 -19.42 42.83 -45.76
N THR F 74 -18.87 43.96 -46.20
CA THR F 74 -18.97 44.40 -47.59
C THR F 74 -17.57 44.66 -48.11
N GLU F 75 -17.46 44.74 -49.44
CA GLU F 75 -16.18 45.12 -50.05
C GLU F 75 -15.75 46.50 -49.56
N LYS F 76 -16.69 47.43 -49.41
CA LYS F 76 -16.34 48.82 -49.16
C LYS F 76 -16.05 49.10 -47.69
N ASP F 77 -16.63 48.35 -46.76
CA ASP F 77 -16.53 48.68 -45.35
C ASP F 77 -15.23 48.13 -44.76
N GLU F 78 -14.48 49.00 -44.07
CA GLU F 78 -13.24 48.61 -43.41
C GLU F 78 -13.45 48.53 -41.90
N TYR F 79 -13.17 47.37 -41.32
CA TYR F 79 -13.34 47.15 -39.90
C TYR F 79 -11.99 47.08 -39.19
N ALA F 80 -11.99 47.43 -37.90
CA ALA F 80 -10.73 47.48 -37.16
C ALA F 80 -11.02 47.48 -35.66
N CYS F 81 -10.01 47.09 -34.90
CA CYS F 81 -10.03 47.07 -33.45
C CYS F 81 -9.01 48.09 -32.94
N ARG F 82 -9.44 49.02 -32.09
CA ARG F 82 -8.58 50.09 -31.56
C ARG F 82 -8.29 49.80 -30.09
N VAL F 83 -7.02 49.73 -29.73
CA VAL F 83 -6.61 49.32 -28.39
C VAL F 83 -5.63 50.34 -27.82
N ASN F 84 -5.84 50.71 -26.54
CA ASN F 84 -4.87 51.52 -25.83
C ASN F 84 -4.52 50.82 -24.52
N HIS F 85 -3.28 51.00 -24.10
CA HIS F 85 -2.66 50.32 -22.97
C HIS F 85 -1.43 51.14 -22.60
N VAL F 86 -0.94 50.98 -21.37
CA VAL F 86 0.16 51.82 -20.91
C VAL F 86 1.41 51.58 -21.75
N THR F 87 1.55 50.39 -22.34
CA THR F 87 2.71 50.09 -23.16
C THR F 87 2.67 50.80 -24.51
N LEU F 88 1.59 51.49 -24.84
CA LEU F 88 1.41 52.08 -26.15
C LEU F 88 1.43 53.59 -26.03
N SER F 89 2.20 54.25 -26.90
CA SER F 89 2.26 55.71 -26.86
CA SER F 89 2.25 55.70 -26.85
C SER F 89 0.99 56.34 -27.40
N GLN F 90 0.31 55.67 -28.33
CA GLN F 90 -0.96 56.13 -28.86
C GLN F 90 -1.82 54.90 -29.10
N PRO F 91 -3.13 55.05 -29.18
CA PRO F 91 -3.99 53.90 -29.49
C PRO F 91 -3.51 53.19 -30.75
N LYS F 92 -3.49 51.86 -30.72
CA LYS F 92 -3.11 51.06 -31.87
C LYS F 92 -4.38 50.63 -32.61
N ILE F 93 -4.44 50.88 -33.91
CA ILE F 93 -5.58 50.48 -34.74
C ILE F 93 -5.18 49.27 -35.55
N VAL F 94 -5.84 48.13 -35.32
CA VAL F 94 -5.52 46.86 -36.00
C VAL F 94 -6.65 46.55 -36.97
N LYS F 95 -6.31 46.51 -38.26
CA LYS F 95 -7.33 46.31 -39.29
C LYS F 95 -7.69 44.84 -39.47
N TRP F 96 -8.98 44.57 -39.63
CA TRP F 96 -9.41 43.22 -39.96
C TRP F 96 -8.87 42.84 -41.34
N ASP F 97 -8.29 41.65 -41.44
CA ASP F 97 -7.73 41.16 -42.70
C ASP F 97 -8.79 40.56 -43.63
N ARG F 98 -10.09 40.78 -43.36
CA ARG F 98 -11.20 40.34 -44.19
C ARG F 98 -11.23 38.83 -44.38
N ASP F 99 -10.67 38.08 -43.42
CA ASP F 99 -10.67 36.61 -43.45
C ASP F 99 -9.84 36.10 -44.62
N MET F 100 -8.81 36.84 -45.01
CA MET F 100 -7.80 36.38 -45.97
C MET F 100 -7.01 35.19 -45.41
N GLY G 2 29.61 -29.26 0.53
CA GLY G 2 28.62 -28.24 0.22
C GLY G 2 28.37 -28.07 -1.27
N GLN G 3 27.11 -27.91 -1.66
CA GLN G 3 26.75 -27.70 -3.05
C GLN G 3 26.92 -26.23 -3.42
N ASN G 4 27.36 -25.98 -4.65
CA ASN G 4 27.68 -24.62 -5.05
CA ASN G 4 27.68 -24.62 -5.06
C ASN G 4 27.42 -24.44 -6.53
N ILE G 5 26.88 -23.28 -6.90
CA ILE G 5 26.67 -22.90 -8.29
CA ILE G 5 26.72 -22.92 -8.28
C ILE G 5 27.34 -21.54 -8.47
N ASP G 6 28.17 -21.40 -9.48
CA ASP G 6 28.89 -20.15 -9.68
C ASP G 6 28.67 -19.58 -11.07
N GLN G 7 28.42 -18.28 -11.14
CA GLN G 7 28.37 -17.58 -12.42
C GLN G 7 28.87 -16.15 -12.22
N PRO G 8 29.42 -15.53 -13.25
CA PRO G 8 29.96 -14.17 -13.06
C PRO G 8 28.85 -13.20 -12.67
N THR G 9 29.24 -12.17 -11.91
CA THR G 9 28.26 -11.18 -11.47
C THR G 9 27.70 -10.37 -12.65
N GLU G 10 28.55 -10.03 -13.60
CA GLU G 10 28.18 -9.03 -14.60
C GLU G 10 29.03 -9.30 -15.83
N MET G 11 28.42 -9.14 -17.01
CA MET G 11 29.16 -9.14 -18.25
C MET G 11 28.68 -7.99 -19.12
N THR G 12 29.61 -7.40 -19.88
CA THR G 12 29.26 -6.30 -20.77
C THR G 12 29.73 -6.64 -22.18
N ALA G 13 28.84 -6.51 -23.17
CA ALA G 13 29.20 -6.80 -24.55
C ALA G 13 28.53 -5.78 -25.48
N THR G 14 28.91 -5.83 -26.76
CA THR G 14 28.45 -4.82 -27.70
CA THR G 14 28.46 -4.83 -27.72
C THR G 14 27.30 -5.35 -28.55
N GLU G 15 26.33 -4.47 -28.80
CA GLU G 15 25.22 -4.75 -29.67
C GLU G 15 25.73 -5.40 -30.95
N GLY G 16 25.07 -6.47 -31.37
CA GLY G 16 25.45 -7.15 -32.58
C GLY G 16 26.44 -8.27 -32.37
N ALA G 17 27.06 -8.36 -31.21
CA ALA G 17 28.13 -9.32 -31.00
C ALA G 17 27.59 -10.58 -30.31
N ILE G 18 28.47 -11.36 -29.68
CA ILE G 18 28.13 -12.65 -29.08
C ILE G 18 28.62 -12.64 -27.63
N VAL G 19 27.86 -13.25 -26.73
CA VAL G 19 28.34 -13.35 -25.36
C VAL G 19 28.09 -14.77 -24.86
N GLN G 20 29.03 -15.28 -24.07
CA GLN G 20 28.94 -16.63 -23.50
C GLN G 20 28.90 -16.47 -21.99
N ILE G 21 27.78 -16.86 -21.38
CA ILE G 21 27.60 -16.73 -19.94
C ILE G 21 27.81 -18.09 -19.32
N ASN G 22 28.78 -18.18 -18.41
CA ASN G 22 29.19 -19.47 -17.85
C ASN G 22 28.49 -19.77 -16.53
N CYS G 23 28.25 -21.05 -16.30
CA CYS G 23 27.70 -21.54 -15.04
C CYS G 23 28.47 -22.79 -14.69
N THR G 24 29.12 -22.83 -13.51
CA THR G 24 29.79 -24.03 -13.05
C THR G 24 29.10 -24.49 -11.79
N TYR G 25 28.96 -25.79 -11.64
CA TYR G 25 28.24 -26.30 -10.48
C TYR G 25 29.00 -27.44 -9.84
N GLN G 26 28.86 -27.53 -8.52
CA GLN G 26 29.38 -28.65 -7.73
C GLN G 26 28.19 -29.09 -6.90
N THR G 27 27.56 -30.20 -7.29
CA THR G 27 26.34 -30.59 -6.64
C THR G 27 26.42 -32.04 -6.25
N SER G 28 25.54 -32.40 -5.32
CA SER G 28 25.37 -33.80 -4.93
CA SER G 28 25.36 -33.80 -4.95
C SER G 28 24.38 -34.41 -5.93
N GLY G 29 24.93 -34.93 -7.04
CA GLY G 29 24.12 -35.53 -8.09
C GLY G 29 23.61 -34.49 -9.09
N PHE G 30 23.03 -34.99 -10.19
CA PHE G 30 22.66 -34.08 -11.28
C PHE G 30 21.44 -34.58 -12.02
N ASN G 31 20.39 -33.75 -12.06
CA ASN G 31 19.14 -34.08 -12.76
C ASN G 31 18.75 -32.98 -13.75
N GLY G 32 19.70 -32.17 -14.19
CA GLY G 32 19.40 -31.16 -15.18
C GLY G 32 19.82 -29.75 -14.81
N LEU G 33 20.07 -28.94 -15.83
CA LEU G 33 20.49 -27.56 -15.62
C LEU G 33 19.59 -26.64 -16.42
N PHE G 34 19.10 -25.59 -15.76
CA PHE G 34 18.16 -24.63 -16.31
C PHE G 34 18.83 -23.26 -16.43
N TRP G 35 18.49 -22.54 -17.48
CA TRP G 35 18.72 -21.10 -17.58
C TRP G 35 17.38 -20.38 -17.61
N TYR G 36 17.28 -19.30 -16.82
CA TYR G 36 16.15 -18.38 -16.78
C TYR G 36 16.62 -16.97 -17.11
N GLN G 37 15.76 -16.18 -17.74
CA GLN G 37 16.05 -14.77 -17.96
C GLN G 37 15.19 -13.95 -17.02
N GLN G 38 15.79 -12.92 -16.42
CA GLN G 38 15.03 -12.06 -15.49
C GLN G 38 15.33 -10.59 -15.85
N HIS G 39 14.40 -9.93 -16.52
CA HIS G 39 14.56 -8.50 -16.73
C HIS G 39 14.45 -7.74 -15.41
N ALA G 40 15.05 -6.56 -15.37
CA ALA G 40 15.03 -5.76 -14.14
C ALA G 40 13.60 -5.45 -13.73
N GLY G 41 13.28 -5.72 -12.47
CA GLY G 41 11.94 -5.54 -11.94
C GLY G 41 10.93 -6.59 -12.35
N GLU G 42 11.31 -7.62 -13.08
CA GLU G 42 10.38 -8.60 -13.65
CA GLU G 42 10.32 -8.57 -13.57
C GLU G 42 10.61 -9.96 -13.03
N ALA G 43 9.73 -10.95 -13.39
CA ALA G 43 9.91 -12.31 -12.91
C ALA G 43 10.86 -13.09 -13.82
N PRO G 44 11.60 -14.05 -13.26
CA PRO G 44 12.39 -14.95 -14.11
C PRO G 44 11.46 -15.73 -15.02
N THR G 45 11.90 -15.94 -16.28
CA THR G 45 11.18 -16.78 -17.22
CA THR G 45 11.18 -16.76 -17.23
C THR G 45 12.12 -17.82 -17.82
N PHE G 46 11.57 -19.00 -18.06
CA PHE G 46 12.36 -20.14 -18.54
C PHE G 46 12.99 -19.88 -19.91
N LEU G 47 14.30 -20.17 -20.04
CA LEU G 47 15.03 -20.13 -21.33
C LEU G 47 15.41 -21.50 -21.87
N SER G 48 16.03 -22.37 -21.05
CA SER G 48 16.62 -23.57 -21.63
C SER G 48 16.85 -24.61 -20.55
N TYR G 49 16.95 -25.86 -20.97
CA TYR G 49 17.19 -27.00 -20.10
C TYR G 49 18.17 -27.92 -20.79
N ASN G 50 19.21 -28.33 -20.08
CA ASN G 50 20.14 -29.33 -20.60
C ASN G 50 20.31 -30.42 -19.56
N VAL G 51 20.44 -31.68 -20.01
CA VAL G 51 20.74 -32.75 -19.06
C VAL G 51 21.70 -33.79 -19.63
N LEU G 52 21.75 -33.95 -20.96
CA LEU G 52 22.84 -34.71 -21.58
C LEU G 52 23.87 -33.74 -22.13
N ASP G 53 25.00 -34.28 -22.57
CA ASP G 53 26.11 -33.43 -23.00
C ASP G 53 25.86 -32.86 -24.39
N GLY G 54 26.30 -31.62 -24.61
CA GLY G 54 26.26 -31.09 -25.96
C GLY G 54 25.55 -29.76 -26.01
N LEU G 55 25.41 -29.26 -27.23
CA LEU G 55 24.87 -27.94 -27.53
C LEU G 55 23.45 -28.04 -28.04
N GLU G 56 22.56 -27.18 -27.54
CA GLU G 56 21.19 -27.11 -28.01
C GLU G 56 20.85 -25.67 -28.43
N GLU G 57 20.32 -25.49 -29.65
CA GLU G 57 20.01 -24.16 -30.17
C GLU G 57 18.52 -23.85 -30.07
N LYS G 58 18.20 -22.60 -29.72
CA LYS G 58 16.84 -22.07 -29.66
C LYS G 58 16.91 -20.65 -30.24
N GLY G 59 16.85 -20.54 -31.56
CA GLY G 59 16.94 -19.21 -32.17
C GLY G 59 18.32 -18.60 -31.97
N ARG G 60 18.33 -17.37 -31.45
CA ARG G 60 19.59 -16.65 -31.20
C ARG G 60 20.34 -17.16 -29.99
N PHE G 61 19.70 -17.98 -29.15
CA PHE G 61 20.29 -18.47 -27.91
C PHE G 61 20.58 -19.94 -28.07
N SER G 62 21.74 -20.37 -27.57
N SER G 62 21.74 -20.36 -27.56
CA SER G 62 22.05 -21.79 -27.45
CA SER G 62 22.11 -21.76 -27.47
C SER G 62 22.54 -22.07 -26.04
C SER G 62 22.57 -22.07 -26.05
N SER G 63 22.41 -23.32 -25.62
CA SER G 63 22.90 -23.69 -24.29
C SER G 63 23.65 -25.01 -24.37
N PHE G 64 24.79 -25.05 -23.69
CA PHE G 64 25.75 -26.15 -23.73
C PHE G 64 25.88 -26.75 -22.35
N LEU G 65 26.15 -28.06 -22.30
CA LEU G 65 26.36 -28.76 -21.03
C LEU G 65 27.52 -29.75 -21.17
N SER G 66 28.40 -29.77 -20.19
CA SER G 66 29.36 -30.87 -19.99
C SER G 66 29.18 -31.39 -18.58
N ARG G 67 28.59 -32.60 -18.44
CA ARG G 67 28.39 -33.17 -17.12
C ARG G 67 29.71 -33.50 -16.44
N SER G 68 30.68 -34.04 -17.19
CA SER G 68 31.92 -34.43 -16.53
C SER G 68 32.71 -33.22 -16.03
N LYS G 69 32.59 -32.07 -16.70
CA LYS G 69 33.31 -30.89 -16.26
C LYS G 69 32.48 -30.01 -15.35
N GLY G 70 31.19 -30.33 -15.14
CA GLY G 70 30.32 -29.58 -14.27
C GLY G 70 30.12 -28.13 -14.73
N TYR G 71 29.90 -27.91 -16.01
N TYR G 71 29.75 -27.95 -15.99
CA TYR G 71 29.62 -26.53 -16.41
CA TYR G 71 29.81 -26.64 -16.62
C TYR G 71 28.70 -26.48 -17.61
C TYR G 71 28.73 -26.49 -17.70
N SER G 72 28.09 -25.32 -17.76
CA SER G 72 27.15 -25.02 -18.81
C SER G 72 27.46 -23.61 -19.28
N TYR G 73 27.15 -23.30 -20.53
CA TYR G 73 27.09 -21.88 -20.85
C TYR G 73 25.84 -21.59 -21.67
N LEU G 74 25.42 -20.34 -21.56
CA LEU G 74 24.33 -19.79 -22.35
CA LEU G 74 24.34 -19.79 -22.35
C LEU G 74 24.97 -18.86 -23.38
N LEU G 75 24.75 -19.15 -24.66
CA LEU G 75 25.37 -18.39 -25.73
C LEU G 75 24.31 -17.49 -26.37
N LEU G 76 24.52 -16.18 -26.34
CA LEU G 76 23.60 -15.24 -26.99
C LEU G 76 24.30 -14.63 -28.19
N LYS G 77 23.74 -14.83 -29.39
CA LYS G 77 24.26 -14.27 -30.63
C LYS G 77 23.46 -13.04 -31.07
N GLU G 78 24.10 -12.23 -31.92
CA GLU G 78 23.48 -11.06 -32.53
C GLU G 78 22.77 -10.20 -31.48
N LEU G 79 23.55 -9.83 -30.47
CA LEU G 79 23.01 -9.21 -29.27
C LEU G 79 22.20 -7.97 -29.60
N GLN G 80 21.05 -7.83 -28.95
CA GLN G 80 20.23 -6.64 -29.07
C GLN G 80 20.06 -6.00 -27.70
N MET G 81 19.68 -4.73 -27.70
CA MET G 81 19.44 -4.06 -26.43
C MET G 81 18.43 -4.81 -25.57
N LYS G 82 17.43 -5.45 -26.20
CA LYS G 82 16.43 -6.15 -25.39
C LYS G 82 16.98 -7.38 -24.66
N ASP G 83 18.17 -7.85 -25.00
CA ASP G 83 18.85 -8.92 -24.24
C ASP G 83 19.39 -8.44 -22.90
N SER G 84 19.37 -7.14 -22.63
CA SER G 84 19.86 -6.66 -21.33
C SER G 84 18.97 -7.16 -20.22
N ALA G 85 19.54 -7.96 -19.33
CA ALA G 85 18.75 -8.64 -18.32
C ALA G 85 19.72 -9.39 -17.43
N SER G 86 19.21 -10.02 -16.37
CA SER G 86 20.02 -11.00 -15.66
C SER G 86 19.66 -12.40 -16.12
N TYR G 87 20.68 -13.27 -16.13
CA TYR G 87 20.53 -14.65 -16.56
C TYR G 87 20.90 -15.53 -15.39
N LEU G 88 19.96 -16.40 -14.98
CA LEU G 88 20.07 -17.20 -13.78
C LEU G 88 20.20 -18.66 -14.18
N CYS G 89 21.18 -19.34 -13.63
CA CYS G 89 21.39 -20.76 -13.84
CA CYS G 89 21.30 -20.76 -13.87
C CYS G 89 20.93 -21.51 -12.61
N ALA G 90 20.35 -22.69 -12.80
CA ALA G 90 19.89 -23.47 -11.65
C ALA G 90 20.06 -24.95 -11.97
N VAL G 91 20.45 -25.73 -10.97
CA VAL G 91 20.74 -27.15 -11.14
CA VAL G 91 20.71 -27.15 -11.14
C VAL G 91 19.83 -27.94 -10.20
N LYS G 92 19.27 -29.03 -10.72
CA LYS G 92 18.55 -30.03 -9.91
C LYS G 92 19.54 -31.05 -9.40
N ASP G 93 19.58 -31.23 -8.07
CA ASP G 93 20.51 -32.18 -7.48
C ASP G 93 19.87 -33.57 -7.37
N SER G 94 20.56 -34.51 -6.69
CA SER G 94 20.09 -35.89 -6.60
CA SER G 94 20.10 -35.90 -6.58
C SER G 94 18.72 -36.00 -5.94
N ASN G 95 18.40 -35.09 -5.02
CA ASN G 95 17.09 -35.10 -4.39
C ASN G 95 16.11 -34.16 -5.11
N TYR G 96 16.41 -33.77 -6.34
CA TYR G 96 15.51 -32.95 -7.14
C TYR G 96 15.31 -31.56 -6.57
N GLN G 97 16.22 -31.12 -5.70
CA GLN G 97 16.19 -29.76 -5.18
CA GLN G 97 16.17 -29.77 -5.19
C GLN G 97 16.88 -28.84 -6.16
N LEU G 98 16.26 -27.69 -6.45
CA LEU G 98 16.82 -26.70 -7.38
C LEU G 98 17.80 -25.81 -6.64
N ILE G 99 19.06 -25.81 -7.06
CA ILE G 99 20.06 -24.93 -6.48
CA ILE G 99 20.10 -24.95 -6.50
C ILE G 99 20.31 -23.79 -7.47
N TRP G 100 20.15 -22.54 -6.99
CA TRP G 100 20.15 -21.37 -7.88
C TRP G 100 21.48 -20.61 -7.82
N GLY G 101 22.01 -20.28 -9.00
CA GLY G 101 23.11 -19.33 -9.06
C GLY G 101 22.65 -17.91 -8.77
N ALA G 102 23.60 -17.05 -8.40
CA ALA G 102 23.27 -15.68 -8.03
C ALA G 102 22.94 -14.79 -9.22
N GLY G 103 23.17 -15.25 -10.43
CA GLY G 103 22.74 -14.54 -11.62
C GLY G 103 23.86 -13.73 -12.24
N THR G 104 23.79 -13.59 -13.57
CA THR G 104 24.73 -12.75 -14.30
C THR G 104 23.96 -11.61 -14.95
N LYS G 105 24.28 -10.38 -14.57
CA LYS G 105 23.67 -9.21 -15.20
C LYS G 105 24.40 -8.92 -16.51
N LEU G 106 23.67 -8.91 -17.61
CA LEU G 106 24.26 -8.68 -18.92
C LEU G 106 23.94 -7.24 -19.35
N ILE G 107 24.99 -6.46 -19.63
CA ILE G 107 24.87 -5.06 -20.05
C ILE G 107 25.29 -5.00 -21.50
N ILE G 108 24.48 -4.35 -22.34
CA ILE G 108 24.72 -4.29 -23.78
C ILE G 108 25.05 -2.86 -24.17
N LYS G 109 26.16 -2.69 -24.88
CA LYS G 109 26.56 -1.37 -25.32
C LYS G 109 25.93 -1.12 -26.67
N PRO G 110 25.12 -0.07 -26.87
CA PRO G 110 24.60 0.18 -28.22
C PRO G 110 25.70 0.63 -29.17
N ASP G 111 25.49 0.33 -30.43
CA ASP G 111 26.34 0.77 -31.53
C ASP G 111 25.88 2.16 -31.93
N ILE G 112 26.60 3.19 -31.48
CA ILE G 112 26.23 4.57 -31.80
C ILE G 112 26.88 4.95 -33.12
N GLN G 113 26.04 5.17 -34.14
CA GLN G 113 26.58 5.39 -35.49
C GLN G 113 27.22 6.76 -35.61
N ASN G 114 26.59 7.80 -35.06
CA ASN G 114 27.01 9.18 -35.28
C ASN G 114 27.10 9.90 -33.94
N PRO G 115 28.14 9.61 -33.17
CA PRO G 115 28.28 10.24 -31.85
C PRO G 115 28.32 11.74 -31.96
N ASP G 116 27.65 12.40 -31.02
CA ASP G 116 27.58 13.86 -31.00
C ASP G 116 27.57 14.31 -29.55
N PRO G 117 28.64 13.99 -28.80
CA PRO G 117 28.63 14.23 -27.36
C PRO G 117 28.40 15.70 -27.01
N ALA G 118 27.55 15.93 -26.01
CA ALA G 118 27.21 17.28 -25.59
C ALA G 118 26.66 17.23 -24.17
N VAL G 119 26.81 18.35 -23.46
CA VAL G 119 26.21 18.55 -22.14
C VAL G 119 25.29 19.75 -22.25
N TYR G 120 23.99 19.52 -22.05
CA TYR G 120 22.98 20.57 -22.22
C TYR G 120 22.39 20.95 -20.88
N GLN G 121 22.02 22.21 -20.75
CA GLN G 121 21.34 22.67 -19.55
C GLN G 121 19.84 22.62 -19.82
N LEU G 122 19.10 21.89 -19.01
CA LEU G 122 17.68 21.87 -19.25
C LEU G 122 17.06 23.11 -18.63
N ARG G 123 15.83 23.41 -19.05
CA ARG G 123 15.14 24.57 -18.50
C ARG G 123 14.71 24.30 -17.07
N ASP G 124 14.92 25.28 -16.20
CA ASP G 124 14.48 25.15 -14.82
C ASP G 124 12.97 24.92 -14.77
N SER G 125 12.51 24.22 -13.73
CA SER G 125 11.08 24.12 -13.45
C SER G 125 10.72 25.13 -12.35
N LYS G 126 9.61 25.84 -12.54
CA LYS G 126 9.25 26.81 -11.52
C LYS G 126 8.83 26.16 -10.21
N SER G 127 8.62 24.84 -10.18
CA SER G 127 8.24 24.11 -8.98
CA SER G 127 8.25 24.13 -8.97
C SER G 127 9.38 23.29 -8.39
N SER G 128 10.63 23.57 -8.79
CA SER G 128 11.79 22.85 -8.29
C SER G 128 12.94 23.83 -8.08
N ASP G 129 13.74 23.64 -7.03
CA ASP G 129 14.93 24.45 -6.86
C ASP G 129 16.16 23.83 -7.52
N LYS G 130 15.98 22.80 -8.34
CA LYS G 130 17.10 22.10 -8.95
C LYS G 130 17.44 22.70 -10.30
N SER G 131 18.72 22.68 -10.63
CA SER G 131 19.19 22.80 -12.00
C SER G 131 19.64 21.42 -12.49
N VAL G 132 19.42 21.17 -13.77
CA VAL G 132 19.52 19.83 -14.34
C VAL G 132 20.32 19.91 -15.63
N CYS G 133 21.32 19.03 -15.75
CA CYS G 133 22.22 18.92 -16.89
C CYS G 133 22.11 17.54 -17.51
N LEU G 134 22.17 17.49 -18.83
CA LEU G 134 22.01 16.26 -19.60
C LEU G 134 23.27 16.03 -20.43
N PHE G 135 23.98 14.96 -20.12
CA PHE G 135 25.11 14.52 -20.94
C PHE G 135 24.57 13.44 -21.88
N THR G 136 24.72 13.64 -23.20
CA THR G 136 23.99 12.78 -24.12
C THR G 136 24.75 12.63 -25.44
N ASP G 137 24.34 11.62 -26.20
CA ASP G 137 24.76 11.35 -27.59
C ASP G 137 26.23 10.95 -27.67
N PHE G 138 26.81 10.53 -26.57
CA PHE G 138 28.18 10.02 -26.59
C PHE G 138 28.22 8.55 -26.98
N ASP G 139 29.38 8.15 -27.50
CA ASP G 139 29.65 6.77 -27.88
CA ASP G 139 29.62 6.76 -27.88
C ASP G 139 29.67 5.88 -26.63
N SER G 140 29.43 4.58 -26.85
CA SER G 140 29.21 3.68 -25.72
C SER G 140 30.47 3.33 -24.94
N GLN G 141 31.65 3.70 -25.41
CA GLN G 141 32.83 3.43 -24.61
C GLN G 141 32.99 4.41 -23.47
N THR G 142 32.21 5.50 -23.46
CA THR G 142 32.26 6.45 -22.36
C THR G 142 31.58 5.89 -21.13
N ASN G 143 32.23 6.07 -19.99
CA ASN G 143 31.68 5.71 -18.68
C ASN G 143 31.37 6.96 -17.91
N VAL G 144 30.29 6.93 -17.14
CA VAL G 144 29.83 8.08 -16.37
C VAL G 144 30.14 7.78 -14.91
N SER G 145 30.91 8.66 -14.27
CA SER G 145 31.28 8.43 -12.88
C SER G 145 30.21 9.02 -11.98
N GLN G 146 29.98 8.36 -10.85
CA GLN G 146 29.12 8.95 -9.83
C GLN G 146 29.72 10.25 -9.34
N SER G 147 28.89 11.06 -8.73
CA SER G 147 29.31 12.34 -8.20
C SER G 147 30.32 12.18 -7.06
N LYS G 148 31.20 13.16 -6.91
CA LYS G 148 32.11 13.21 -5.78
C LYS G 148 31.80 14.38 -4.86
N ASP G 149 30.81 15.19 -5.20
CA ASP G 149 30.26 16.22 -4.32
C ASP G 149 28.95 15.69 -3.77
N SER G 150 28.75 15.86 -2.46
CA SER G 150 27.60 15.25 -1.80
C SER G 150 26.27 15.90 -2.22
N ASP G 151 26.28 17.18 -2.60
CA ASP G 151 25.05 17.83 -3.03
C ASP G 151 24.86 17.81 -4.55
N VAL G 152 25.63 16.99 -5.26
CA VAL G 152 25.43 16.79 -6.69
C VAL G 152 25.06 15.33 -6.93
N TYR G 153 24.02 15.10 -7.73
CA TYR G 153 23.51 13.76 -8.01
C TYR G 153 23.67 13.47 -9.50
N ILE G 154 24.26 12.33 -9.83
CA ILE G 154 24.54 11.93 -11.21
C ILE G 154 24.09 10.50 -11.40
N THR G 155 23.21 10.28 -12.36
CA THR G 155 22.71 8.95 -12.63
C THR G 155 23.56 8.30 -13.72
N ASP G 156 23.53 6.98 -13.75
CA ASP G 156 24.34 6.25 -14.71
C ASP G 156 23.74 6.41 -16.12
N LYS G 157 24.54 6.03 -17.11
CA LYS G 157 24.05 6.14 -18.47
C LYS G 157 22.91 5.17 -18.73
N CYS G 158 22.00 5.61 -19.60
CA CYS G 158 20.74 4.93 -19.94
C CYS G 158 20.66 5.00 -21.46
N VAL G 159 20.18 3.95 -22.10
CA VAL G 159 20.08 3.91 -23.56
C VAL G 159 18.62 4.11 -23.94
N LEU G 160 18.31 5.15 -24.69
CA LEU G 160 16.96 5.33 -25.16
C LEU G 160 16.87 5.05 -26.66
N ASP G 161 15.69 4.57 -27.07
CA ASP G 161 15.43 4.12 -28.45
C ASP G 161 14.25 4.90 -29.00
N MET G 162 14.50 5.81 -29.94
CA MET G 162 13.43 6.49 -30.66
C MET G 162 13.05 5.60 -31.85
N ARG G 163 12.06 4.73 -31.61
CA ARG G 163 11.76 3.66 -32.55
C ARG G 163 11.37 4.20 -33.92
N SER G 164 10.60 5.29 -33.94
CA SER G 164 10.11 5.86 -35.20
C SER G 164 11.23 6.37 -36.09
N MET G 165 12.37 6.74 -35.52
CA MET G 165 13.52 7.19 -36.32
C MET G 165 14.65 6.17 -36.32
N ASP G 166 14.42 4.97 -35.82
CA ASP G 166 15.45 3.93 -35.64
C ASP G 166 16.76 4.53 -35.13
N PHE G 167 16.67 5.18 -33.98
CA PHE G 167 17.75 5.98 -33.43
C PHE G 167 17.94 5.64 -31.96
N LYS G 168 19.18 5.42 -31.54
CA LYS G 168 19.52 5.12 -30.15
C LYS G 168 20.51 6.15 -29.64
N SER G 169 20.39 6.51 -28.36
CA SER G 169 21.39 7.38 -27.76
C SER G 169 21.59 7.03 -26.29
N ASN G 170 22.83 7.21 -25.85
CA ASN G 170 23.19 7.17 -24.44
C ASN G 170 22.92 8.51 -23.77
N SER G 171 22.61 8.48 -22.46
CA SER G 171 22.59 9.74 -21.71
C SER G 171 22.67 9.49 -20.21
N ALA G 172 23.11 10.53 -19.49
CA ALA G 172 23.23 10.55 -18.03
C ALA G 172 22.79 11.92 -17.56
N VAL G 173 22.21 11.99 -16.36
CA VAL G 173 21.62 13.22 -15.84
C VAL G 173 22.37 13.61 -14.57
N ALA G 174 22.66 14.91 -14.41
CA ALA G 174 23.25 15.48 -13.20
C ALA G 174 22.36 16.60 -12.69
N TRP G 175 22.21 16.72 -11.37
CA TRP G 175 21.41 17.84 -10.88
C TRP G 175 21.87 18.26 -9.49
N SER G 176 21.48 19.47 -9.10
CA SER G 176 21.83 20.00 -7.79
CA SER G 176 21.83 20.02 -7.79
C SER G 176 21.05 21.29 -7.56
N ASN G 177 20.88 21.65 -6.28
CA ASN G 177 20.34 22.96 -5.94
C ASN G 177 21.42 23.91 -5.43
N LYS G 178 22.68 23.48 -5.45
CA LYS G 178 23.80 24.36 -5.10
C LYS G 178 23.84 25.59 -6.00
N SER G 179 24.18 26.74 -5.41
CA SER G 179 24.17 27.99 -6.17
C SER G 179 25.31 28.06 -7.19
N ASP G 180 26.42 27.35 -6.93
CA ASP G 180 27.57 27.32 -7.82
C ASP G 180 27.55 26.13 -8.79
N PHE G 181 26.47 25.35 -8.82
CA PHE G 181 26.39 24.22 -9.75
C PHE G 181 26.23 24.74 -11.17
N ALA G 182 27.02 24.21 -12.10
CA ALA G 182 26.93 24.59 -13.50
C ALA G 182 27.18 23.38 -14.37
N CYS G 183 26.51 23.34 -15.52
CA CYS G 183 26.64 22.17 -16.38
CA CYS G 183 26.64 22.17 -16.37
C CYS G 183 28.03 22.06 -17.00
N ALA G 184 28.78 23.17 -17.07
CA ALA G 184 30.14 23.08 -17.58
C ALA G 184 31.00 22.18 -16.70
N ASN G 185 30.71 22.09 -15.40
CA ASN G 185 31.50 21.30 -14.46
C ASN G 185 30.76 20.09 -13.88
N ALA G 186 29.51 19.86 -14.28
CA ALA G 186 28.71 18.82 -13.65
C ALA G 186 29.36 17.44 -13.79
N PHE G 187 29.91 17.15 -14.96
CA PHE G 187 30.49 15.83 -15.19
C PHE G 187 32.01 15.85 -15.08
N ASN G 188 32.56 16.76 -14.27
CA ASN G 188 34.01 16.92 -14.20
C ASN G 188 34.71 15.69 -13.67
N ASN G 189 34.02 14.81 -12.97
CA ASN G 189 34.64 13.59 -12.45
CA ASN G 189 34.61 13.59 -12.43
C ASN G 189 34.61 12.43 -13.43
N SER G 190 33.98 12.59 -14.59
CA SER G 190 34.00 11.57 -15.63
C SER G 190 35.06 11.91 -16.66
N ILE G 191 35.50 10.88 -17.38
CA ILE G 191 36.34 11.07 -18.55
C ILE G 191 35.37 11.16 -19.73
N ILE G 192 35.17 12.37 -20.26
CA ILE G 192 34.19 12.56 -21.33
C ILE G 192 34.94 12.84 -22.62
N PRO G 193 34.34 12.64 -23.80
CA PRO G 193 35.06 12.87 -25.05
C PRO G 193 35.61 14.29 -25.14
N GLU G 194 36.80 14.40 -25.74
CA GLU G 194 37.44 15.69 -25.95
C GLU G 194 36.57 16.63 -26.78
N ASP G 195 35.78 16.09 -27.71
CA ASP G 195 34.96 16.91 -28.58
C ASP G 195 33.59 17.22 -27.98
N THR G 196 33.40 17.03 -26.67
CA THR G 196 32.07 17.21 -26.08
C THR G 196 31.65 18.66 -26.22
N PHE G 197 30.44 18.88 -26.73
CA PHE G 197 29.91 20.22 -27.02
C PHE G 197 29.30 20.82 -25.77
N PHE G 198 29.77 22.00 -25.36
CA PHE G 198 29.18 22.74 -24.25
C PHE G 198 28.61 24.05 -24.78
N PRO G 199 27.30 24.13 -25.04
CA PRO G 199 26.71 25.40 -25.51
C PRO G 199 26.96 26.53 -24.51
N SER G 200 27.11 27.75 -25.02
N SER G 200 27.10 27.73 -25.02
CA SER G 200 27.43 28.85 -24.13
CA SER G 200 27.40 28.87 -24.14
C SER G 200 26.24 29.15 -23.22
C SER G 200 26.23 29.13 -23.21
N PRO G 201 26.50 29.56 -21.96
CA PRO G 201 25.43 29.85 -20.99
C PRO G 201 24.53 31.02 -21.43
N ASN H 2 -5.90 -17.49 -19.27
CA ASN H 2 -4.47 -17.75 -19.22
C ASN H 2 -3.73 -16.75 -18.35
N ALA H 3 -4.10 -16.69 -17.06
CA ALA H 3 -3.49 -15.71 -16.16
C ALA H 3 -2.09 -16.14 -15.70
N GLY H 4 -1.81 -17.44 -15.65
CA GLY H 4 -0.50 -17.89 -15.19
C GLY H 4 -0.45 -17.90 -13.67
N VAL H 5 0.56 -17.26 -13.10
CA VAL H 5 0.72 -17.20 -11.65
C VAL H 5 0.41 -15.78 -11.21
N THR H 6 -0.49 -15.63 -10.23
CA THR H 6 -0.99 -14.33 -9.78
C THR H 6 -0.69 -14.21 -8.29
N GLN H 7 0.17 -13.27 -7.91
CA GLN H 7 0.46 -13.08 -6.49
C GLN H 7 0.20 -11.63 -6.09
N THR H 8 -0.12 -11.45 -4.81
CA THR H 8 -0.41 -10.14 -4.24
C THR H 8 0.09 -10.12 -2.80
N PRO H 9 0.39 -8.95 -2.26
CA PRO H 9 0.38 -7.66 -2.97
C PRO H 9 1.67 -7.46 -3.74
N LYS H 10 1.64 -6.51 -4.67
CA LYS H 10 2.84 -6.17 -5.43
C LYS H 10 3.89 -5.48 -4.54
N PHE H 11 3.44 -4.70 -3.57
CA PHE H 11 4.28 -3.86 -2.72
C PHE H 11 3.67 -3.85 -1.33
N GLN H 12 4.53 -3.77 -0.32
CA GLN H 12 3.99 -3.71 1.03
C GLN H 12 5.04 -3.13 1.96
N VAL H 13 4.64 -2.17 2.81
CA VAL H 13 5.46 -1.71 3.92
C VAL H 13 4.92 -2.31 5.21
N LEU H 14 5.82 -2.84 6.05
CA LEU H 14 5.48 -3.38 7.36
C LEU H 14 6.35 -2.79 8.43
N LYS H 15 5.79 -2.66 9.62
CA LYS H 15 6.53 -2.35 10.82
C LYS H 15 6.98 -3.65 11.48
N THR H 16 8.17 -3.62 12.08
CA THR H 16 8.67 -4.78 12.81
CA THR H 16 8.66 -4.78 12.79
C THR H 16 7.59 -5.33 13.73
N GLY H 17 7.44 -6.65 13.73
CA GLY H 17 6.46 -7.28 14.57
C GLY H 17 5.09 -7.47 13.96
N GLN H 18 4.80 -6.85 12.80
CA GLN H 18 3.50 -7.03 12.19
CA GLN H 18 3.52 -7.01 12.14
C GLN H 18 3.45 -8.37 11.45
N SER H 19 2.25 -8.93 11.36
CA SER H 19 2.06 -10.18 10.63
C SER H 19 1.47 -9.85 9.26
N MET H 20 1.71 -10.72 8.28
CA MET H 20 1.13 -10.48 6.97
CA MET H 20 1.30 -10.45 6.89
C MET H 20 1.06 -11.77 6.16
N THR H 21 0.10 -11.80 5.24
CA THR H 21 -0.11 -12.94 4.35
C THR H 21 0.09 -12.50 2.91
N LEU H 22 0.90 -13.25 2.16
CA LEU H 22 1.01 -13.08 0.72
CA LEU H 22 1.03 -13.10 0.72
C LEU H 22 0.18 -14.16 0.04
N GLN H 23 -0.59 -13.77 -0.97
CA GLN H 23 -1.43 -14.74 -1.66
C GLN H 23 -0.83 -15.10 -3.02
N CYS H 24 -1.04 -16.35 -3.42
CA CYS H 24 -0.61 -16.80 -4.73
C CYS H 24 -1.63 -17.78 -5.27
N ALA H 25 -2.03 -17.57 -6.53
CA ALA H 25 -2.90 -18.51 -7.25
C ALA H 25 -2.31 -18.80 -8.61
N GLN H 26 -2.45 -20.03 -9.07
CA GLN H 26 -2.07 -20.38 -10.43
C GLN H 26 -3.28 -21.01 -11.08
N ASP H 27 -3.52 -20.67 -12.35
CA ASP H 27 -4.63 -21.23 -13.10
C ASP H 27 -4.13 -22.17 -14.21
N MET H 28 -2.97 -22.79 -14.03
CA MET H 28 -2.43 -23.69 -15.05
C MET H 28 -2.66 -25.16 -14.72
N ASN H 29 -3.50 -25.46 -13.72
CA ASN H 29 -3.74 -26.80 -13.26
C ASN H 29 -2.45 -27.53 -12.86
N HIS H 30 -1.48 -26.76 -12.35
CA HIS H 30 -0.23 -27.32 -11.86
C HIS H 30 -0.41 -27.96 -10.49
N ASN H 31 0.48 -28.90 -10.16
CA ASN H 31 0.40 -29.57 -8.86
C ASN H 31 1.38 -29.03 -7.82
N SER H 32 2.50 -28.45 -8.25
CA SER H 32 3.56 -28.02 -7.33
C SER H 32 3.63 -26.50 -7.26
N MET H 33 3.76 -25.96 -6.04
CA MET H 33 3.88 -24.51 -5.85
C MET H 33 4.99 -24.24 -4.84
N TYR H 34 5.58 -23.05 -4.94
CA TYR H 34 6.83 -22.70 -4.26
C TYR H 34 6.77 -21.25 -3.81
N TRP H 35 7.43 -20.94 -2.70
CA TRP H 35 7.65 -19.55 -2.30
C TRP H 35 9.15 -19.34 -2.17
N TYR H 36 9.67 -18.37 -2.93
CA TYR H 36 11.08 -18.00 -2.92
C TYR H 36 11.25 -16.58 -2.41
N ARG H 37 12.41 -16.29 -1.86
CA ARG H 37 12.82 -14.90 -1.72
C ARG H 37 14.11 -14.65 -2.51
N GLN H 38 14.20 -13.44 -3.06
CA GLN H 38 15.34 -13.02 -3.88
C GLN H 38 15.99 -11.82 -3.20
N ASP H 39 17.26 -11.94 -2.89
CA ASP H 39 18.03 -10.90 -2.25
C ASP H 39 19.27 -10.60 -3.09
N PRO H 40 19.76 -9.36 -3.04
CA PRO H 40 20.94 -8.99 -3.84
C PRO H 40 22.13 -9.86 -3.51
N GLY H 41 22.79 -10.33 -4.56
CA GLY H 41 24.05 -11.01 -4.39
C GLY H 41 23.94 -12.48 -4.12
N MET H 42 22.74 -13.04 -4.08
CA MET H 42 22.62 -14.46 -3.83
C MET H 42 21.54 -15.06 -4.72
N GLY H 43 21.64 -16.38 -4.90
CA GLY H 43 20.64 -17.11 -5.66
C GLY H 43 19.32 -17.15 -4.92
N LEU H 44 18.24 -17.41 -5.67
CA LEU H 44 16.93 -17.57 -5.05
C LEU H 44 16.99 -18.61 -3.94
N ARG H 45 16.32 -18.33 -2.83
CA ARG H 45 16.24 -19.28 -1.72
C ARG H 45 14.80 -19.68 -1.49
N LEU H 46 14.58 -20.98 -1.44
CA LEU H 46 13.27 -21.55 -1.20
C LEU H 46 12.88 -21.42 0.27
N ILE H 47 11.67 -20.91 0.50
CA ILE H 47 11.17 -20.69 1.86
C ILE H 47 10.34 -21.90 2.29
N TYR H 48 9.27 -22.17 1.54
CA TYR H 48 8.44 -23.36 1.68
C TYR H 48 8.01 -23.80 0.28
N TYR H 49 7.59 -25.05 0.16
CA TYR H 49 7.03 -25.55 -1.09
C TYR H 49 5.92 -26.55 -0.79
N SER H 50 5.20 -26.90 -1.86
CA SER H 50 4.03 -27.78 -1.78
C SER H 50 4.05 -28.69 -3.02
N ALA H 51 4.51 -29.93 -2.83
CA ALA H 51 4.77 -30.82 -3.96
C ALA H 51 3.49 -31.21 -4.68
N SER H 52 2.37 -31.17 -3.97
CA SER H 52 1.08 -31.52 -4.54
CA SER H 52 1.09 -31.57 -4.50
C SER H 52 0.03 -30.99 -3.58
N GLU H 53 -1.21 -30.95 -4.05
CA GLU H 53 -2.30 -30.53 -3.19
C GLU H 53 -2.28 -31.39 -1.93
N GLY H 54 -2.46 -30.77 -0.78
CA GLY H 54 -2.52 -31.57 0.43
C GLY H 54 -1.21 -31.88 1.12
N THR H 55 -0.07 -31.40 0.63
CA THR H 55 1.16 -31.51 1.39
C THR H 55 2.03 -30.26 1.22
N THR H 56 2.81 -29.94 2.26
CA THR H 56 3.78 -28.84 2.22
C THR H 56 4.97 -29.23 3.07
N ASP H 57 6.08 -28.53 2.86
CA ASP H 57 7.28 -28.75 3.64
C ASP H 57 8.18 -27.53 3.52
N LYS H 58 9.07 -27.39 4.51
N LYS H 58 9.08 -27.40 4.50
CA LYS H 58 10.03 -26.31 4.54
CA LYS H 58 10.03 -26.32 4.55
C LYS H 58 11.04 -26.39 3.41
C LYS H 58 11.03 -26.39 3.40
N GLY H 59 11.52 -25.22 3.00
CA GLY H 59 12.63 -25.09 2.08
C GLY H 59 13.91 -24.86 2.86
N GLU H 60 14.78 -24.02 2.28
CA GLU H 60 16.05 -23.68 2.90
C GLU H 60 15.91 -22.64 4.00
N VAL H 61 14.98 -21.70 3.88
CA VAL H 61 14.90 -20.64 4.88
C VAL H 61 13.51 -20.48 5.47
N PRO H 62 12.97 -21.53 6.11
CA PRO H 62 11.58 -21.46 6.60
C PRO H 62 11.37 -20.61 7.86
N ASN H 63 12.41 -20.23 8.60
CA ASN H 63 12.20 -19.63 9.92
C ASN H 63 11.57 -18.25 9.82
N GLY H 64 10.48 -18.04 10.55
CA GLY H 64 9.77 -16.78 10.47
C GLY H 64 8.60 -16.78 9.52
N TYR H 65 8.34 -17.90 8.85
CA TYR H 65 7.29 -18.00 7.84
C TYR H 65 6.50 -19.27 8.07
N ASN H 66 5.30 -19.31 7.49
CA ASN H 66 4.60 -20.57 7.32
CA ASN H 66 4.49 -20.51 7.40
C ASN H 66 3.67 -20.43 6.13
N VAL H 67 3.16 -21.57 5.67
CA VAL H 67 2.35 -21.60 4.45
C VAL H 67 1.09 -22.40 4.66
N SER H 68 0.10 -22.13 3.79
CA SER H 68 -1.03 -23.02 3.62
C SER H 68 -1.25 -23.27 2.13
N ARG H 69 -1.22 -24.54 1.73
CA ARG H 69 -1.75 -24.91 0.41
C ARG H 69 -3.27 -25.03 0.58
N LEU H 70 -3.98 -23.96 0.25
CA LEU H 70 -5.42 -23.89 0.52
C LEU H 70 -6.20 -24.87 -0.33
N ASN H 71 -5.76 -25.11 -1.55
CA ASN H 71 -6.41 -25.97 -2.53
C ASN H 71 -5.40 -26.13 -3.66
N LYS H 72 -5.80 -26.73 -4.78
CA LYS H 72 -4.84 -27.00 -5.84
C LYS H 72 -4.31 -25.70 -6.46
N ARG H 73 -5.12 -24.65 -6.46
CA ARG H 73 -4.74 -23.38 -7.09
C ARG H 73 -3.91 -22.47 -6.20
N GLU H 74 -4.07 -22.51 -4.87
CA GLU H 74 -3.66 -21.39 -4.03
C GLU H 74 -2.66 -21.81 -2.96
N PHE H 75 -1.64 -20.97 -2.76
CA PHE H 75 -0.54 -21.29 -1.83
C PHE H 75 -0.17 -19.99 -1.14
N SER H 76 -0.59 -19.86 0.12
CA SER H 76 -0.38 -18.64 0.90
C SER H 76 0.91 -18.71 1.70
N LEU H 77 1.59 -17.56 1.79
CA LEU H 77 2.79 -17.40 2.60
C LEU H 77 2.51 -16.40 3.71
N ARG H 78 2.84 -16.76 4.95
CA ARG H 78 2.64 -15.88 6.09
C ARG H 78 3.95 -15.51 6.73
N LEU H 79 4.07 -14.23 7.07
CA LEU H 79 5.13 -13.73 7.93
C LEU H 79 4.54 -13.61 9.34
N GLU H 80 5.07 -14.42 10.28
CA GLU H 80 4.52 -14.46 11.65
C GLU H 80 4.72 -13.13 12.37
N SER H 81 5.90 -12.53 12.24
CA SER H 81 6.27 -11.39 13.07
C SER H 81 7.42 -10.72 12.33
N ALA H 82 7.08 -9.71 11.53
CA ALA H 82 8.00 -9.21 10.53
C ALA H 82 9.27 -8.66 11.19
N ALA H 83 10.40 -8.99 10.59
CA ALA H 83 11.73 -8.55 11.00
C ALA H 83 12.40 -7.84 9.83
N PRO H 84 13.26 -6.86 10.09
CA PRO H 84 13.96 -6.20 8.97
C PRO H 84 14.70 -7.15 8.04
N SER H 85 15.21 -8.28 8.55
CA SER H 85 15.88 -9.23 7.67
C SER H 85 14.92 -9.84 6.65
N GLN H 86 13.63 -9.69 6.85
CA GLN H 86 12.66 -10.23 5.89
C GLN H 86 12.31 -9.22 4.79
N THR H 87 13.00 -8.08 4.75
CA THR H 87 12.87 -7.19 3.60
C THR H 87 13.47 -7.90 2.41
N SER H 88 12.67 -8.09 1.36
CA SER H 88 13.07 -8.94 0.25
C SER H 88 12.07 -8.77 -0.89
N VAL H 89 12.35 -9.41 -2.01
CA VAL H 89 11.35 -9.62 -3.05
C VAL H 89 10.96 -11.09 -3.01
N TYR H 90 9.66 -11.37 -2.89
CA TYR H 90 9.13 -12.71 -2.74
C TYR H 90 8.48 -13.14 -4.04
N PHE H 91 8.84 -14.34 -4.52
CA PHE H 91 8.28 -14.88 -5.74
C PHE H 91 7.57 -16.17 -5.43
N CYS H 92 6.35 -16.26 -5.90
N CYS H 92 6.33 -16.29 -5.89
CA CYS H 92 5.62 -17.49 -5.97
CA CYS H 92 5.67 -17.58 -5.87
C CYS H 92 5.94 -18.15 -7.31
C CYS H 92 5.72 -18.18 -7.25
N ALA H 93 5.97 -19.48 -7.32
CA ALA H 93 6.17 -20.19 -8.58
C ALA H 93 5.36 -21.48 -8.58
N SER H 94 5.08 -21.99 -9.77
CA SER H 94 4.41 -23.27 -9.88
C SER H 94 5.10 -24.12 -10.95
N SER H 95 4.91 -25.43 -10.85
CA SER H 95 5.33 -26.33 -11.92
C SER H 95 4.33 -27.48 -12.02
N VAL H 96 4.35 -28.18 -13.15
CA VAL H 96 3.35 -29.24 -13.37
C VAL H 96 3.49 -30.31 -12.30
N TRP H 97 4.73 -30.77 -12.05
CA TRP H 97 5.03 -31.71 -10.97
C TRP H 97 6.35 -31.34 -10.31
N THR H 98 6.68 -32.07 -9.25
CA THR H 98 7.96 -31.97 -8.56
C THR H 98 8.66 -33.31 -8.69
N GLY H 99 9.99 -33.31 -8.77
CA GLY H 99 10.62 -34.62 -8.81
C GLY H 99 10.49 -35.30 -10.15
N GLU H 100 10.03 -34.56 -11.14
CA GLU H 100 10.26 -34.94 -12.52
CA GLU H 100 10.21 -34.87 -12.53
C GLU H 100 11.53 -34.23 -12.96
N GLY H 101 11.87 -34.32 -14.22
CA GLY H 101 13.15 -33.77 -14.52
C GLY H 101 13.11 -32.40 -15.14
N SER H 102 12.56 -32.37 -16.34
CA SER H 102 12.77 -31.23 -17.19
C SER H 102 11.74 -30.14 -16.95
N GLY H 103 10.75 -30.35 -16.10
CA GLY H 103 9.69 -29.37 -15.95
C GLY H 103 10.22 -28.09 -15.36
N GLU H 104 9.94 -26.98 -16.03
CA GLU H 104 10.37 -25.67 -15.57
C GLU H 104 9.38 -25.07 -14.58
N LEU H 105 9.82 -24.00 -13.93
CA LEU H 105 8.99 -23.17 -13.06
C LEU H 105 8.37 -22.01 -13.82
N PHE H 106 7.18 -21.62 -13.38
CA PHE H 106 6.49 -20.44 -13.87
C PHE H 106 6.33 -19.51 -12.69
N PHE H 107 6.82 -18.26 -12.83
CA PHE H 107 6.92 -17.34 -11.71
C PHE H 107 5.80 -16.30 -11.71
N GLY H 108 5.33 -15.95 -10.50
CA GLY H 108 4.49 -14.78 -10.30
C GLY H 108 5.29 -13.49 -10.47
N GLU H 109 4.59 -12.35 -10.40
CA GLU H 109 5.22 -11.06 -10.68
C GLU H 109 6.16 -10.59 -9.58
N GLY H 110 6.13 -11.18 -8.39
CA GLY H 110 6.96 -10.73 -7.29
C GLY H 110 6.21 -9.82 -6.33
N SER H 111 6.60 -9.88 -5.07
CA SER H 111 6.04 -9.03 -4.02
C SER H 111 7.19 -8.37 -3.31
N ARG H 112 7.27 -7.05 -3.39
CA ARG H 112 8.33 -6.29 -2.76
C ARG H 112 7.89 -5.86 -1.36
N LEU H 113 8.56 -6.37 -0.34
CA LEU H 113 8.23 -6.08 1.05
CA LEU H 113 8.24 -6.08 1.04
C LEU H 113 9.42 -5.39 1.71
N THR H 114 9.14 -4.29 2.40
CA THR H 114 10.15 -3.60 3.20
C THR H 114 9.65 -3.60 4.65
N VAL H 115 10.49 -4.07 5.57
CA VAL H 115 10.15 -4.11 7.01
C VAL H 115 10.98 -3.06 7.71
N LEU H 116 10.32 -2.16 8.45
CA LEU H 116 11.01 -1.06 9.11
C LEU H 116 10.73 -1.06 10.60
N GLU H 117 11.75 -0.69 11.38
CA GLU H 117 11.57 -0.52 12.82
C GLU H 117 10.62 0.64 13.11
N ASP H 118 10.68 1.71 12.32
CA ASP H 118 9.83 2.89 12.49
CA ASP H 118 9.73 2.80 12.48
C ASP H 118 9.37 3.39 11.13
N LEU H 119 8.09 3.74 10.98
CA LEU H 119 7.60 4.17 9.68
C LEU H 119 8.02 5.59 9.32
N LYS H 120 8.69 6.31 10.23
CA LYS H 120 9.07 7.67 9.92
C LYS H 120 10.15 7.75 8.85
N ASN H 121 10.72 6.62 8.45
CA ASN H 121 11.68 6.62 7.34
C ASN H 121 11.00 6.59 5.98
N VAL H 122 9.67 6.61 5.92
CA VAL H 122 8.96 6.50 4.66
C VAL H 122 8.69 7.90 4.12
N PHE H 123 9.07 8.13 2.84
CA PHE H 123 8.86 9.42 2.17
C PHE H 123 8.33 9.19 0.77
N PRO H 124 7.36 9.99 0.33
CA PRO H 124 6.92 9.90 -1.05
C PRO H 124 7.91 10.61 -1.95
N PRO H 125 7.87 10.42 -3.26
CA PRO H 125 8.80 11.14 -4.13
C PRO H 125 8.34 12.56 -4.41
N GLU H 126 9.32 13.42 -4.60
CA GLU H 126 9.11 14.75 -5.17
C GLU H 126 9.31 14.64 -6.68
N VAL H 127 8.35 15.09 -7.49
CA VAL H 127 8.44 14.91 -8.94
C VAL H 127 8.52 16.27 -9.63
N ALA H 128 9.45 16.40 -10.57
CA ALA H 128 9.61 17.64 -11.33
C ALA H 128 10.01 17.30 -12.76
N VAL H 129 9.45 18.03 -13.74
CA VAL H 129 9.85 17.86 -15.14
CA VAL H 129 9.82 17.88 -15.15
C VAL H 129 10.58 19.12 -15.58
N PHE H 130 11.60 18.92 -16.42
CA PHE H 130 12.49 19.96 -16.91
C PHE H 130 12.46 19.96 -18.43
N GLU H 131 12.14 21.12 -19.01
CA GLU H 131 11.89 21.21 -20.43
C GLU H 131 13.21 21.20 -21.20
N PRO H 132 13.17 20.82 -22.47
CA PRO H 132 14.41 20.62 -23.23
C PRO H 132 15.21 21.88 -23.41
N SER H 133 16.51 21.66 -23.56
CA SER H 133 17.44 22.73 -23.90
C SER H 133 17.23 23.23 -25.33
N GLU H 134 17.08 24.55 -25.48
CA GLU H 134 17.06 25.12 -26.82
C GLU H 134 18.32 24.81 -27.62
N ALA H 135 19.47 24.71 -26.96
CA ALA H 135 20.68 24.33 -27.68
C ALA H 135 20.59 22.91 -28.24
N GLU H 136 19.97 21.98 -27.50
CA GLU H 136 19.84 20.61 -28.01
C GLU H 136 18.96 20.60 -29.24
N ILE H 137 17.86 21.32 -29.19
CA ILE H 137 16.93 21.41 -30.31
C ILE H 137 17.66 21.93 -31.56
N SER H 138 18.45 22.98 -31.41
CA SER H 138 19.07 23.51 -32.63
C SER H 138 20.25 22.66 -33.09
N HIS H 139 20.93 21.97 -32.18
CA HIS H 139 22.08 21.16 -32.55
C HIS H 139 21.71 19.79 -33.11
N THR H 140 20.60 19.19 -32.64
CA THR H 140 20.25 17.82 -33.00
C THR H 140 18.88 17.65 -33.66
N GLN H 141 18.03 18.68 -33.66
CA GLN H 141 16.63 18.57 -34.09
CA GLN H 141 16.63 18.57 -34.09
C GLN H 141 15.85 17.58 -33.25
N LYS H 142 16.32 17.34 -32.02
CA LYS H 142 15.63 16.49 -31.06
C LYS H 142 15.49 17.27 -29.77
N ALA H 143 14.62 16.78 -28.88
CA ALA H 143 14.33 17.50 -27.64
C ALA H 143 14.13 16.48 -26.53
N THR H 144 14.96 16.57 -25.48
CA THR H 144 14.88 15.65 -24.37
C THR H 144 14.27 16.36 -23.17
N LEU H 145 13.14 15.85 -22.69
CA LEU H 145 12.60 16.23 -21.39
C LEU H 145 13.18 15.32 -20.31
N VAL H 146 13.35 15.86 -19.10
CA VAL H 146 13.83 15.02 -17.99
C VAL H 146 12.81 15.10 -16.86
N CYS H 147 12.51 13.95 -16.28
CA CYS H 147 11.73 13.86 -15.04
C CYS H 147 12.64 13.36 -13.93
N LEU H 148 12.56 14.02 -12.77
CA LEU H 148 13.26 13.59 -11.57
C LEU H 148 12.24 13.27 -10.49
N ALA H 149 12.38 12.09 -9.88
CA ALA H 149 11.61 11.68 -8.71
C ALA H 149 12.61 11.50 -7.58
N THR H 150 12.51 12.33 -6.53
CA THR H 150 13.61 12.43 -5.57
C THR H 150 13.08 12.38 -4.15
N GLY H 151 13.95 11.96 -3.22
CA GLY H 151 13.66 11.93 -1.80
C GLY H 151 12.75 10.79 -1.33
N PHE H 152 12.48 9.78 -2.16
CA PHE H 152 11.48 8.77 -1.79
C PHE H 152 12.11 7.62 -1.01
N TYR H 153 11.30 6.96 -0.16
CA TYR H 153 11.75 5.76 0.54
C TYR H 153 10.54 5.00 1.05
N PRO H 154 10.50 3.68 0.92
CA PRO H 154 11.46 2.78 0.25
C PRO H 154 11.37 2.85 -1.27
N ASP H 155 12.09 1.97 -1.95
CA ASP H 155 12.16 2.03 -3.41
C ASP H 155 10.96 1.29 -3.99
N HIS H 156 9.79 1.90 -3.80
CA HIS H 156 8.50 1.38 -4.27
C HIS H 156 7.88 2.40 -5.23
N VAL H 157 8.45 2.59 -6.43
CA VAL H 157 7.92 3.56 -7.36
C VAL H 157 7.81 2.97 -8.76
N GLU H 158 6.85 3.51 -9.51
CA GLU H 158 6.65 3.21 -10.91
C GLU H 158 6.49 4.53 -11.64
N LEU H 159 7.43 4.84 -12.53
CA LEU H 159 7.43 6.10 -13.25
C LEU H 159 6.94 5.84 -14.66
N SER H 160 6.03 6.69 -15.15
CA SER H 160 5.53 6.57 -16.51
C SER H 160 5.43 7.95 -17.15
N TRP H 161 5.56 7.99 -18.47
CA TRP H 161 5.34 9.21 -19.23
C TRP H 161 4.03 9.13 -19.98
N TRP H 162 3.35 10.27 -20.07
CA TRP H 162 2.06 10.38 -20.73
C TRP H 162 2.13 11.54 -21.71
N VAL H 163 1.82 11.27 -22.97
CA VAL H 163 1.83 12.30 -24.01
C VAL H 163 0.40 12.38 -24.54
N ASN H 164 -0.23 13.54 -24.35
CA ASN H 164 -1.61 13.76 -24.77
C ASN H 164 -2.55 12.72 -24.18
N GLY H 165 -2.33 12.41 -22.90
CA GLY H 165 -3.20 11.55 -22.16
C GLY H 165 -3.01 10.08 -22.41
N LYS H 166 -1.99 9.69 -23.18
CA LYS H 166 -1.71 8.28 -23.41
C LYS H 166 -0.30 7.96 -22.94
N GLU H 167 -0.16 6.83 -22.27
CA GLU H 167 1.15 6.43 -21.80
C GLU H 167 2.06 6.09 -22.97
N VAL H 168 3.31 6.54 -22.90
CA VAL H 168 4.26 6.28 -23.98
C VAL H 168 5.44 5.53 -23.40
N HIS H 169 6.12 4.79 -24.29
CA HIS H 169 7.37 4.16 -23.92
CA HIS H 169 7.33 4.07 -23.95
C HIS H 169 8.43 4.28 -24.99
N SER H 170 8.05 4.55 -26.24
CA SER H 170 9.08 4.82 -27.22
C SER H 170 9.74 6.15 -26.92
N GLY H 171 11.06 6.19 -27.05
CA GLY H 171 11.76 7.42 -26.75
C GLY H 171 12.05 7.63 -25.29
N VAL H 172 11.66 6.69 -24.43
CA VAL H 172 11.79 6.81 -22.98
C VAL H 172 12.96 5.99 -22.48
N CYS H 173 13.70 6.50 -21.52
CA CYS H 173 14.64 5.68 -20.76
CA CYS H 173 14.56 5.63 -20.76
C CYS H 173 14.58 6.09 -19.30
N THR H 174 14.24 5.17 -18.42
CA THR H 174 14.14 5.40 -16.98
C THR H 174 15.24 4.59 -16.33
N ASP H 175 15.92 5.18 -15.33
CA ASP H 175 17.03 4.45 -14.71
C ASP H 175 16.51 3.10 -14.23
N PRO H 176 17.22 2.00 -14.51
CA PRO H 176 16.74 0.69 -14.03
C PRO H 176 16.90 0.50 -12.53
N GLN H 177 17.84 1.18 -11.89
CA GLN H 177 17.94 1.15 -10.43
C GLN H 177 17.97 2.57 -9.91
N PRO H 178 17.43 2.80 -8.72
CA PRO H 178 17.45 4.15 -8.16
C PRO H 178 18.84 4.51 -7.66
N LEU H 179 19.04 5.80 -7.46
CA LEU H 179 20.27 6.33 -6.89
CA LEU H 179 20.26 6.33 -6.88
C LEU H 179 20.05 6.59 -5.41
N LYS H 180 20.96 6.10 -4.56
CA LYS H 180 20.93 6.46 -3.16
C LYS H 180 21.37 7.91 -2.99
N GLU H 181 20.52 8.72 -2.37
CA GLU H 181 20.87 10.13 -2.26
C GLU H 181 22.01 10.34 -1.26
N GLN H 182 22.17 9.42 -0.31
CA GLN H 182 23.27 9.43 0.65
C GLN H 182 23.85 8.03 0.67
N PRO H 183 24.77 7.73 -0.24
CA PRO H 183 25.17 6.32 -0.45
C PRO H 183 25.65 5.63 0.80
N ALA H 184 26.18 6.37 1.77
CA ALA H 184 26.75 5.75 2.97
C ALA H 184 25.65 5.19 3.88
N LEU H 185 24.54 5.92 4.01
CA LEU H 185 23.48 5.51 4.93
C LEU H 185 22.69 4.32 4.40
N ASN H 186 22.29 3.42 5.30
CA ASN H 186 21.62 2.19 4.90
C ASN H 186 20.12 2.38 4.68
N ASP H 187 19.52 3.41 5.28
CA ASP H 187 18.13 3.77 5.04
C ASP H 187 17.99 4.97 4.10
N SER H 188 19.00 5.23 3.27
CA SER H 188 19.03 6.45 2.48
C SER H 188 17.78 6.57 1.63
N ARG H 189 17.31 7.80 1.47
CA ARG H 189 16.28 8.07 0.49
C ARG H 189 16.87 7.94 -0.93
N TYR H 190 15.98 7.76 -1.90
CA TYR H 190 16.35 7.42 -3.27
C TYR H 190 16.00 8.54 -4.22
N ALA H 191 16.63 8.49 -5.39
CA ALA H 191 16.32 9.37 -6.52
C ALA H 191 16.28 8.52 -7.78
N LEU H 192 15.42 8.91 -8.71
CA LEU H 192 15.23 8.19 -9.96
C LEU H 192 15.06 9.22 -11.05
N SER H 193 15.74 9.02 -12.17
CA SER H 193 15.65 9.94 -13.29
C SER H 193 15.12 9.21 -14.53
N SER H 194 14.36 9.94 -15.34
CA SER H 194 13.86 9.40 -16.58
C SER H 194 13.97 10.48 -17.64
N ARG H 195 14.08 10.06 -18.89
CA ARG H 195 14.07 11.01 -19.98
CA ARG H 195 14.13 10.98 -20.02
C ARG H 195 13.10 10.56 -21.06
N LEU H 196 12.54 11.55 -21.75
CA LEU H 196 11.67 11.34 -22.90
C LEU H 196 12.22 12.18 -24.04
N ARG H 197 12.62 11.54 -25.12
CA ARG H 197 13.16 12.30 -26.23
C ARG H 197 12.20 12.22 -27.41
N VAL H 198 11.87 13.39 -27.96
CA VAL H 198 11.00 13.48 -29.12
C VAL H 198 11.67 14.35 -30.18
N SER H 199 11.13 14.34 -31.37
CA SER H 199 11.67 15.20 -32.42
C SER H 199 11.39 16.67 -32.08
N ALA H 200 12.28 17.56 -32.52
CA ALA H 200 12.06 18.99 -32.34
C ALA H 200 10.70 19.42 -32.84
N THR H 201 10.28 18.88 -34.00
CA THR H 201 8.99 19.28 -34.55
CA THR H 201 8.99 19.28 -34.55
C THR H 201 7.86 18.91 -33.61
N PHE H 202 7.95 17.74 -32.98
CA PHE H 202 6.91 17.34 -32.02
C PHE H 202 6.91 18.23 -30.80
N TRP H 203 8.10 18.56 -30.27
CA TRP H 203 8.19 19.45 -29.13
C TRP H 203 7.69 20.84 -29.48
N GLN H 204 7.86 21.28 -30.71
CA GLN H 204 7.47 22.64 -31.08
C GLN H 204 5.98 22.80 -31.38
N ASN H 205 5.18 21.75 -31.28
CA ASN H 205 3.73 21.88 -31.39
C ASN H 205 3.16 22.35 -30.06
N PRO H 206 2.59 23.55 -29.98
CA PRO H 206 2.10 24.07 -28.69
C PRO H 206 0.93 23.31 -28.10
N ARG H 207 0.32 22.35 -28.80
CA ARG H 207 -0.76 21.61 -28.14
C ARG H 207 -0.38 20.19 -27.76
N ASN H 208 0.90 19.82 -27.85
CA ASN H 208 1.35 18.54 -27.29
C ASN H 208 1.57 18.68 -25.78
N HIS H 209 1.07 17.71 -25.01
CA HIS H 209 1.10 17.80 -23.57
C HIS H 209 1.92 16.64 -23.02
N PHE H 210 2.81 16.95 -22.09
CA PHE H 210 3.74 15.96 -21.56
C PHE H 210 3.54 15.89 -20.06
N ARG H 211 3.42 14.69 -19.51
CA ARG H 211 3.30 14.55 -18.07
C ARG H 211 4.13 13.35 -17.64
N CYS H 212 4.86 13.53 -16.54
N CYS H 212 4.91 13.49 -16.57
CA CYS H 212 5.57 12.46 -15.88
CA CYS H 212 5.56 12.33 -15.98
C CYS H 212 4.79 12.10 -14.63
C CYS H 212 4.91 12.06 -14.64
N GLN H 213 4.52 10.82 -14.44
CA GLN H 213 3.70 10.37 -13.32
C GLN H 213 4.49 9.36 -12.53
N VAL H 214 4.54 9.51 -11.22
CA VAL H 214 5.21 8.54 -10.38
C VAL H 214 4.18 7.97 -9.40
N GLN H 215 3.96 6.66 -9.49
CA GLN H 215 3.13 5.95 -8.53
C GLN H 215 4.04 5.51 -7.39
N PHE H 216 3.71 5.89 -6.16
CA PHE H 216 4.44 5.49 -4.97
C PHE H 216 3.57 4.53 -4.16
N TYR H 217 4.15 3.42 -3.71
CA TYR H 217 3.46 2.50 -2.83
C TYR H 217 4.01 2.70 -1.43
N GLY H 218 3.16 3.21 -0.53
CA GLY H 218 3.62 3.60 0.79
C GLY H 218 2.77 2.99 1.87
N LEU H 219 2.29 3.86 2.75
CA LEU H 219 1.51 3.43 3.89
C LEU H 219 0.04 3.26 3.49
N SER H 220 -0.66 2.48 4.30
CA SER H 220 -2.09 2.31 4.17
C SER H 220 -2.79 3.03 5.31
N GLU H 221 -4.12 3.03 5.22
CA GLU H 221 -4.96 3.73 6.18
C GLU H 221 -4.70 3.26 7.61
N ASN H 222 -4.49 1.95 7.82
CA ASN H 222 -4.32 1.44 9.18
C ASN H 222 -2.95 1.67 9.77
N ASP H 223 -1.94 1.99 8.96
CA ASP H 223 -0.64 2.33 9.51
C ASP H 223 -0.75 3.56 10.42
N GLU H 224 -0.12 3.49 11.59
CA GLU H 224 -0.12 4.63 12.51
C GLU H 224 0.91 5.67 12.08
N TRP H 225 0.52 6.94 12.15
CA TRP H 225 1.39 8.02 11.73
C TRP H 225 1.43 9.11 12.79
N THR H 226 2.64 9.49 13.22
CA THR H 226 2.83 10.45 14.28
C THR H 226 3.77 11.59 13.91
N GLN H 227 4.26 11.64 12.68
CA GLN H 227 5.17 12.72 12.31
C GLN H 227 4.40 13.97 11.95
N ASP H 228 5.12 15.10 11.91
CA ASP H 228 4.51 16.39 11.59
C ASP H 228 4.17 16.54 10.12
N ARG H 229 4.92 15.88 9.24
CA ARG H 229 4.66 16.00 7.81
C ARG H 229 3.48 15.12 7.42
N ALA H 230 3.08 15.22 6.16
CA ALA H 230 1.93 14.47 5.66
C ALA H 230 2.20 12.97 5.72
N LYS H 231 1.18 12.19 6.07
CA LYS H 231 1.30 10.73 6.08
C LYS H 231 1.63 10.19 4.68
N PRO H 232 2.70 9.41 4.52
CA PRO H 232 3.12 9.02 3.15
C PRO H 232 2.42 7.78 2.63
N VAL H 233 1.12 7.94 2.37
CA VAL H 233 0.33 6.87 1.84
C VAL H 233 0.66 6.64 0.37
N THR H 234 0.28 5.46 -0.11
CA THR H 234 0.25 5.17 -1.53
C THR H 234 -0.46 6.29 -2.29
N GLN H 235 0.13 6.73 -3.40
CA GLN H 235 -0.28 7.98 -4.01
C GLN H 235 0.45 8.17 -5.34
N ILE H 236 -0.14 9.02 -6.16
CA ILE H 236 0.41 9.38 -7.47
C ILE H 236 0.83 10.84 -7.40
N VAL H 237 2.08 11.12 -7.80
CA VAL H 237 2.65 12.47 -7.86
CA VAL H 237 2.59 12.47 -7.88
C VAL H 237 3.08 12.69 -9.31
N SER H 238 2.73 13.83 -9.88
CA SER H 238 3.04 14.07 -11.29
CA SER H 238 2.99 14.09 -11.30
C SER H 238 3.49 15.50 -11.52
N ALA H 239 4.05 15.73 -12.71
CA ALA H 239 4.49 17.05 -13.13
C ALA H 239 4.37 17.09 -14.65
N GLU H 240 4.14 18.27 -15.20
CA GLU H 240 3.74 18.37 -16.59
C GLU H 240 4.51 19.48 -17.31
N ALA H 241 4.46 19.41 -18.64
CA ALA H 241 4.97 20.45 -19.52
C ALA H 241 4.16 20.46 -20.81
N TRP H 242 4.08 21.63 -21.45
CA TRP H 242 3.46 21.79 -22.77
C TRP H 242 4.53 22.07 -23.80
N GLY H 243 4.26 21.64 -25.03
CA GLY H 243 5.12 22.01 -26.15
C GLY H 243 5.28 23.51 -26.26
N ARG H 244 6.36 23.95 -26.88
CA ARG H 244 6.71 25.37 -26.94
C ARG H 244 6.89 25.77 -28.39
N ALA H 245 6.07 26.71 -28.86
CA ALA H 245 6.15 27.20 -30.24
C ALA H 245 7.12 28.37 -30.36
#